data_6VJM
#
_entry.id   6VJM
#
_cell.length_a   1.00
_cell.length_b   1.00
_cell.length_c   1.00
_cell.angle_alpha   90.00
_cell.angle_beta   90.00
_cell.angle_gamma   90.00
#
_symmetry.space_group_name_H-M   'P 1'
#
loop_
_entity.id
_entity.type
_entity.pdbx_description
1 polymer 'Gamma-aminobutyric acid type B receptor subunit 1'
2 polymer 'Gamma-aminobutyric acid type B receptor subunit 2'
3 branched 2-acetamido-2-deoxy-beta-D-glucopyranose-(1-4)-[alpha-L-fucopyranose-(1-6)]2-acetamido-2-deoxy-beta-D-glucopyranose
4 branched 2-acetamido-2-deoxy-beta-D-glucopyranose-(1-4)-2-acetamido-2-deoxy-beta-D-glucopyranose
5 non-polymer 2-acetamido-2-deoxy-beta-D-glucopyranose
#
loop_
_entity_poly.entity_id
_entity_poly.type
_entity_poly.pdbx_seq_one_letter_code
_entity_poly.pdbx_strand_id
1 'polypeptide(L)'
;GSERRAVYIGALFPMSGGWPGGQACQPAVEMALEDVNSRRDILPDYELKLIHHDSKCDPGQATKYLYELLYNDPIKIILM
PGCSSVSTLVAEAARMWNLIVLSYGSSSPALSNRQRFPTFFRTHPSATLHNPTRVKLFEKWGWKKIATIQQTTEVFTSTL
DDLEERVKEAGIEITFRQSFFSDPAVPVKNLKRQDARIIVGLFYETEARKVFCEVYKERLFGKKYVWFLIGWYADNWFKI
YDPSINCTVDEMTEAVEGHITTEIVMLNPANTRSISNMTSQEFVEKLTKRLKRHPEETGGFQEAPLAYDAIWALALALNK
TSGGGGRSGVRLEDFNYNNQTITDQIYRAMNSSSFEGVSGHVVFDASGSRMAWTLIEQLQGGSYKKIGYYDSTKDDLSWS
KTDKWIGGSPPADQTLVIKTFRFLSQKLFISVSVLSSLGIVLAVVCLSFNIYNSHVRYIQNSQPNLNNLTAVGCSLALAA
VFPLGLDGYHIGRNQFPFVCQARLWLLGLGFSLGYGSMFTKIWWVHTVFTKKEEKKEWRKTLEPWKLYATVGLLVGMDVL
TLAIWQIVDPLHRTIETFAKEEPKEDIDVSILPQLEHCSSRKMNTWLGIFYGYKGLLLLLGIFLAYETKSVSTEKINDHR
AVGMAIYNVAVLCLITAPVTMILSSQQDAAFAFASLAIVFSSYITLVVLFVPKMRRLITRGEWQSEAQDTMKTGSSTNNN
EEEKSRLLEKENRELEKIIAEKEERVSELRHQLQSRLEVLFQ
;
A
2 'polypeptide(L)'
;GWARGAPRPPPSSPPLSIMGLMPLTKEVAKGSIGRGVLPAVELAIEQIRNESLLRPYFLDLRLYDTECDNAKGLKAFYDA
IKYGPNHLMVFGGVCPSVTSIIAESLQGWNLVQLSFAATTPVLADKKKYPYFFRTVPSDNAVNPAILKLLKHYQWKRVGT
LTQDVQRFSEVRNDLTGVLYGEDIEISDTESFSNDPCTSVKKLKGNDVRIILGQFDQNMAAKVFCCAYEENMYGSKYQWI
IPGWYEPSWWEQVHTEANSSRCLRKNLLAAMEGYIGVDFEPLSSKQIKTISGKTPQQYEREYNNKRSGVGPSKFHGYAYD
GIWVIAKTLQRAMETLHASSRHQRIQDFNYTDHTLGRIILNAMNETNFFGVTGQVVFRNGERMGTIKFTQFQDSREVKVG
EYNAVADTLEIINDTIRFQGSEPPKDKTIILEQLRKISLPLYSILSALTILGMIMASAFLFFNIKNRNQKLIKMSSPYMN
NLIILGGMLSYASIFLFGLDGSFVSEKTFETLCTVRTWILTVGYTTAFGAMFAKTWRVHAIFKNVKMKKKIIKDQKLLVI
VGGMLLIDLCILICWQAVDPLRRTVEKYSMEPDPAGRDISIRPLLEHCENTHMTIWLGIVYAYKGLLMLFGCFLAWETRN
VSIPALNDSKYIGMSVYNVGIMCIIGAAVSFLTRDQPNVQFCIVALVIIFCSTITLCLVFVPKLITLRTNPDAATQNRRF
QFTQNQKKEDSKTSTSVTSVNQASTSRLEGLQSENHRLRMKITELDKDLEEVTMQLQDT
;
B
#
loop_
_chem_comp.id
_chem_comp.type
_chem_comp.name
_chem_comp.formula
FUC L-saccharide, alpha linking alpha-L-fucopyranose 'C6 H12 O5'
NAG D-saccharide, beta linking 2-acetamido-2-deoxy-beta-D-glucopyranose 'C8 H15 N O6'
#
# COMPACT_ATOMS: atom_id res chain seq x y z
N SER A 2 -69.23 25.45 -29.37
CA SER A 2 -68.03 25.50 -28.55
C SER A 2 -67.47 24.11 -28.27
N GLU A 3 -67.92 23.54 -27.15
CA GLU A 3 -67.46 22.26 -26.60
C GLU A 3 -65.93 22.27 -26.44
N ARG A 4 -65.51 23.13 -25.52
CA ARG A 4 -64.09 23.35 -25.22
C ARG A 4 -63.88 23.02 -23.75
N ARG A 5 -63.63 21.75 -23.46
CA ARG A 5 -63.38 21.30 -22.09
C ARG A 5 -61.96 21.69 -21.70
N ALA A 6 -61.84 22.63 -20.76
CA ALA A 6 -60.54 23.12 -20.33
C ALA A 6 -59.90 22.11 -19.39
N VAL A 7 -58.90 21.39 -19.89
CA VAL A 7 -58.14 20.46 -19.07
C VAL A 7 -56.91 21.20 -18.54
N TYR A 8 -56.75 21.20 -17.22
CA TYR A 8 -55.74 22.03 -16.58
C TYR A 8 -54.54 21.18 -16.21
N ILE A 9 -53.34 21.73 -16.44
CA ILE A 9 -52.08 21.04 -16.21
C ILE A 9 -51.19 21.95 -15.38
N GLY A 10 -50.74 21.45 -14.23
CA GLY A 10 -49.87 22.22 -13.36
C GLY A 10 -48.43 22.20 -13.83
N ALA A 11 -47.72 23.30 -13.55
CA ALA A 11 -46.34 23.45 -13.99
C ALA A 11 -45.58 24.29 -12.98
N LEU A 12 -44.28 24.45 -13.23
CA LEU A 12 -43.41 25.19 -12.32
C LEU A 12 -42.22 25.69 -13.13
N PHE A 13 -41.85 26.96 -12.92
CA PHE A 13 -40.78 27.57 -13.69
C PHE A 13 -39.87 28.40 -12.80
N PRO A 14 -38.63 27.97 -12.56
CA PRO A 14 -37.71 28.80 -11.77
C PRO A 14 -37.23 30.02 -12.53
N MET A 15 -37.76 31.19 -12.15
CA MET A 15 -37.39 32.42 -12.85
C MET A 15 -35.98 32.88 -12.50
N SER A 16 -35.50 32.52 -11.31
CA SER A 16 -34.17 32.93 -10.87
C SER A 16 -33.63 31.83 -9.96
N GLY A 17 -32.60 32.14 -9.20
CA GLY A 17 -32.01 31.17 -8.30
C GLY A 17 -30.87 30.41 -8.93
N GLY A 18 -30.67 29.15 -8.52
CA GLY A 18 -29.55 28.36 -9.02
C GLY A 18 -29.68 27.88 -10.44
N TRP A 19 -30.87 28.02 -11.05
CA TRP A 19 -31.10 27.55 -12.41
C TRP A 19 -32.25 28.34 -13.00
N PRO A 20 -31.97 29.48 -13.62
CA PRO A 20 -33.06 30.37 -14.11
C PRO A 20 -33.64 29.91 -15.44
N GLY A 21 -34.20 28.70 -15.47
CA GLY A 21 -34.78 28.18 -16.69
C GLY A 21 -36.11 28.79 -17.04
N GLY A 22 -36.85 29.27 -16.04
CA GLY A 22 -38.18 29.82 -16.24
C GLY A 22 -38.22 31.09 -17.06
N GLN A 23 -37.08 31.77 -17.23
CA GLN A 23 -37.02 32.89 -18.15
C GLN A 23 -37.22 32.45 -19.59
N ALA A 24 -36.82 31.23 -19.93
CA ALA A 24 -36.88 30.73 -21.29
C ALA A 24 -37.98 29.70 -21.52
N CYS A 25 -38.26 28.83 -20.55
CA CYS A 25 -39.24 27.78 -20.78
C CYS A 25 -40.67 28.31 -20.81
N GLN A 26 -40.96 29.44 -20.14
CA GLN A 26 -42.33 29.94 -20.09
C GLN A 26 -42.82 30.45 -21.45
N PRO A 27 -42.08 31.25 -22.23
CA PRO A 27 -42.54 31.51 -23.60
C PRO A 27 -42.53 30.27 -24.49
N ALA A 28 -41.66 29.31 -24.20
CA ALA A 28 -41.63 28.06 -24.97
C ALA A 28 -42.90 27.25 -24.75
N VAL A 29 -43.32 27.12 -23.48
CA VAL A 29 -44.54 26.35 -23.24
C VAL A 29 -45.76 27.14 -23.66
N GLU A 30 -45.67 28.47 -23.69
CA GLU A 30 -46.78 29.27 -24.22
C GLU A 30 -46.93 29.07 -25.72
N MET A 31 -45.81 29.03 -26.44
CA MET A 31 -45.84 28.73 -27.87
C MET A 31 -46.36 27.33 -28.13
N ALA A 32 -45.97 26.36 -27.30
CA ALA A 32 -46.40 24.98 -27.51
C ALA A 32 -47.87 24.79 -27.19
N LEU A 33 -48.38 25.49 -26.16
CA LEU A 33 -49.80 25.38 -25.85
C LEU A 33 -50.64 26.08 -26.91
N GLU A 34 -50.17 27.20 -27.45
CA GLU A 34 -50.89 27.82 -28.56
C GLU A 34 -50.82 26.96 -29.81
N ASP A 35 -49.72 26.21 -29.99
CA ASP A 35 -49.61 25.33 -31.15
C ASP A 35 -50.57 24.14 -31.04
N VAL A 36 -50.71 23.56 -29.84
CA VAL A 36 -51.68 22.47 -29.73
C VAL A 36 -53.10 23.01 -29.66
N ASN A 37 -53.28 24.29 -29.34
CA ASN A 37 -54.60 24.90 -29.48
C ASN A 37 -54.97 25.13 -30.94
N SER A 38 -53.98 25.43 -31.78
CA SER A 38 -54.23 25.79 -33.17
C SER A 38 -54.50 24.60 -34.09
N ARG A 39 -54.54 23.37 -33.57
CA ARG A 39 -54.83 22.20 -34.38
C ARG A 39 -55.95 21.41 -33.75
N ARG A 40 -56.99 21.13 -34.53
CA ARG A 40 -58.10 20.31 -34.06
C ARG A 40 -57.80 18.82 -34.13
N ASP A 41 -56.74 18.41 -34.82
CA ASP A 41 -56.35 17.02 -34.80
C ASP A 41 -55.76 16.63 -33.44
N ILE A 42 -55.14 17.58 -32.75
CA ILE A 42 -54.58 17.31 -31.43
C ILE A 42 -55.64 17.47 -30.35
N LEU A 43 -56.59 18.37 -30.56
CA LEU A 43 -57.67 18.63 -29.61
C LEU A 43 -59.00 18.21 -30.23
N PRO A 44 -59.45 16.97 -30.03
CA PRO A 44 -60.76 16.57 -30.53
C PRO A 44 -61.89 17.24 -29.77
N ASP A 45 -61.84 17.15 -28.44
CA ASP A 45 -62.91 17.67 -27.59
C ASP A 45 -62.41 18.57 -26.46
N TYR A 46 -61.15 18.49 -26.07
CA TYR A 46 -60.65 19.15 -24.89
C TYR A 46 -59.80 20.36 -25.27
N GLU A 47 -59.20 20.98 -24.26
CA GLU A 47 -58.32 22.13 -24.44
C GLU A 47 -57.41 22.21 -23.24
N LEU A 48 -56.11 22.30 -23.48
CA LEU A 48 -55.14 22.25 -22.40
C LEU A 48 -54.90 23.64 -21.83
N LYS A 49 -54.88 23.73 -20.50
CA LYS A 49 -54.61 24.98 -19.80
C LYS A 49 -53.50 24.78 -18.78
N LEU A 50 -52.77 25.86 -18.51
CA LEU A 50 -51.56 25.80 -17.72
C LEU A 50 -51.67 26.72 -16.50
N ILE A 51 -51.46 26.16 -15.32
CA ILE A 51 -51.33 26.92 -14.08
C ILE A 51 -49.95 26.65 -13.53
N HIS A 52 -49.27 27.71 -13.07
CA HIS A 52 -47.87 27.58 -12.71
C HIS A 52 -47.51 28.56 -11.61
N HIS A 53 -46.36 28.32 -10.98
CA HIS A 53 -45.82 29.19 -9.95
C HIS A 53 -44.30 29.13 -9.99
N ASP A 54 -43.67 30.22 -9.56
CA ASP A 54 -42.22 30.28 -9.47
C ASP A 54 -41.73 29.51 -8.25
N SER A 55 -40.51 29.00 -8.33
CA SER A 55 -39.93 28.28 -7.20
C SER A 55 -38.47 28.59 -6.91
N LYS A 56 -37.73 29.21 -7.84
CA LYS A 56 -36.32 29.58 -7.71
C LYS A 56 -35.40 28.41 -7.40
N CYS A 57 -35.81 27.19 -7.77
CA CYS A 57 -35.18 25.92 -7.34
C CYS A 57 -34.99 25.89 -5.83
N ASP A 58 -36.08 26.18 -5.11
CA ASP A 58 -36.08 26.13 -3.65
C ASP A 58 -37.18 25.18 -3.22
N PRO A 59 -36.86 24.06 -2.56
CA PRO A 59 -37.90 23.12 -2.15
C PRO A 59 -38.83 23.66 -1.08
N GLY A 60 -38.37 24.64 -0.28
CA GLY A 60 -39.23 25.21 0.74
C GLY A 60 -40.39 26.00 0.15
N GLN A 61 -40.12 26.82 -0.85
CA GLN A 61 -41.22 27.45 -1.58
C GLN A 61 -41.95 26.45 -2.44
N ALA A 62 -41.25 25.43 -2.93
CA ALA A 62 -41.83 24.51 -3.89
C ALA A 62 -42.89 23.62 -3.27
N THR A 63 -42.68 23.20 -2.03
CA THR A 63 -43.68 22.35 -1.36
C THR A 63 -44.94 23.14 -1.04
N LYS A 64 -44.77 24.41 -0.65
CA LYS A 64 -45.91 25.29 -0.41
C LYS A 64 -46.70 25.53 -1.68
N TYR A 65 -46.00 25.80 -2.79
CA TYR A 65 -46.70 26.01 -4.05
C TYR A 65 -47.32 24.73 -4.57
N LEU A 66 -46.71 23.58 -4.27
CA LEU A 66 -47.29 22.29 -4.64
C LEU A 66 -48.60 22.04 -3.92
N TYR A 67 -48.65 22.35 -2.62
CA TYR A 67 -49.91 22.28 -1.89
C TYR A 67 -50.92 23.26 -2.45
N GLU A 68 -50.45 24.46 -2.80
CA GLU A 68 -51.34 25.52 -3.27
C GLU A 68 -52.00 25.15 -4.60
N LEU A 69 -51.28 24.46 -5.47
CA LEU A 69 -51.89 24.02 -6.71
C LEU A 69 -52.64 22.71 -6.55
N LEU A 70 -52.21 21.84 -5.64
CA LEU A 70 -52.78 20.51 -5.56
C LEU A 70 -54.14 20.51 -4.86
N TYR A 71 -54.24 21.20 -3.72
CA TYR A 71 -55.48 21.14 -2.95
C TYR A 71 -56.45 22.25 -3.29
N ASN A 72 -56.16 23.03 -4.33
CA ASN A 72 -57.11 24.01 -4.83
C ASN A 72 -57.96 23.38 -5.92
N ASP A 73 -58.69 24.22 -6.66
CA ASP A 73 -59.59 23.79 -7.70
C ASP A 73 -59.15 24.35 -9.05
N PRO A 74 -59.32 23.61 -10.15
CA PRO A 74 -59.88 22.26 -10.25
C PRO A 74 -58.84 21.16 -10.12
N ILE A 75 -59.21 19.96 -10.55
CA ILE A 75 -58.34 18.80 -10.43
C ILE A 75 -57.33 18.82 -11.57
N LYS A 76 -56.05 18.80 -11.24
CA LYS A 76 -54.99 18.72 -12.23
C LYS A 76 -54.60 17.27 -12.46
N ILE A 77 -53.85 17.02 -13.53
CA ILE A 77 -53.52 15.65 -13.93
C ILE A 77 -52.02 15.44 -14.02
N ILE A 78 -51.34 16.27 -14.81
CA ILE A 78 -49.91 16.12 -15.06
C ILE A 78 -49.20 17.32 -14.46
N LEU A 79 -48.05 17.09 -13.83
CA LEU A 79 -47.25 18.15 -13.24
C LEU A 79 -45.96 18.33 -14.01
N MET A 80 -45.38 19.52 -13.89
CA MET A 80 -44.16 19.87 -14.61
C MET A 80 -43.20 20.60 -13.69
N PRO A 81 -42.20 19.91 -13.14
CA PRO A 81 -41.18 20.58 -12.34
C PRO A 81 -39.98 21.01 -13.16
N GLY A 82 -39.47 22.20 -12.85
CA GLY A 82 -38.34 22.74 -13.57
C GLY A 82 -37.00 22.20 -13.14
N CYS A 83 -36.62 22.46 -11.90
CA CYS A 83 -35.26 22.17 -11.42
C CYS A 83 -35.16 20.69 -11.04
N SER A 84 -34.08 20.32 -10.36
CA SER A 84 -33.82 18.91 -10.08
C SER A 84 -34.37 18.46 -8.73
N SER A 85 -34.08 19.22 -7.66
CA SER A 85 -34.49 18.82 -6.33
C SER A 85 -35.99 18.88 -6.16
N VAL A 86 -36.63 19.90 -6.74
CA VAL A 86 -38.09 19.99 -6.72
C VAL A 86 -38.71 18.84 -7.51
N SER A 87 -38.03 18.39 -8.57
CA SER A 87 -38.52 17.25 -9.33
C SER A 87 -38.44 15.97 -8.52
N THR A 88 -37.34 15.80 -7.76
CA THR A 88 -37.23 14.65 -6.87
C THR A 88 -38.30 14.68 -5.79
N LEU A 89 -38.59 15.88 -5.27
CA LEU A 89 -39.58 16.02 -4.22
C LEU A 89 -40.99 15.70 -4.72
N VAL A 90 -41.31 16.13 -5.94
CA VAL A 90 -42.67 15.86 -6.41
C VAL A 90 -42.79 14.43 -6.91
N ALA A 91 -41.73 13.84 -7.47
CA ALA A 91 -41.80 12.47 -7.94
C ALA A 91 -41.73 11.48 -6.80
N GLU A 92 -41.22 11.89 -5.64
CA GLU A 92 -41.29 11.02 -4.47
C GLU A 92 -42.70 10.90 -3.95
N ALA A 93 -43.47 11.99 -4.00
CA ALA A 93 -44.76 12.06 -3.34
C ALA A 93 -45.94 12.02 -4.32
N ALA A 94 -45.67 11.82 -5.61
CA ALA A 94 -46.77 11.77 -6.58
C ALA A 94 -47.57 10.48 -6.50
N ARG A 95 -47.06 9.44 -5.83
CA ARG A 95 -47.72 8.15 -5.81
C ARG A 95 -49.00 8.14 -5.00
N MET A 96 -49.16 9.07 -4.05
CA MET A 96 -50.33 9.06 -3.20
C MET A 96 -51.54 9.73 -3.83
N TRP A 97 -51.38 10.34 -5.00
CA TRP A 97 -52.51 10.92 -5.71
C TRP A 97 -52.76 10.25 -7.05
N ASN A 98 -51.93 9.28 -7.43
CA ASN A 98 -51.94 8.60 -8.73
C ASN A 98 -51.83 9.61 -9.87
N LEU A 99 -50.70 10.31 -9.89
CA LEU A 99 -50.42 11.29 -10.92
C LEU A 99 -49.17 10.89 -11.69
N ILE A 100 -49.01 11.48 -12.87
CA ILE A 100 -47.84 11.27 -13.70
C ILE A 100 -47.13 12.61 -13.85
N VAL A 101 -45.82 12.62 -13.65
CA VAL A 101 -45.06 13.86 -13.71
C VAL A 101 -44.05 13.81 -14.83
N LEU A 102 -43.84 14.98 -15.45
CA LEU A 102 -42.98 15.16 -16.61
C LEU A 102 -42.03 16.33 -16.33
N SER A 103 -40.76 16.03 -16.21
CA SER A 103 -39.75 17.07 -16.04
C SER A 103 -39.14 17.45 -17.39
N TYR A 104 -38.36 18.52 -17.37
CA TYR A 104 -37.69 18.96 -18.59
C TYR A 104 -36.26 19.45 -18.34
N GLY A 105 -35.74 19.34 -17.12
CA GLY A 105 -34.39 19.78 -16.87
C GLY A 105 -33.63 18.93 -15.89
N SER A 106 -34.25 17.85 -15.41
CA SER A 106 -33.70 17.07 -14.30
C SER A 106 -32.62 16.14 -14.84
N SER A 107 -31.36 16.51 -14.63
CA SER A 107 -30.24 15.66 -15.02
C SER A 107 -29.78 14.75 -13.89
N SER A 108 -30.65 14.44 -12.95
CA SER A 108 -30.24 13.66 -11.79
C SER A 108 -30.15 12.18 -12.13
N PRO A 109 -28.95 11.59 -12.04
CA PRO A 109 -28.80 10.17 -12.40
C PRO A 109 -29.49 9.23 -11.43
N ALA A 110 -29.79 9.68 -10.22
CA ALA A 110 -30.59 8.89 -9.30
C ALA A 110 -32.06 8.87 -9.65
N LEU A 111 -32.50 9.66 -10.63
CA LEU A 111 -33.89 9.68 -11.01
C LEU A 111 -34.27 8.56 -11.97
N SER A 112 -33.36 7.63 -12.24
CA SER A 112 -33.67 6.49 -13.09
C SER A 112 -34.32 5.34 -12.35
N ASN A 113 -34.45 5.42 -11.03
CA ASN A 113 -35.05 4.34 -10.26
C ASN A 113 -36.56 4.34 -10.45
N ARG A 114 -37.11 3.15 -10.65
CA ARG A 114 -38.54 2.98 -10.82
C ARG A 114 -39.25 2.59 -9.53
N GLN A 115 -38.51 2.16 -8.51
CA GLN A 115 -39.14 1.78 -7.26
C GLN A 115 -39.65 3.00 -6.51
N ARG A 116 -38.76 3.96 -6.25
CA ARG A 116 -39.18 5.19 -5.59
C ARG A 116 -40.00 6.08 -6.52
N PHE A 117 -39.72 6.02 -7.82
CA PHE A 117 -40.34 6.91 -8.80
C PHE A 117 -40.91 6.07 -9.93
N PRO A 118 -42.13 5.56 -9.78
CA PRO A 118 -42.70 4.73 -10.85
C PRO A 118 -43.38 5.53 -11.94
N THR A 119 -43.86 6.73 -11.64
CA THR A 119 -44.73 7.45 -12.56
C THR A 119 -44.11 8.76 -13.03
N PHE A 120 -42.85 8.73 -13.41
CA PHE A 120 -42.09 9.94 -13.70
C PHE A 120 -41.33 9.78 -15.01
N PHE A 121 -41.42 10.79 -15.87
CA PHE A 121 -40.60 10.84 -17.07
C PHE A 121 -39.98 12.23 -17.21
N ARG A 122 -38.96 12.31 -18.06
CA ARG A 122 -38.26 13.56 -18.27
C ARG A 122 -37.75 13.60 -19.70
N THR A 123 -38.05 14.68 -20.42
CA THR A 123 -37.56 14.80 -21.78
C THR A 123 -36.08 15.13 -21.82
N HIS A 124 -35.59 15.86 -20.83
CA HIS A 124 -34.16 16.08 -20.75
C HIS A 124 -33.47 14.79 -20.35
N PRO A 125 -32.45 14.36 -21.07
CA PRO A 125 -31.74 13.13 -20.68
C PRO A 125 -30.89 13.38 -19.45
N SER A 126 -30.63 12.28 -18.73
CA SER A 126 -29.86 12.37 -17.51
C SER A 126 -28.37 12.49 -17.82
N ALA A 127 -27.57 12.60 -16.77
CA ALA A 127 -26.14 12.77 -16.96
C ALA A 127 -25.41 11.46 -17.22
N THR A 128 -26.09 10.31 -17.15
CA THR A 128 -25.38 9.06 -17.38
C THR A 128 -25.22 8.75 -18.86
N LEU A 129 -25.84 9.52 -19.75
CA LEU A 129 -25.68 9.34 -21.19
C LEU A 129 -24.51 10.12 -21.75
N HIS A 130 -23.54 10.47 -20.92
CA HIS A 130 -22.20 10.78 -21.38
C HIS A 130 -21.29 9.58 -21.32
N ASN A 131 -21.70 8.52 -20.65
CA ASN A 131 -20.92 7.32 -20.43
C ASN A 131 -20.93 6.28 -21.56
N PRO A 132 -22.06 5.98 -22.25
CA PRO A 132 -21.94 5.02 -23.37
C PRO A 132 -21.14 5.56 -24.54
N THR A 133 -21.21 6.87 -24.80
CA THR A 133 -20.37 7.44 -25.84
C THR A 133 -18.91 7.47 -25.41
N ARG A 134 -18.67 7.64 -24.11
CA ARG A 134 -17.29 7.59 -23.61
C ARG A 134 -16.72 6.19 -23.74
N VAL A 135 -17.51 5.16 -23.41
CA VAL A 135 -17.00 3.81 -23.52
C VAL A 135 -16.91 3.37 -24.99
N LYS A 136 -17.70 3.95 -25.89
CA LYS A 136 -17.51 3.65 -27.30
C LYS A 136 -16.28 4.35 -27.86
N LEU A 137 -16.00 5.57 -27.39
CA LEU A 137 -14.76 6.24 -27.75
C LEU A 137 -13.54 5.57 -27.16
N PHE A 138 -13.69 4.84 -26.06
CA PHE A 138 -12.62 3.99 -25.58
C PHE A 138 -12.51 2.70 -26.39
N GLU A 139 -13.63 2.15 -26.85
CA GLU A 139 -13.62 0.94 -27.65
C GLU A 139 -13.06 1.15 -29.04
N LYS A 140 -13.15 2.38 -29.55
CA LYS A 140 -12.58 2.67 -30.86
C LYS A 140 -11.06 2.55 -30.85
N TRP A 141 -10.42 2.90 -29.74
CA TRP A 141 -8.97 2.92 -29.69
C TRP A 141 -8.35 1.94 -28.72
N GLY A 142 -9.15 1.13 -28.01
CA GLY A 142 -8.63 0.01 -27.27
C GLY A 142 -7.79 0.35 -26.05
N TRP A 143 -8.05 1.49 -25.42
CA TRP A 143 -7.28 1.88 -24.25
C TRP A 143 -7.81 1.17 -23.01
N LYS A 144 -6.89 0.79 -22.12
CA LYS A 144 -7.25 -0.08 -21.01
C LYS A 144 -7.00 0.50 -19.63
N LYS A 145 -6.13 1.49 -19.50
CA LYS A 145 -5.78 2.08 -18.20
C LYS A 145 -6.28 3.53 -18.19
N ILE A 146 -7.45 3.75 -17.61
CA ILE A 146 -8.11 5.05 -17.61
C ILE A 146 -8.22 5.53 -16.17
N ALA A 147 -7.90 6.80 -15.92
CA ALA A 147 -7.97 7.36 -14.59
C ALA A 147 -9.04 8.43 -14.53
N THR A 148 -9.74 8.50 -13.39
CA THR A 148 -10.85 9.41 -13.19
C THR A 148 -10.58 10.32 -12.00
N ILE A 149 -10.99 11.58 -12.14
CA ILE A 149 -10.91 12.55 -11.06
C ILE A 149 -12.21 13.35 -11.06
N GLN A 150 -12.79 13.56 -9.88
CA GLN A 150 -14.08 14.22 -9.79
C GLN A 150 -14.08 15.24 -8.66
N GLN A 151 -14.92 16.27 -8.84
CA GLN A 151 -15.33 17.10 -7.72
C GLN A 151 -16.24 16.27 -6.82
N THR A 152 -16.11 16.45 -5.51
CA THR A 152 -16.88 15.66 -4.56
C THR A 152 -18.30 16.18 -4.54
N THR A 153 -19.11 15.67 -5.46
CA THR A 153 -20.48 16.13 -5.64
C THR A 153 -21.32 14.90 -5.95
N GLU A 154 -22.61 14.96 -5.58
CA GLU A 154 -23.50 13.83 -5.81
C GLU A 154 -23.72 13.59 -7.29
N VAL A 155 -23.80 14.64 -8.09
CA VAL A 155 -24.07 14.49 -9.53
C VAL A 155 -22.89 13.94 -10.31
N PHE A 156 -21.73 13.80 -9.68
CA PHE A 156 -20.58 13.14 -10.29
C PHE A 156 -20.28 11.80 -9.69
N THR A 157 -20.48 11.66 -8.37
CA THR A 157 -20.30 10.35 -7.75
C THR A 157 -21.41 9.39 -8.15
N SER A 158 -22.58 9.90 -8.51
CA SER A 158 -23.64 9.06 -9.05
C SER A 158 -23.43 8.73 -10.51
N THR A 159 -22.50 9.39 -11.18
CA THR A 159 -22.16 9.10 -12.56
C THR A 159 -21.01 8.11 -12.69
N LEU A 160 -19.99 8.28 -11.84
CA LEU A 160 -18.77 7.50 -12.04
C LEU A 160 -18.94 6.04 -11.65
N ASP A 161 -19.82 5.74 -10.69
CA ASP A 161 -20.05 4.33 -10.35
C ASP A 161 -20.80 3.62 -11.46
N ASP A 162 -21.75 4.31 -12.10
CA ASP A 162 -22.40 3.75 -13.28
C ASP A 162 -21.41 3.59 -14.42
N LEU A 163 -20.46 4.51 -14.54
CA LEU A 163 -19.38 4.36 -15.53
C LEU A 163 -18.54 3.13 -15.23
N GLU A 164 -18.28 2.85 -13.95
CA GLU A 164 -17.54 1.65 -13.55
C GLU A 164 -18.29 0.39 -13.95
N GLU A 165 -19.54 0.28 -13.51
CA GLU A 165 -20.32 -0.92 -13.78
C GLU A 165 -20.82 -1.00 -15.21
N ARG A 166 -20.56 0.02 -16.03
CA ARG A 166 -20.73 -0.07 -17.48
C ARG A 166 -19.44 -0.43 -18.20
N VAL A 167 -18.29 0.03 -17.70
CA VAL A 167 -17.04 -0.24 -18.40
C VAL A 167 -16.51 -1.62 -18.04
N LYS A 168 -17.01 -2.24 -16.97
CA LYS A 168 -16.51 -3.56 -16.61
C LYS A 168 -16.94 -4.64 -17.59
N GLU A 169 -18.03 -4.43 -18.32
CA GLU A 169 -18.40 -5.39 -19.37
C GLU A 169 -17.55 -5.21 -20.62
N ALA A 170 -16.92 -4.04 -20.79
CA ALA A 170 -16.08 -3.80 -21.94
C ALA A 170 -14.64 -4.27 -21.74
N GLY A 171 -14.31 -4.74 -20.54
CA GLY A 171 -12.96 -5.21 -20.29
C GLY A 171 -11.93 -4.11 -20.22
N ILE A 172 -12.30 -2.94 -19.69
CA ILE A 172 -11.38 -1.84 -19.47
C ILE A 172 -11.38 -1.52 -17.99
N GLU A 173 -10.22 -1.61 -17.36
CA GLU A 173 -10.10 -1.37 -15.94
C GLU A 173 -9.88 0.11 -15.66
N ILE A 174 -10.42 0.57 -14.55
CA ILE A 174 -10.24 1.95 -14.09
C ILE A 174 -9.33 1.91 -12.88
N THR A 175 -8.11 2.41 -13.03
CA THR A 175 -7.09 2.21 -12.02
C THR A 175 -7.12 3.25 -10.90
N PHE A 176 -7.00 4.53 -11.25
CA PHE A 176 -6.84 5.59 -10.26
C PHE A 176 -8.12 6.43 -10.25
N ARG A 177 -8.91 6.28 -9.20
CA ARG A 177 -10.19 6.96 -9.05
C ARG A 177 -10.07 7.90 -7.85
N GLN A 178 -9.77 9.16 -8.12
CA GLN A 178 -9.52 10.12 -7.04
C GLN A 178 -10.69 11.09 -6.94
N SER A 179 -10.61 12.00 -5.96
CA SER A 179 -11.67 12.96 -5.71
C SER A 179 -11.08 14.16 -4.98
N PHE A 180 -11.70 15.32 -5.19
CA PHE A 180 -11.34 16.50 -4.43
C PHE A 180 -12.56 17.39 -4.32
N PHE A 181 -12.43 18.47 -3.55
CA PHE A 181 -13.54 19.42 -3.40
C PHE A 181 -13.20 20.78 -3.99
N SER A 182 -12.16 21.44 -3.49
CA SER A 182 -11.73 22.70 -4.08
C SER A 182 -10.23 22.88 -4.09
N ASP A 183 -9.46 21.87 -3.67
CA ASP A 183 -8.01 21.93 -3.70
C ASP A 183 -7.57 21.07 -4.88
N PRO A 184 -7.16 21.66 -6.00
CA PRO A 184 -6.77 20.85 -7.16
C PRO A 184 -5.32 20.39 -7.13
N ALA A 185 -4.54 20.76 -6.11
CA ALA A 185 -3.11 20.48 -6.13
C ALA A 185 -2.80 19.03 -5.82
N VAL A 186 -3.30 18.52 -4.69
CA VAL A 186 -3.05 17.15 -4.27
C VAL A 186 -3.63 16.07 -5.20
N PRO A 187 -4.81 16.19 -5.85
CA PRO A 187 -5.20 15.10 -6.78
C PRO A 187 -4.37 15.07 -8.05
N VAL A 188 -3.95 16.21 -8.59
CA VAL A 188 -3.06 16.16 -9.74
C VAL A 188 -1.65 15.77 -9.33
N LYS A 189 -1.27 15.99 -8.06
CA LYS A 189 -0.03 15.42 -7.55
C LYS A 189 -0.10 13.90 -7.54
N ASN A 190 -1.22 13.35 -7.06
CA ASN A 190 -1.41 11.91 -7.06
C ASN A 190 -1.47 11.33 -8.47
N LEU A 191 -2.05 12.09 -9.41
CA LEU A 191 -2.11 11.61 -10.78
C LEU A 191 -0.74 11.64 -11.46
N LYS A 192 0.08 12.66 -11.15
CA LYS A 192 1.44 12.67 -11.68
C LYS A 192 2.28 11.56 -11.08
N ARG A 193 2.08 11.28 -9.78
CA ARG A 193 2.83 10.21 -9.12
C ARG A 193 2.35 8.83 -9.57
N GLN A 194 1.10 8.72 -10.01
CA GLN A 194 0.58 7.47 -10.55
C GLN A 194 0.63 7.43 -12.07
N ASP A 195 1.18 8.48 -12.69
CA ASP A 195 1.53 8.71 -14.10
C ASP A 195 0.60 8.07 -15.13
N ALA A 196 -0.71 8.27 -14.97
CA ALA A 196 -1.67 7.69 -15.89
C ALA A 196 -1.68 8.43 -17.21
N ARG A 197 -2.35 7.82 -18.20
CA ARG A 197 -2.32 8.30 -19.57
C ARG A 197 -3.58 9.10 -19.95
N ILE A 198 -4.74 8.50 -19.77
CA ILE A 198 -6.01 9.12 -20.15
C ILE A 198 -6.77 9.49 -18.89
N ILE A 199 -7.25 10.72 -18.82
CA ILE A 199 -7.81 11.28 -17.61
C ILE A 199 -9.19 11.84 -17.90
N VAL A 200 -10.18 11.42 -17.10
CA VAL A 200 -11.55 11.88 -17.22
C VAL A 200 -11.84 12.78 -16.03
N GLY A 201 -12.51 13.89 -16.27
CA GLY A 201 -12.79 14.85 -15.23
C GLY A 201 -14.25 15.26 -15.20
N LEU A 202 -14.73 15.54 -14.00
CA LEU A 202 -16.13 15.90 -13.76
C LEU A 202 -16.16 17.03 -12.72
N PHE A 203 -16.30 18.26 -13.21
CA PHE A 203 -16.22 19.46 -12.38
C PHE A 203 -16.76 20.65 -13.16
N TYR A 204 -17.11 21.70 -12.43
CA TYR A 204 -17.67 22.91 -13.03
C TYR A 204 -16.56 23.83 -13.50
N GLU A 205 -16.97 25.01 -14.00
CA GLU A 205 -16.04 25.88 -14.72
C GLU A 205 -15.10 26.62 -13.76
N THR A 206 -15.61 27.05 -12.62
CA THR A 206 -14.84 27.93 -11.74
C THR A 206 -13.70 27.18 -11.07
N GLU A 207 -13.84 25.86 -10.90
CA GLU A 207 -12.71 25.03 -10.49
C GLU A 207 -12.02 24.36 -11.66
N ALA A 208 -12.65 24.34 -12.83
CA ALA A 208 -11.98 23.88 -14.04
C ALA A 208 -10.81 24.78 -14.39
N ARG A 209 -10.99 26.09 -14.22
CA ARG A 209 -9.91 27.04 -14.45
C ARG A 209 -8.74 26.79 -13.49
N LYS A 210 -9.06 26.49 -12.22
CA LYS A 210 -8.02 26.26 -11.24
C LYS A 210 -7.29 24.94 -11.48
N VAL A 211 -8.02 23.89 -11.85
CA VAL A 211 -7.35 22.61 -12.08
C VAL A 211 -6.55 22.66 -13.36
N PHE A 212 -6.93 23.51 -14.32
CA PHE A 212 -6.10 23.60 -15.51
C PHE A 212 -4.89 24.50 -15.30
N CYS A 213 -4.98 25.49 -14.41
CA CYS A 213 -3.78 26.20 -14.00
C CYS A 213 -2.81 25.27 -13.27
N GLU A 214 -3.34 24.37 -12.44
CA GLU A 214 -2.47 23.43 -11.73
C GLU A 214 -1.85 22.40 -12.67
N VAL A 215 -2.60 21.95 -13.68
CA VAL A 215 -2.03 20.97 -14.58
C VAL A 215 -1.10 21.64 -15.59
N TYR A 216 -1.23 22.94 -15.80
CA TYR A 216 -0.18 23.65 -16.52
C TYR A 216 1.07 23.76 -15.66
N LYS A 217 0.90 23.97 -14.36
CA LYS A 217 2.07 24.15 -13.50
C LYS A 217 2.83 22.85 -13.29
N GLU A 218 2.16 21.70 -13.25
CA GLU A 218 2.90 20.45 -13.08
C GLU A 218 3.45 19.89 -14.38
N ARG A 219 3.10 20.48 -15.52
CA ARG A 219 3.43 19.99 -16.86
C ARG A 219 2.97 18.56 -17.05
N LEU A 220 1.66 18.36 -16.97
CA LEU A 220 1.05 17.06 -17.19
C LEU A 220 0.22 17.04 -18.46
N PHE A 221 0.17 18.14 -19.19
CA PHE A 221 -0.38 18.14 -20.54
C PHE A 221 0.68 17.65 -21.52
N GLY A 222 0.31 17.54 -22.79
CA GLY A 222 1.30 17.21 -23.79
C GLY A 222 0.95 16.08 -24.72
N LYS A 223 1.87 15.13 -24.88
CA LYS A 223 1.78 14.14 -25.95
C LYS A 223 0.92 12.94 -25.57
N LYS A 224 1.22 12.32 -24.44
CA LYS A 224 0.57 11.07 -24.04
C LYS A 224 -0.58 11.28 -23.09
N TYR A 225 -1.30 12.40 -23.22
CA TYR A 225 -2.33 12.77 -22.25
C TYR A 225 -3.59 13.17 -23.00
N VAL A 226 -4.68 12.45 -22.75
CA VAL A 226 -5.97 12.74 -23.35
C VAL A 226 -6.94 13.08 -22.23
N TRP A 227 -7.55 14.25 -22.33
CA TRP A 227 -8.42 14.80 -21.31
C TRP A 227 -9.88 14.72 -21.78
N PHE A 228 -10.70 14.03 -21.01
CA PHE A 228 -12.14 13.98 -21.26
C PHE A 228 -12.84 14.88 -20.26
N LEU A 229 -13.62 15.84 -20.77
CA LEU A 229 -14.37 16.75 -19.92
C LEU A 229 -15.82 16.80 -20.39
N ILE A 230 -16.63 17.55 -19.65
CA ILE A 230 -18.00 17.87 -20.05
C ILE A 230 -17.93 19.06 -21.01
N GLY A 231 -19.04 19.39 -21.65
CA GLY A 231 -18.98 20.39 -22.68
C GLY A 231 -19.96 21.52 -22.61
N TRP A 232 -20.69 21.66 -21.50
CA TRP A 232 -21.65 22.75 -21.40
C TRP A 232 -21.03 24.04 -20.90
N TYR A 233 -19.70 24.15 -20.92
CA TYR A 233 -19.08 25.44 -20.72
C TYR A 233 -19.30 26.32 -21.95
N ALA A 234 -19.06 27.61 -21.77
CA ALA A 234 -19.10 28.50 -22.90
C ALA A 234 -17.87 28.28 -23.79
N ASP A 235 -17.96 28.77 -25.02
CA ASP A 235 -16.85 28.66 -25.94
C ASP A 235 -15.70 29.61 -25.61
N ASN A 236 -15.90 30.52 -24.65
CA ASN A 236 -14.90 31.50 -24.27
C ASN A 236 -14.32 31.20 -22.89
N TRP A 237 -14.57 30.01 -22.36
CA TRP A 237 -14.48 29.78 -20.91
C TRP A 237 -13.05 29.81 -20.42
N PHE A 238 -12.08 29.52 -21.26
CA PHE A 238 -10.68 29.63 -20.88
C PHE A 238 -10.08 30.98 -21.24
N LYS A 239 -10.90 32.03 -21.27
CA LYS A 239 -10.43 33.33 -21.70
C LYS A 239 -10.82 34.49 -20.78
N ILE A 240 -11.84 34.33 -19.94
CA ILE A 240 -12.24 35.42 -19.06
C ILE A 240 -11.22 35.56 -17.94
N TYR A 241 -10.89 36.80 -17.59
CA TYR A 241 -9.87 37.07 -16.59
C TYR A 241 -10.34 36.67 -15.20
N ASP A 242 -9.64 35.70 -14.61
CA ASP A 242 -9.91 35.27 -13.24
C ASP A 242 -8.65 35.45 -12.41
N PRO A 243 -8.66 36.33 -11.41
CA PRO A 243 -7.48 36.51 -10.56
C PRO A 243 -7.31 35.43 -9.49
N SER A 244 -8.12 34.39 -9.49
CA SER A 244 -7.99 33.32 -8.51
C SER A 244 -6.78 32.42 -8.78
N ILE A 245 -6.19 32.52 -9.96
CA ILE A 245 -5.04 31.71 -10.34
C ILE A 245 -4.00 32.60 -11.01
N ASN A 246 -2.73 32.28 -10.79
CA ASN A 246 -1.65 33.11 -11.31
C ASN A 246 -1.23 32.73 -12.73
N CYS A 247 -1.88 31.74 -13.33
CA CYS A 247 -1.55 31.33 -14.69
C CYS A 247 -2.00 32.40 -15.69
N THR A 248 -1.23 32.57 -16.75
CA THR A 248 -1.55 33.57 -17.75
C THR A 248 -2.51 32.95 -18.78
N VAL A 249 -3.06 33.79 -19.65
CA VAL A 249 -4.16 33.36 -20.51
C VAL A 249 -3.67 32.45 -21.63
N ASP A 250 -2.58 32.81 -22.31
CA ASP A 250 -2.09 31.94 -23.37
C ASP A 250 -1.34 30.74 -22.82
N GLU A 251 -0.77 30.85 -21.62
CA GLU A 251 -0.25 29.68 -20.94
C GLU A 251 -1.37 28.73 -20.53
N MET A 252 -2.56 29.27 -20.25
CA MET A 252 -3.72 28.42 -20.04
C MET A 252 -4.17 27.78 -21.35
N THR A 253 -4.08 28.54 -22.44
CA THR A 253 -4.52 28.06 -23.75
C THR A 253 -3.64 26.93 -24.23
N GLU A 254 -2.34 27.03 -23.99
CA GLU A 254 -1.43 25.93 -24.30
C GLU A 254 -1.73 24.71 -23.44
N ALA A 255 -2.20 24.92 -22.22
CA ALA A 255 -2.51 23.80 -21.35
C ALA A 255 -3.78 23.08 -21.77
N VAL A 256 -4.76 23.81 -22.27
CA VAL A 256 -6.06 23.20 -22.55
C VAL A 256 -6.10 22.67 -23.97
N GLU A 257 -4.96 22.66 -24.65
CA GLU A 257 -4.94 22.32 -26.07
C GLU A 257 -5.10 20.81 -26.26
N GLY A 258 -6.00 20.44 -27.17
CA GLY A 258 -6.19 19.04 -27.50
C GLY A 258 -6.88 18.22 -26.43
N HIS A 259 -8.17 18.45 -26.21
CA HIS A 259 -8.96 17.61 -25.33
C HIS A 259 -10.33 17.38 -25.95
N ILE A 260 -10.95 16.27 -25.57
CA ILE A 260 -12.20 15.81 -26.17
C ILE A 260 -13.34 16.16 -25.24
N THR A 261 -14.42 16.72 -25.79
CA THR A 261 -15.59 17.09 -25.01
C THR A 261 -16.81 16.37 -25.53
N THR A 262 -17.67 15.96 -24.61
CA THR A 262 -18.90 15.23 -24.91
C THR A 262 -20.11 16.05 -24.43
N GLU A 263 -20.63 16.88 -25.31
CA GLU A 263 -21.81 17.68 -25.03
C GLU A 263 -23.06 16.83 -25.21
N ILE A 264 -24.22 17.47 -25.27
CA ILE A 264 -25.44 16.80 -25.67
C ILE A 264 -26.22 17.75 -26.58
N VAL A 265 -27.06 17.18 -27.44
CA VAL A 265 -27.79 17.98 -28.40
C VAL A 265 -28.94 18.70 -27.71
N MET A 266 -29.41 19.76 -28.33
CA MET A 266 -30.56 20.51 -27.83
C MET A 266 -31.65 20.70 -28.87
N LEU A 267 -31.42 20.30 -30.11
CA LEU A 267 -32.32 20.63 -31.22
C LEU A 267 -32.00 19.68 -32.36
N ASN A 268 -32.72 19.84 -33.46
CA ASN A 268 -32.50 19.02 -34.63
C ASN A 268 -31.18 19.39 -35.29
N PRO A 269 -30.25 18.45 -35.45
CA PRO A 269 -29.03 18.76 -36.23
C PRO A 269 -29.30 18.96 -37.70
N ALA A 270 -30.38 18.38 -38.22
CA ALA A 270 -30.77 18.55 -39.61
C ALA A 270 -31.64 19.81 -39.73
N ASN A 271 -32.29 19.97 -40.88
CA ASN A 271 -33.22 21.05 -41.14
C ASN A 271 -34.55 20.50 -41.64
N THR A 272 -35.02 19.47 -40.97
CA THR A 272 -36.23 18.76 -41.38
C THR A 272 -37.42 19.45 -40.69
N ARG A 273 -38.61 18.86 -40.80
CA ARG A 273 -39.80 19.36 -40.11
C ARG A 273 -40.43 18.20 -39.34
N SER A 274 -40.83 18.47 -38.10
CA SER A 274 -41.39 17.47 -37.22
C SER A 274 -42.91 17.38 -37.43
N ILE A 275 -43.59 16.70 -36.51
CA ILE A 275 -45.04 16.74 -36.47
C ILE A 275 -45.53 18.14 -36.08
N SER A 276 -44.70 18.88 -35.34
CA SER A 276 -44.98 20.27 -35.04
C SER A 276 -44.89 21.18 -36.26
N ASN A 277 -44.33 20.68 -37.37
CA ASN A 277 -44.29 21.36 -38.67
C ASN A 277 -43.50 22.67 -38.60
N MET A 278 -42.31 22.58 -38.02
CA MET A 278 -41.41 23.70 -37.91
C MET A 278 -39.98 23.21 -38.04
N THR A 279 -39.07 24.14 -38.25
CA THR A 279 -37.65 23.87 -38.26
C THR A 279 -37.00 24.56 -37.06
N SER A 280 -35.67 24.51 -37.01
CA SER A 280 -34.95 25.13 -35.91
C SER A 280 -34.95 26.64 -36.03
N GLN A 281 -34.86 27.17 -37.26
CA GLN A 281 -34.63 28.59 -37.44
C GLN A 281 -35.88 29.41 -37.11
N GLU A 282 -37.05 28.95 -37.56
CA GLU A 282 -38.30 29.61 -37.19
C GLU A 282 -38.56 29.50 -35.70
N PHE A 283 -38.14 28.41 -35.08
CA PHE A 283 -38.27 28.25 -33.64
C PHE A 283 -37.42 29.25 -32.88
N VAL A 284 -36.16 29.41 -33.31
CA VAL A 284 -35.26 30.38 -32.69
C VAL A 284 -35.75 31.80 -32.91
N GLU A 285 -36.33 32.07 -34.10
CA GLU A 285 -36.89 33.38 -34.37
C GLU A 285 -38.11 33.66 -33.49
N LYS A 286 -38.95 32.65 -33.26
CA LYS A 286 -40.10 32.84 -32.38
C LYS A 286 -39.68 33.02 -30.92
N LEU A 287 -38.61 32.33 -30.51
CA LEU A 287 -38.08 32.56 -29.16
C LEU A 287 -37.51 33.97 -29.00
N THR A 288 -36.81 34.47 -30.02
CA THR A 288 -36.33 35.85 -29.95
C THR A 288 -37.47 36.85 -30.05
N LYS A 289 -38.59 36.48 -30.67
CA LYS A 289 -39.75 37.35 -30.68
C LYS A 289 -40.38 37.45 -29.30
N ARG A 290 -40.69 36.30 -28.70
CA ARG A 290 -41.45 36.31 -27.45
C ARG A 290 -40.58 36.66 -26.25
N LEU A 291 -39.32 36.24 -26.26
CA LEU A 291 -38.43 36.55 -25.15
C LEU A 291 -38.01 38.01 -25.22
N LYS A 292 -38.37 38.77 -24.19
CA LYS A 292 -37.98 40.17 -24.14
C LYS A 292 -36.50 40.35 -23.81
N ARG A 293 -35.88 39.35 -23.18
CA ARG A 293 -34.46 39.39 -22.89
C ARG A 293 -33.66 38.98 -24.12
N HIS A 294 -32.34 39.07 -24.00
CA HIS A 294 -31.50 38.54 -25.05
C HIS A 294 -31.26 37.05 -24.82
N PRO A 295 -31.19 36.27 -25.89
CA PRO A 295 -30.85 34.83 -25.73
C PRO A 295 -29.43 34.60 -25.24
N GLU A 296 -28.52 35.55 -25.47
CA GLU A 296 -27.17 35.45 -24.94
C GLU A 296 -27.11 35.80 -23.46
N GLU A 297 -28.12 36.46 -22.91
CA GLU A 297 -28.12 36.87 -21.52
C GLU A 297 -29.13 36.14 -20.66
N THR A 298 -30.08 35.42 -21.26
CA THR A 298 -31.09 34.73 -20.47
C THR A 298 -30.58 33.36 -20.04
N GLY A 299 -31.35 32.71 -19.18
CA GLY A 299 -31.01 31.41 -18.64
C GLY A 299 -31.99 30.34 -19.13
N GLY A 300 -31.47 29.12 -19.29
CA GLY A 300 -32.30 28.03 -19.76
C GLY A 300 -32.64 28.10 -21.24
N PHE A 301 -31.96 28.94 -22.00
CA PHE A 301 -32.26 29.09 -23.42
C PHE A 301 -31.87 27.84 -24.21
N GLN A 302 -30.84 27.14 -23.76
CA GLN A 302 -30.42 25.93 -24.46
C GLN A 302 -31.35 24.76 -24.16
N GLU A 303 -31.86 24.68 -22.94
CA GLU A 303 -32.84 23.66 -22.60
C GLU A 303 -34.25 24.05 -23.00
N ALA A 304 -34.44 25.27 -23.49
CA ALA A 304 -35.76 25.72 -23.92
C ALA A 304 -36.40 24.94 -25.08
N PRO A 305 -35.68 24.42 -26.09
CA PRO A 305 -36.36 23.55 -27.06
C PRO A 305 -36.90 22.25 -26.50
N LEU A 306 -36.46 21.81 -25.32
CA LEU A 306 -37.01 20.61 -24.73
C LEU A 306 -38.43 20.82 -24.23
N ALA A 307 -38.81 22.06 -23.91
CA ALA A 307 -40.15 22.32 -23.40
C ALA A 307 -41.21 22.12 -24.46
N TYR A 308 -40.87 22.38 -25.72
CA TYR A 308 -41.82 22.28 -26.82
C TYR A 308 -42.27 20.85 -27.04
N ASP A 309 -41.33 19.94 -27.28
CA ASP A 309 -41.69 18.55 -27.39
C ASP A 309 -42.05 17.93 -26.05
N ALA A 310 -41.70 18.56 -24.93
CA ALA A 310 -42.22 18.12 -23.64
C ALA A 310 -43.73 18.30 -23.56
N ILE A 311 -44.23 19.42 -24.07
CA ILE A 311 -45.68 19.58 -24.18
C ILE A 311 -46.23 18.63 -25.23
N TRP A 312 -45.54 18.51 -26.37
CA TRP A 312 -46.08 17.78 -27.50
C TRP A 312 -46.19 16.28 -27.27
N ALA A 313 -45.29 15.70 -26.47
CA ALA A 313 -45.34 14.27 -26.19
C ALA A 313 -46.56 13.92 -25.34
N LEU A 314 -46.81 14.70 -24.28
CA LEU A 314 -47.99 14.46 -23.46
C LEU A 314 -49.27 14.81 -24.23
N ALA A 315 -49.20 15.78 -25.14
CA ALA A 315 -50.37 16.12 -25.95
C ALA A 315 -50.72 14.98 -26.89
N LEU A 316 -49.72 14.36 -27.51
CA LEU A 316 -49.99 13.21 -28.37
C LEU A 316 -50.42 12.00 -27.56
N ALA A 317 -49.94 11.86 -26.32
CA ALA A 317 -50.39 10.76 -25.48
C ALA A 317 -51.84 10.93 -25.05
N LEU A 318 -52.23 12.15 -24.69
CA LEU A 318 -53.62 12.37 -24.29
C LEU A 318 -54.54 12.30 -25.50
N ASN A 319 -54.05 12.69 -26.69
CA ASN A 319 -54.86 12.50 -27.88
C ASN A 319 -54.97 11.02 -28.25
N LYS A 320 -53.94 10.24 -27.97
CA LYS A 320 -54.01 8.80 -28.21
C LYS A 320 -54.98 8.13 -27.25
N THR A 321 -55.07 8.61 -26.01
CA THR A 321 -56.12 8.13 -25.12
C THR A 321 -57.49 8.61 -25.58
N SER A 322 -57.56 9.80 -26.17
CA SER A 322 -58.76 10.41 -26.76
C SER A 322 -59.92 10.54 -25.78
N ARG A 331 -64.77 10.39 -20.96
CA ARG A 331 -64.11 9.40 -20.11
C ARG A 331 -62.72 9.88 -19.71
N LEU A 332 -62.44 11.15 -19.96
CA LEU A 332 -61.18 11.77 -19.57
C LEU A 332 -61.35 13.04 -18.75
N GLU A 333 -62.48 13.73 -18.85
CA GLU A 333 -62.72 14.98 -18.14
C GLU A 333 -63.21 14.78 -16.72
N ASP A 334 -63.24 13.53 -16.24
CA ASP A 334 -63.79 13.24 -14.92
C ASP A 334 -62.75 12.50 -14.08
N PHE A 335 -61.53 13.01 -14.05
CA PHE A 335 -60.45 12.36 -13.32
C PHE A 335 -60.46 12.76 -11.85
N ASN A 336 -60.30 11.77 -10.98
CA ASN A 336 -60.15 11.99 -9.56
C ASN A 336 -58.97 11.17 -9.05
N TYR A 337 -58.36 11.65 -7.96
CA TYR A 337 -57.11 11.08 -7.47
C TYR A 337 -57.27 9.71 -6.84
N ASN A 338 -58.50 9.27 -6.54
CA ASN A 338 -58.68 8.00 -5.87
C ASN A 338 -58.53 6.82 -6.83
N ASN A 339 -59.07 6.93 -8.03
CA ASN A 339 -59.06 5.81 -8.96
C ASN A 339 -57.70 5.69 -9.64
N GLN A 340 -57.53 4.61 -10.40
CA GLN A 340 -56.24 4.26 -10.97
C GLN A 340 -56.29 3.87 -12.44
N THR A 341 -57.47 3.64 -13.01
CA THR A 341 -57.55 3.13 -14.38
C THR A 341 -57.17 4.20 -15.40
N ILE A 342 -57.61 5.44 -15.17
CA ILE A 342 -57.22 6.55 -16.04
C ILE A 342 -55.72 6.78 -15.97
N THR A 343 -55.16 6.64 -14.77
CA THR A 343 -53.73 6.82 -14.57
C THR A 343 -52.93 5.75 -15.29
N ASP A 344 -53.38 4.49 -15.21
CA ASP A 344 -52.71 3.41 -15.92
C ASP A 344 -52.84 3.57 -17.43
N GLN A 345 -53.98 4.07 -17.91
CA GLN A 345 -54.15 4.31 -19.33
C GLN A 345 -53.21 5.39 -19.83
N ILE A 346 -53.08 6.49 -19.08
CA ILE A 346 -52.16 7.56 -19.44
C ILE A 346 -50.71 7.07 -19.38
N TYR A 347 -50.39 6.23 -18.39
CA TYR A 347 -49.04 5.68 -18.29
C TYR A 347 -48.72 4.74 -19.43
N ARG A 348 -49.70 3.94 -19.86
CA ARG A 348 -49.49 3.05 -21.00
C ARG A 348 -49.34 3.83 -22.30
N ALA A 349 -50.10 4.93 -22.44
CA ALA A 349 -49.96 5.75 -23.63
C ALA A 349 -48.63 6.48 -23.64
N MET A 350 -48.13 6.88 -22.47
CA MET A 350 -46.84 7.55 -22.41
C MET A 350 -45.67 6.61 -22.52
N ASN A 351 -45.87 5.32 -22.24
CA ASN A 351 -44.78 4.35 -22.32
C ASN A 351 -44.34 4.13 -23.77
N SER A 352 -45.29 4.05 -24.70
CA SER A 352 -44.98 3.76 -26.10
C SER A 352 -44.79 5.02 -26.93
N SER A 353 -44.33 6.11 -26.33
CA SER A 353 -44.15 7.36 -27.05
C SER A 353 -42.90 7.28 -27.91
N SER A 354 -43.07 7.44 -29.22
CA SER A 354 -41.95 7.36 -30.16
C SER A 354 -42.33 8.14 -31.41
N PHE A 355 -41.73 9.30 -31.61
CA PHE A 355 -42.00 10.10 -32.79
C PHE A 355 -40.81 11.04 -33.03
N GLU A 356 -41.00 11.99 -33.93
CA GLU A 356 -39.98 12.94 -34.31
C GLU A 356 -40.40 14.33 -33.87
N GLY A 357 -39.62 14.93 -32.97
CA GLY A 357 -39.88 16.26 -32.48
C GLY A 357 -38.69 17.17 -32.72
N VAL A 358 -38.71 18.34 -32.08
CA VAL A 358 -37.72 19.39 -32.32
C VAL A 358 -36.33 18.95 -31.85
N SER A 359 -36.26 18.10 -30.84
CA SER A 359 -34.99 17.55 -30.39
C SER A 359 -34.64 16.24 -31.07
N GLY A 360 -35.25 15.94 -32.22
CA GLY A 360 -34.96 14.71 -32.91
C GLY A 360 -35.94 13.62 -32.52
N HIS A 361 -35.50 12.37 -32.52
CA HIS A 361 -36.40 11.28 -32.19
C HIS A 361 -36.59 11.20 -30.68
N VAL A 362 -37.84 11.17 -30.24
CA VAL A 362 -38.18 11.24 -28.83
C VAL A 362 -38.76 9.89 -28.41
N VAL A 363 -37.91 9.05 -27.83
CA VAL A 363 -38.30 7.75 -27.32
C VAL A 363 -37.85 7.66 -25.87
N PHE A 364 -38.74 7.19 -25.00
CA PHE A 364 -38.36 6.95 -23.61
C PHE A 364 -37.84 5.53 -23.45
N ASP A 365 -37.05 5.35 -22.39
CA ASP A 365 -36.55 4.02 -22.06
C ASP A 365 -37.51 3.36 -21.07
N ALA A 366 -37.11 2.22 -20.50
CA ALA A 366 -37.95 1.56 -19.51
C ALA A 366 -37.93 2.31 -18.18
N SER A 367 -36.87 3.06 -17.89
CA SER A 367 -36.80 3.78 -16.63
C SER A 367 -37.56 5.10 -16.69
N GLY A 368 -37.44 5.83 -17.79
CA GLY A 368 -38.17 7.08 -17.92
C GLY A 368 -37.37 8.18 -18.59
N SER A 369 -36.12 7.90 -18.91
CA SER A 369 -35.28 8.88 -19.59
C SER A 369 -35.46 8.79 -21.10
N ARG A 370 -35.21 9.92 -21.76
CA ARG A 370 -35.28 9.98 -23.21
C ARG A 370 -33.87 9.99 -23.78
N MET A 371 -33.61 9.08 -24.72
CA MET A 371 -32.31 9.00 -25.36
C MET A 371 -32.17 10.06 -26.44
N ALA A 372 -30.92 10.44 -26.73
CA ALA A 372 -30.63 11.52 -27.66
C ALA A 372 -29.22 11.32 -28.20
N TRP A 373 -28.71 12.36 -28.85
CA TRP A 373 -27.40 12.32 -29.48
C TRP A 373 -26.42 13.19 -28.71
N THR A 374 -25.14 12.84 -28.76
CA THR A 374 -24.09 13.59 -28.07
C THR A 374 -23.08 14.03 -29.11
N LEU A 375 -23.04 15.32 -29.39
CA LEU A 375 -22.13 15.89 -30.38
C LEU A 375 -20.71 15.89 -29.81
N ILE A 376 -19.93 14.86 -30.15
CA ILE A 376 -18.57 14.75 -29.63
C ILE A 376 -17.66 15.70 -30.38
N GLU A 377 -16.97 16.57 -29.65
CA GLU A 377 -16.14 17.62 -30.22
C GLU A 377 -14.75 17.58 -29.63
N GLN A 378 -13.87 18.42 -30.16
CA GLN A 378 -12.51 18.54 -29.66
C GLN A 378 -12.04 19.97 -29.84
N LEU A 379 -11.45 20.52 -28.78
CA LEU A 379 -10.73 21.78 -28.90
C LEU A 379 -9.52 21.58 -29.77
N GLN A 380 -9.49 22.24 -30.92
CA GLN A 380 -8.42 22.12 -31.91
C GLN A 380 -7.87 23.51 -32.19
N GLY A 381 -6.94 23.96 -31.36
CA GLY A 381 -6.28 25.22 -31.60
C GLY A 381 -7.13 26.44 -31.33
N GLY A 382 -7.53 26.61 -30.07
CA GLY A 382 -8.18 27.84 -29.66
C GLY A 382 -9.66 27.95 -29.95
N SER A 383 -10.24 26.98 -30.66
CA SER A 383 -11.68 27.01 -30.87
C SER A 383 -12.21 25.59 -30.89
N TYR A 384 -13.47 25.45 -30.49
CA TYR A 384 -14.12 24.15 -30.52
C TYR A 384 -14.41 23.74 -31.96
N LYS A 385 -14.43 22.43 -32.19
CA LYS A 385 -14.73 21.93 -33.52
C LYS A 385 -15.29 20.51 -33.40
N LYS A 386 -16.25 20.19 -34.25
CA LYS A 386 -16.95 18.91 -34.14
C LYS A 386 -16.07 17.77 -34.60
N ILE A 387 -16.10 16.67 -33.85
CA ILE A 387 -15.57 15.42 -34.35
C ILE A 387 -16.70 14.69 -35.03
N GLY A 388 -17.74 14.35 -34.27
CA GLY A 388 -18.81 13.56 -34.83
C GLY A 388 -20.01 13.45 -33.92
N TYR A 389 -20.86 12.48 -34.23
CA TYR A 389 -22.13 12.26 -33.55
C TYR A 389 -22.18 10.85 -33.00
N TYR A 390 -23.29 10.53 -32.34
CA TYR A 390 -23.51 9.20 -31.80
C TYR A 390 -24.99 9.04 -31.46
N ASP A 391 -25.46 7.80 -31.53
CA ASP A 391 -26.73 7.39 -30.95
C ASP A 391 -26.50 6.07 -30.25
N SER A 392 -27.06 5.95 -29.04
CA SER A 392 -26.80 4.78 -28.21
C SER A 392 -27.59 3.58 -28.67
N THR A 393 -28.80 3.78 -29.19
CA THR A 393 -29.67 2.67 -29.53
C THR A 393 -29.31 1.99 -30.85
N LYS A 394 -28.39 2.56 -31.63
CA LYS A 394 -28.04 2.00 -32.93
C LYS A 394 -26.55 1.82 -33.15
N ASP A 395 -25.69 2.38 -32.29
CA ASP A 395 -24.23 2.32 -32.39
C ASP A 395 -23.73 2.87 -33.73
N ASP A 396 -24.37 3.92 -34.22
CA ASP A 396 -23.99 4.53 -35.49
C ASP A 396 -23.02 5.67 -35.22
N LEU A 397 -21.78 5.29 -34.92
CA LEU A 397 -20.74 6.27 -34.63
C LEU A 397 -20.33 6.97 -35.92
N SER A 398 -21.04 8.04 -36.26
CA SER A 398 -20.70 8.81 -37.43
C SER A 398 -19.42 9.59 -37.19
N TRP A 399 -18.84 10.11 -38.26
CA TRP A 399 -17.52 10.72 -38.16
C TRP A 399 -17.39 11.80 -39.21
N SER A 400 -16.39 12.65 -39.01
CA SER A 400 -16.05 13.66 -40.01
C SER A 400 -14.55 13.79 -40.25
N LYS A 401 -13.71 13.16 -39.42
CA LYS A 401 -12.26 13.10 -39.58
C LYS A 401 -11.63 14.50 -39.59
N THR A 402 -11.76 15.19 -38.47
CA THR A 402 -11.12 16.48 -38.28
C THR A 402 -10.28 16.46 -37.00
N ASP A 403 -10.14 15.30 -36.37
CA ASP A 403 -9.37 15.17 -35.15
C ASP A 403 -7.88 15.23 -35.47
N LYS A 404 -7.24 16.34 -35.13
CA LYS A 404 -5.79 16.36 -35.18
C LYS A 404 -5.23 15.62 -33.97
N TRP A 405 -3.97 15.25 -34.07
CA TRP A 405 -3.30 14.52 -33.00
C TRP A 405 -1.88 15.05 -32.87
N ILE A 406 -1.06 14.31 -32.12
CA ILE A 406 0.33 14.68 -31.98
C ILE A 406 1.10 14.40 -33.26
N GLY A 407 0.79 13.28 -33.91
CA GLY A 407 1.41 12.92 -35.17
C GLY A 407 0.40 12.30 -36.11
N GLY A 408 -0.84 12.23 -35.67
CA GLY A 408 -1.90 11.63 -36.45
C GLY A 408 -2.53 10.43 -35.76
N SER A 409 -1.74 9.70 -35.04
CA SER A 409 -2.19 8.52 -34.34
C SER A 409 -2.68 8.87 -32.94
N PRO A 410 -3.62 8.12 -32.39
CA PRO A 410 -4.02 8.35 -31.00
C PRO A 410 -3.02 7.74 -30.02
N PRO A 411 -2.47 8.55 -29.13
CA PRO A 411 -1.58 8.00 -28.10
C PRO A 411 -2.37 7.15 -27.11
N ALA A 412 -1.77 6.03 -26.71
CA ALA A 412 -2.44 5.00 -25.94
C ALA A 412 -1.76 4.83 -24.59
N ASP A 413 -2.16 3.78 -23.88
CA ASP A 413 -1.58 3.44 -22.59
C ASP A 413 -0.14 2.97 -22.75
N GLN A 414 0.58 2.92 -21.63
CA GLN A 414 2.00 2.59 -21.66
C GLN A 414 2.21 1.09 -21.85
N THR A 415 3.11 0.73 -22.76
CA THR A 415 3.47 -0.65 -23.04
C THR A 415 4.96 -0.85 -22.77
N LEU A 416 5.44 -2.06 -23.07
CA LEU A 416 6.81 -2.45 -22.78
C LEU A 416 7.24 -3.49 -23.80
N VAL A 417 8.50 -3.40 -24.23
CA VAL A 417 9.12 -4.42 -25.07
C VAL A 417 10.27 -5.06 -24.27
N ILE A 418 10.28 -6.38 -24.27
CA ILE A 418 11.37 -7.14 -23.68
C ILE A 418 12.38 -7.38 -24.80
N LYS A 419 13.59 -6.86 -24.63
CA LYS A 419 14.66 -7.05 -25.59
C LYS A 419 15.71 -7.96 -24.99
N THR A 420 16.06 -9.00 -25.72
CA THR A 420 17.02 -9.98 -25.23
C THR A 420 18.43 -9.50 -25.53
N PHE A 421 19.28 -9.54 -24.51
CA PHE A 421 20.64 -9.01 -24.55
C PHE A 421 21.51 -9.88 -25.45
N ARG A 422 21.90 -9.33 -26.59
CA ARG A 422 22.51 -10.14 -27.62
C ARG A 422 23.95 -10.50 -27.28
N PHE A 423 24.35 -11.69 -27.69
CA PHE A 423 25.74 -12.13 -27.65
C PHE A 423 26.41 -11.72 -28.97
N LEU A 424 27.58 -12.27 -29.24
CA LEU A 424 28.32 -11.95 -30.46
C LEU A 424 28.64 -13.22 -31.23
N SER A 425 27.61 -14.05 -31.48
CA SER A 425 27.79 -15.27 -32.25
C SER A 425 28.03 -14.94 -33.71
N GLN A 426 29.29 -14.65 -34.03
CA GLN A 426 29.68 -14.08 -35.30
C GLN A 426 31.09 -14.59 -35.61
N LYS A 427 31.81 -13.89 -36.48
CA LYS A 427 33.19 -14.27 -36.81
C LYS A 427 34.11 -14.21 -35.60
N LEU A 428 33.77 -13.39 -34.60
CA LEU A 428 34.51 -13.42 -33.34
C LEU A 428 34.30 -14.73 -32.61
N PHE A 429 33.08 -15.28 -32.66
CA PHE A 429 32.85 -16.62 -32.16
C PHE A 429 33.52 -17.67 -33.05
N ILE A 430 33.62 -17.38 -34.35
CA ILE A 430 34.12 -18.37 -35.30
C ILE A 430 35.64 -18.49 -35.23
N SER A 431 36.34 -17.41 -34.88
CA SER A 431 37.78 -17.50 -34.67
C SER A 431 38.09 -18.38 -33.46
N VAL A 432 37.29 -18.24 -32.40
CA VAL A 432 37.37 -19.12 -31.24
C VAL A 432 37.10 -20.56 -31.65
N SER A 433 36.08 -20.78 -32.47
CA SER A 433 35.73 -22.14 -32.88
C SER A 433 36.79 -22.76 -33.79
N VAL A 434 37.43 -21.97 -34.65
CA VAL A 434 38.43 -22.54 -35.54
C VAL A 434 39.74 -22.80 -34.79
N LEU A 435 40.06 -21.99 -33.77
CA LEU A 435 41.21 -22.31 -32.94
C LEU A 435 40.94 -23.54 -32.08
N SER A 436 39.69 -23.72 -31.64
CA SER A 436 39.30 -24.94 -30.96
C SER A 436 39.42 -26.15 -31.86
N SER A 437 39.04 -26.01 -33.14
CA SER A 437 39.12 -27.13 -34.07
C SER A 437 40.56 -27.52 -34.36
N LEU A 438 41.46 -26.52 -34.50
CA LEU A 438 42.87 -26.81 -34.70
C LEU A 438 43.47 -27.50 -33.47
N GLY A 439 43.08 -27.05 -32.27
CA GLY A 439 43.51 -27.74 -31.05
C GLY A 439 43.00 -29.17 -30.95
N ILE A 440 41.75 -29.41 -31.36
CA ILE A 440 41.16 -30.75 -31.32
C ILE A 440 41.91 -31.69 -32.26
N VAL A 441 42.14 -31.25 -33.49
CA VAL A 441 42.79 -32.09 -34.49
C VAL A 441 44.23 -32.40 -34.07
N LEU A 442 44.95 -31.39 -33.57
CA LEU A 442 46.34 -31.60 -33.14
C LEU A 442 46.41 -32.53 -31.94
N ALA A 443 45.49 -32.39 -31.00
CA ALA A 443 45.52 -33.20 -29.79
C ALA A 443 45.20 -34.66 -30.08
N VAL A 444 44.14 -34.92 -30.85
CA VAL A 444 43.76 -36.31 -31.13
C VAL A 444 44.78 -36.97 -32.06
N VAL A 445 45.37 -36.21 -32.98
CA VAL A 445 46.39 -36.77 -33.85
C VAL A 445 47.65 -37.12 -33.06
N CYS A 446 48.03 -36.25 -32.11
CA CYS A 446 49.21 -36.55 -31.29
C CYS A 446 48.95 -37.70 -30.33
N LEU A 447 47.71 -37.83 -29.83
CA LEU A 447 47.40 -38.94 -28.95
C LEU A 447 47.39 -40.28 -29.70
N SER A 448 46.86 -40.29 -30.93
CA SER A 448 46.90 -41.49 -31.74
C SER A 448 48.33 -41.84 -32.14
N PHE A 449 49.17 -40.82 -32.40
CA PHE A 449 50.57 -41.07 -32.70
C PHE A 449 51.31 -41.61 -31.49
N ASN A 450 50.93 -41.18 -30.30
CA ASN A 450 51.57 -41.70 -29.09
C ASN A 450 51.16 -43.13 -28.82
N ILE A 451 49.89 -43.46 -29.07
CA ILE A 451 49.43 -44.84 -28.88
C ILE A 451 50.05 -45.75 -29.93
N TYR A 452 50.22 -45.26 -31.16
CA TYR A 452 50.85 -46.03 -32.21
C TYR A 452 52.38 -45.95 -32.19
N ASN A 453 52.99 -45.57 -31.06
CA ASN A 453 54.43 -45.69 -30.85
C ASN A 453 54.75 -46.58 -29.66
N SER A 454 53.79 -47.38 -29.20
CA SER A 454 53.87 -48.04 -27.91
C SER A 454 54.63 -49.37 -27.94
N HIS A 455 55.42 -49.63 -28.97
CA HIS A 455 56.30 -50.80 -28.95
C HIS A 455 57.59 -50.47 -28.20
N VAL A 456 58.37 -49.51 -28.73
CA VAL A 456 59.60 -49.04 -28.11
C VAL A 456 59.89 -47.67 -28.71
N ARG A 457 60.37 -46.75 -27.88
CA ARG A 457 60.50 -45.38 -28.32
C ARG A 457 61.61 -44.69 -27.54
N TYR A 458 61.71 -43.36 -27.73
CA TYR A 458 62.65 -42.52 -26.99
C TYR A 458 62.34 -42.57 -25.50
N ILE A 459 61.17 -42.07 -25.11
CA ILE A 459 60.62 -42.44 -23.82
C ILE A 459 60.00 -43.81 -23.97
N GLN A 460 60.30 -44.71 -23.04
CA GLN A 460 59.96 -46.11 -23.18
C GLN A 460 58.47 -46.34 -22.87
N ASN A 461 58.06 -47.60 -22.84
CA ASN A 461 56.65 -47.96 -22.69
C ASN A 461 56.11 -47.71 -21.29
N SER A 462 56.97 -47.42 -20.32
CA SER A 462 56.54 -47.32 -18.92
C SER A 462 55.80 -46.02 -18.64
N GLN A 463 56.43 -44.89 -18.95
CA GLN A 463 55.96 -43.59 -18.48
C GLN A 463 54.66 -43.10 -19.12
N PRO A 464 54.62 -42.76 -20.43
CA PRO A 464 53.64 -41.75 -20.85
C PRO A 464 52.25 -42.28 -21.17
N ASN A 465 51.76 -43.24 -20.40
CA ASN A 465 50.35 -43.59 -20.51
C ASN A 465 49.50 -42.61 -19.71
N LEU A 466 50.05 -42.13 -18.60
CA LEU A 466 49.48 -40.96 -17.92
C LEU A 466 49.47 -39.76 -18.85
N ASN A 467 50.49 -39.64 -19.69
CA ASN A 467 50.51 -38.56 -20.68
C ASN A 467 49.43 -38.76 -21.73
N ASN A 468 49.15 -40.02 -22.10
CA ASN A 468 48.03 -40.29 -23.00
C ASN A 468 46.69 -39.92 -22.35
N LEU A 469 46.55 -40.18 -21.05
CA LEU A 469 45.31 -39.79 -20.37
C LEU A 469 45.19 -38.28 -20.24
N THR A 470 46.32 -37.56 -20.10
CA THR A 470 46.25 -36.10 -20.13
C THR A 470 45.84 -35.60 -21.51
N ALA A 471 46.29 -36.29 -22.56
CA ALA A 471 45.87 -35.93 -23.91
C ALA A 471 44.38 -36.14 -24.11
N VAL A 472 43.84 -37.23 -23.55
CA VAL A 472 42.39 -37.47 -23.61
C VAL A 472 41.64 -36.38 -22.84
N GLY A 473 42.17 -35.98 -21.67
CA GLY A 473 41.51 -34.97 -20.88
C GLY A 473 41.54 -33.59 -21.52
N CYS A 474 42.69 -33.22 -22.12
CA CYS A 474 42.76 -31.93 -22.78
C CYS A 474 41.94 -31.92 -24.05
N SER A 475 41.79 -33.08 -24.70
CA SER A 475 40.87 -33.19 -25.82
C SER A 475 39.43 -33.02 -25.37
N LEU A 476 39.08 -33.52 -24.18
CA LEU A 476 37.73 -33.31 -23.67
C LEU A 476 37.50 -31.87 -23.26
N ALA A 477 38.54 -31.17 -22.79
CA ALA A 477 38.41 -29.74 -22.54
C ALA A 477 38.23 -28.96 -23.84
N LEU A 478 38.98 -29.34 -24.88
CA LEU A 478 38.81 -28.70 -26.17
C LEU A 478 37.52 -29.12 -26.88
N ALA A 479 36.85 -30.16 -26.40
CA ALA A 479 35.53 -30.50 -26.89
C ALA A 479 34.41 -29.86 -26.08
N ALA A 480 34.69 -29.49 -24.83
CA ALA A 480 33.70 -28.80 -24.00
C ALA A 480 33.85 -27.29 -24.03
N VAL A 481 34.85 -26.76 -24.75
CA VAL A 481 34.95 -25.31 -24.84
C VAL A 481 33.83 -24.71 -25.68
N PHE A 482 33.38 -25.40 -26.74
CA PHE A 482 32.40 -24.77 -27.64
C PHE A 482 30.99 -24.63 -27.04
N PRO A 483 30.34 -25.68 -26.43
CA PRO A 483 28.89 -25.52 -26.22
C PRO A 483 28.55 -24.74 -24.96
N LEU A 484 29.11 -23.54 -24.82
CA LEU A 484 28.62 -22.58 -23.86
C LEU A 484 27.58 -21.65 -24.45
N GLY A 485 27.35 -21.74 -25.76
CA GLY A 485 26.24 -21.09 -26.40
C GLY A 485 26.39 -19.58 -26.55
N LEU A 486 25.30 -18.99 -27.02
CA LEU A 486 25.17 -17.56 -27.24
C LEU A 486 23.70 -17.22 -27.02
N ASP A 487 23.27 -16.07 -27.53
CA ASP A 487 21.87 -15.65 -27.37
C ASP A 487 20.98 -16.33 -28.42
N GLY A 488 20.87 -17.65 -28.29
CA GLY A 488 20.01 -18.43 -29.15
C GLY A 488 20.46 -18.51 -30.59
N TYR A 489 21.57 -19.19 -30.87
CA TYR A 489 22.04 -19.35 -32.24
C TYR A 489 22.56 -20.78 -32.45
N HIS A 490 21.64 -21.69 -32.78
CA HIS A 490 21.86 -22.98 -33.46
C HIS A 490 20.51 -23.62 -33.72
N ILE A 491 20.51 -24.80 -34.36
CA ILE A 491 19.27 -25.54 -34.61
C ILE A 491 18.77 -26.08 -33.28
N GLY A 492 17.68 -25.50 -32.77
CA GLY A 492 17.13 -25.91 -31.50
C GLY A 492 17.71 -25.16 -30.33
N ARG A 493 16.86 -24.49 -29.57
CA ARG A 493 17.28 -23.72 -28.40
C ARG A 493 16.24 -23.93 -27.31
N ASN A 494 16.30 -23.07 -26.28
CA ASN A 494 15.50 -23.15 -25.05
C ASN A 494 15.68 -24.47 -24.30
N GLN A 495 16.82 -25.12 -24.50
CA GLN A 495 17.27 -26.24 -23.70
C GLN A 495 18.58 -25.85 -22.99
N PHE A 496 18.69 -24.56 -22.67
CA PHE A 496 19.85 -23.94 -22.05
C PHE A 496 20.29 -24.57 -20.72
N PRO A 497 19.39 -24.97 -19.80
CA PRO A 497 19.90 -25.75 -18.65
C PRO A 497 20.48 -27.11 -19.03
N PHE A 498 19.90 -27.78 -20.02
CA PHE A 498 20.42 -29.07 -20.46
C PHE A 498 21.82 -28.92 -21.07
N VAL A 499 21.98 -27.93 -21.95
CA VAL A 499 23.28 -27.77 -22.60
C VAL A 499 24.31 -27.18 -21.65
N CYS A 500 23.88 -26.38 -20.66
CA CYS A 500 24.84 -25.83 -19.70
C CYS A 500 25.31 -26.91 -18.74
N GLN A 501 24.39 -27.77 -18.27
CA GLN A 501 24.80 -28.84 -17.37
C GLN A 501 25.61 -29.90 -18.10
N ALA A 502 25.35 -30.13 -19.39
CA ALA A 502 26.15 -31.08 -20.16
C ALA A 502 27.56 -30.54 -20.38
N ARG A 503 27.67 -29.28 -20.77
CA ARG A 503 28.98 -28.65 -20.97
C ARG A 503 29.76 -28.58 -19.66
N LEU A 504 29.07 -28.26 -18.56
CA LEU A 504 29.74 -28.14 -17.27
C LEU A 504 30.23 -29.48 -16.75
N TRP A 505 29.39 -30.52 -16.85
CA TRP A 505 29.78 -31.87 -16.43
C TRP A 505 30.96 -32.38 -17.26
N LEU A 506 30.90 -32.17 -18.58
CA LEU A 506 31.98 -32.63 -19.45
C LEU A 506 33.29 -31.89 -19.19
N LEU A 507 33.23 -30.57 -19.01
CA LEU A 507 34.45 -29.81 -18.75
C LEU A 507 35.03 -30.15 -17.38
N GLY A 508 34.17 -30.41 -16.40
CA GLY A 508 34.64 -30.79 -15.08
C GLY A 508 35.38 -32.12 -15.10
N LEU A 509 34.79 -33.15 -15.73
CA LEU A 509 35.45 -34.44 -15.79
C LEU A 509 36.72 -34.39 -16.64
N GLY A 510 36.69 -33.60 -17.72
CA GLY A 510 37.87 -33.51 -18.59
C GLY A 510 39.04 -32.81 -17.94
N PHE A 511 38.79 -31.65 -17.31
CA PHE A 511 39.88 -30.94 -16.63
C PHE A 511 40.38 -31.71 -15.43
N SER A 512 39.46 -32.38 -14.71
CA SER A 512 39.85 -33.20 -13.56
C SER A 512 40.77 -34.34 -13.99
N LEU A 513 40.41 -35.05 -15.05
CA LEU A 513 41.23 -36.17 -15.54
C LEU A 513 42.59 -35.67 -16.03
N GLY A 514 42.60 -34.63 -16.86
CA GLY A 514 43.84 -34.14 -17.44
C GLY A 514 44.79 -33.57 -16.41
N TYR A 515 44.27 -32.74 -15.50
CA TYR A 515 45.15 -32.15 -14.51
C TYR A 515 45.60 -33.17 -13.46
N GLY A 516 44.77 -34.14 -13.12
CA GLY A 516 45.18 -35.16 -12.16
C GLY A 516 46.28 -36.05 -12.70
N SER A 517 46.13 -36.50 -13.95
CA SER A 517 47.18 -37.31 -14.56
C SER A 517 48.41 -36.48 -14.92
N MET A 518 48.27 -35.16 -15.02
CA MET A 518 49.45 -34.31 -15.17
C MET A 518 50.20 -34.16 -13.86
N PHE A 519 49.47 -33.92 -12.77
CA PHE A 519 50.08 -33.60 -11.48
C PHE A 519 50.66 -34.82 -10.79
N THR A 520 50.11 -36.01 -11.06
CA THR A 520 50.56 -37.20 -10.35
C THR A 520 51.99 -37.59 -10.72
N LYS A 521 52.44 -37.23 -11.91
CA LYS A 521 53.81 -37.55 -12.30
C LYS A 521 54.81 -36.72 -11.49
N ILE A 522 54.51 -35.44 -11.29
CA ILE A 522 55.45 -34.63 -10.53
C ILE A 522 55.33 -34.92 -9.04
N TRP A 523 54.15 -35.36 -8.59
CA TRP A 523 53.99 -35.84 -7.22
C TRP A 523 54.85 -37.07 -6.99
N TRP A 524 54.88 -38.00 -7.95
CA TRP A 524 55.66 -39.20 -7.74
C TRP A 524 57.15 -38.98 -7.95
N VAL A 525 57.55 -38.01 -8.78
CA VAL A 525 58.99 -37.77 -8.91
C VAL A 525 59.51 -37.03 -7.68
N HIS A 526 58.65 -36.22 -7.03
CA HIS A 526 59.04 -35.68 -5.74
C HIS A 526 59.05 -36.77 -4.67
N THR A 527 58.15 -37.75 -4.77
CA THR A 527 58.13 -38.84 -3.81
C THR A 527 59.38 -39.71 -3.94
N VAL A 528 59.82 -39.98 -5.17
CA VAL A 528 61.05 -40.75 -5.35
C VAL A 528 62.28 -39.90 -5.10
N PHE A 529 62.16 -38.56 -5.12
CA PHE A 529 63.27 -37.72 -4.73
C PHE A 529 63.46 -37.69 -3.22
N THR A 530 62.38 -37.81 -2.46
CA THR A 530 62.43 -37.77 -1.01
C THR A 530 62.43 -39.16 -0.38
N LYS A 531 62.66 -40.20 -1.18
CA LYS A 531 62.71 -41.57 -0.66
C LYS A 531 64.15 -41.97 -0.34
N LYS A 532 64.76 -41.18 0.54
CA LYS A 532 66.15 -41.40 0.93
C LYS A 532 66.42 -40.84 2.33
N ARG A 539 62.97 -46.25 -6.42
CA ARG A 539 62.51 -46.88 -7.66
C ARG A 539 61.64 -48.10 -7.36
N LYS A 540 60.35 -47.87 -7.10
CA LYS A 540 59.47 -48.99 -6.81
C LYS A 540 58.42 -49.18 -7.90
N THR A 541 57.58 -48.15 -8.11
CA THR A 541 56.43 -48.12 -9.03
C THR A 541 55.55 -49.35 -8.85
N LEU A 542 55.19 -49.70 -7.60
CA LEU A 542 54.88 -51.04 -7.03
C LEU A 542 53.97 -51.86 -7.95
N GLU A 543 52.73 -51.42 -8.20
CA GLU A 543 51.96 -52.02 -9.27
C GLU A 543 51.86 -51.02 -10.43
N PRO A 544 51.79 -51.51 -11.67
CA PRO A 544 51.83 -50.60 -12.83
C PRO A 544 50.66 -49.64 -12.90
N TRP A 545 49.47 -50.06 -12.47
CA TRP A 545 48.33 -49.16 -12.41
C TRP A 545 47.98 -48.75 -10.99
N LYS A 546 48.90 -48.91 -10.03
CA LYS A 546 48.63 -48.52 -8.65
C LYS A 546 48.53 -47.01 -8.51
N LEU A 547 49.61 -46.30 -8.85
CA LEU A 547 49.66 -44.85 -8.72
C LEU A 547 48.65 -44.18 -9.64
N TYR A 548 48.56 -44.68 -10.87
CA TYR A 548 47.61 -44.14 -11.84
C TYR A 548 46.17 -44.39 -11.42
N ALA A 549 45.89 -45.57 -10.86
CA ALA A 549 44.52 -45.88 -10.46
C ALA A 549 44.12 -45.13 -9.19
N THR A 550 45.05 -44.90 -8.27
CA THR A 550 44.69 -44.17 -7.06
C THR A 550 44.55 -42.68 -7.33
N VAL A 551 45.32 -42.14 -8.28
CA VAL A 551 45.09 -40.74 -8.64
C VAL A 551 43.86 -40.63 -9.55
N GLY A 552 43.53 -41.72 -10.25
CA GLY A 552 42.29 -41.73 -11.02
C GLY A 552 41.07 -41.78 -10.14
N LEU A 553 41.18 -42.45 -9.00
CA LEU A 553 40.08 -42.41 -8.03
C LEU A 553 40.04 -41.08 -7.29
N LEU A 554 41.20 -40.43 -7.11
CA LEU A 554 41.21 -39.06 -6.61
C LEU A 554 40.50 -38.11 -7.58
N VAL A 555 40.67 -38.34 -8.88
CA VAL A 555 39.89 -37.63 -9.89
C VAL A 555 38.41 -38.01 -9.81
N GLY A 556 38.12 -39.30 -9.64
CA GLY A 556 36.74 -39.75 -9.68
C GLY A 556 35.97 -39.39 -8.43
N MET A 557 36.66 -38.89 -7.41
CA MET A 557 36.01 -38.23 -6.28
C MET A 557 35.20 -37.02 -6.74
N ASP A 558 35.67 -36.31 -7.76
CA ASP A 558 35.03 -35.10 -8.25
C ASP A 558 33.69 -35.37 -8.95
N VAL A 559 33.51 -36.56 -9.53
CA VAL A 559 32.21 -36.83 -10.13
C VAL A 559 31.17 -37.09 -9.05
N LEU A 560 31.59 -37.47 -7.84
CA LEU A 560 30.66 -37.53 -6.72
C LEU A 560 30.22 -36.14 -6.32
N THR A 561 31.13 -35.15 -6.41
CA THR A 561 30.77 -33.76 -6.19
C THR A 561 29.83 -33.27 -7.29
N LEU A 562 30.05 -33.71 -8.53
CA LEU A 562 29.17 -33.34 -9.62
C LEU A 562 27.77 -33.94 -9.45
N ALA A 563 27.70 -35.18 -8.97
CA ALA A 563 26.41 -35.81 -8.72
C ALA A 563 25.70 -35.19 -7.53
N ILE A 564 26.45 -34.78 -6.51
CA ILE A 564 25.85 -34.09 -5.37
C ILE A 564 25.36 -32.70 -5.79
N TRP A 565 26.04 -32.08 -6.75
CA TRP A 565 25.55 -30.83 -7.31
C TRP A 565 24.34 -31.05 -8.20
N GLN A 566 24.21 -32.23 -8.80
CA GLN A 566 23.05 -32.54 -9.63
C GLN A 566 21.83 -33.00 -8.83
N ILE A 567 22.03 -33.52 -7.61
CA ILE A 567 20.91 -34.09 -6.87
C ILE A 567 20.05 -33.00 -6.23
N VAL A 568 20.68 -32.07 -5.50
CA VAL A 568 19.91 -31.14 -4.70
C VAL A 568 19.56 -29.84 -5.43
N ASP A 569 20.41 -29.37 -6.35
CA ASP A 569 20.10 -28.20 -7.19
C ASP A 569 20.90 -28.28 -8.48
N PRO A 570 20.40 -29.01 -9.47
CA PRO A 570 21.17 -29.21 -10.71
C PRO A 570 21.23 -27.99 -11.63
N LEU A 571 20.11 -27.29 -11.82
CA LEU A 571 20.01 -26.38 -12.95
C LEU A 571 19.01 -25.27 -12.66
N HIS A 572 19.13 -24.20 -13.44
CA HIS A 572 18.24 -23.03 -13.45
C HIS A 572 18.60 -22.18 -14.65
N ARG A 573 17.58 -21.57 -15.25
CA ARG A 573 17.75 -20.61 -16.34
C ARG A 573 17.19 -19.29 -15.85
N THR A 574 18.05 -18.45 -15.26
CA THR A 574 17.60 -17.20 -14.70
C THR A 574 17.60 -16.10 -15.74
N ILE A 575 17.00 -14.98 -15.38
CA ILE A 575 16.90 -13.81 -16.24
C ILE A 575 17.37 -12.60 -15.45
N GLU A 576 18.37 -11.89 -15.97
CA GLU A 576 18.83 -10.66 -15.36
C GLU A 576 18.31 -9.47 -16.17
N THR A 577 17.97 -8.40 -15.45
CA THR A 577 17.37 -7.22 -16.05
C THR A 577 18.25 -6.01 -15.83
N PHE A 578 19.54 -6.15 -16.17
CA PHE A 578 20.62 -5.29 -15.70
C PHE A 578 20.46 -3.81 -16.09
N ALA A 579 19.72 -3.51 -17.14
CA ALA A 579 19.62 -2.13 -17.62
C ALA A 579 18.26 -1.53 -17.27
N LYS A 580 18.18 -0.21 -17.44
CA LYS A 580 16.97 0.53 -17.18
C LYS A 580 16.07 0.49 -18.42
N GLU A 581 14.77 0.42 -18.19
CA GLU A 581 13.79 0.48 -19.27
C GLU A 581 13.78 1.86 -19.93
N GLU A 582 13.34 1.86 -21.20
CA GLU A 582 13.24 3.01 -22.09
C GLU A 582 14.54 3.82 -22.22
N PRO A 583 15.55 3.33 -22.93
CA PRO A 583 16.60 4.24 -23.38
C PRO A 583 16.35 4.81 -24.77
N LYS A 584 15.30 4.35 -25.46
CA LYS A 584 14.95 4.77 -26.80
C LYS A 584 14.49 6.23 -26.79
N GLU A 585 14.61 6.91 -27.93
CA GLU A 585 14.53 8.37 -27.99
C GLU A 585 13.19 8.91 -28.48
N ASP A 586 12.43 8.14 -29.26
CA ASP A 586 11.28 8.74 -29.93
C ASP A 586 9.97 7.99 -29.71
N ILE A 587 10.04 6.69 -29.44
CA ILE A 587 8.84 5.87 -29.27
C ILE A 587 8.63 5.63 -27.79
N ASP A 588 7.37 5.58 -27.37
CA ASP A 588 7.04 5.38 -25.96
C ASP A 588 6.81 3.91 -25.65
N VAL A 589 7.75 3.07 -26.07
CA VAL A 589 7.73 1.64 -25.76
C VAL A 589 9.02 1.33 -25.04
N SER A 590 8.93 1.00 -23.76
CA SER A 590 10.12 0.91 -22.92
C SER A 590 10.90 -0.36 -23.23
N ILE A 591 12.18 -0.20 -23.54
CA ILE A 591 13.05 -1.31 -23.92
C ILE A 591 13.70 -1.86 -22.64
N LEU A 592 13.35 -3.09 -22.27
CA LEU A 592 13.97 -3.72 -21.11
C LEU A 592 14.94 -4.78 -21.59
N PRO A 593 16.25 -4.54 -21.48
CA PRO A 593 17.24 -5.54 -21.92
C PRO A 593 17.47 -6.58 -20.84
N GLN A 594 17.18 -7.84 -21.15
CA GLN A 594 17.35 -8.95 -20.21
C GLN A 594 18.31 -9.97 -20.78
N LEU A 595 19.19 -10.48 -19.92
CA LEU A 595 20.19 -11.45 -20.30
C LEU A 595 19.97 -12.75 -19.52
N GLU A 596 20.78 -13.75 -19.82
CA GLU A 596 20.64 -15.06 -19.22
C GLU A 596 22.01 -15.71 -19.07
N HIS A 597 22.23 -16.30 -17.90
CA HIS A 597 23.36 -17.20 -17.68
C HIS A 597 22.84 -18.39 -16.89
N CYS A 598 23.29 -19.59 -17.27
CA CYS A 598 22.78 -20.80 -16.61
C CYS A 598 23.32 -20.88 -15.20
N SER A 599 22.43 -21.12 -14.24
CA SER A 599 22.73 -20.94 -12.83
C SER A 599 22.01 -22.03 -12.05
N SER A 600 21.87 -21.83 -10.74
CA SER A 600 21.22 -22.81 -9.87
C SER A 600 20.42 -22.07 -8.82
N ARG A 601 20.03 -22.78 -7.76
CA ARG A 601 19.31 -22.14 -6.65
C ARG A 601 20.25 -21.24 -5.86
N LYS A 602 21.30 -21.82 -5.28
CA LYS A 602 22.36 -21.06 -4.60
C LYS A 602 23.69 -21.64 -5.08
N MET A 603 24.23 -21.03 -6.14
CA MET A 603 25.40 -21.56 -6.82
C MET A 603 26.69 -20.81 -6.54
N ASN A 604 26.60 -19.63 -5.92
CA ASN A 604 27.77 -18.76 -5.80
C ASN A 604 28.77 -19.33 -4.80
N THR A 605 28.30 -19.70 -3.61
CA THR A 605 29.17 -20.32 -2.61
C THR A 605 29.63 -21.70 -3.06
N TRP A 606 28.80 -22.41 -3.83
CA TRP A 606 29.18 -23.71 -4.35
C TRP A 606 30.34 -23.61 -5.33
N LEU A 607 30.24 -22.68 -6.30
CA LEU A 607 31.31 -22.48 -7.26
C LEU A 607 32.55 -21.89 -6.60
N GLY A 608 32.37 -21.08 -5.55
CA GLY A 608 33.51 -20.62 -4.79
C GLY A 608 34.24 -21.75 -4.08
N ILE A 609 33.49 -22.69 -3.52
CA ILE A 609 34.08 -23.85 -2.86
C ILE A 609 34.81 -24.74 -3.87
N PHE A 610 34.23 -24.89 -5.06
CA PHE A 610 34.87 -25.73 -6.07
C PHE A 610 36.13 -25.08 -6.63
N TYR A 611 36.09 -23.75 -6.80
CA TYR A 611 37.29 -23.02 -7.20
C TYR A 611 38.37 -23.11 -6.13
N GLY A 612 37.97 -23.09 -4.85
CA GLY A 612 38.93 -23.24 -3.78
C GLY A 612 39.57 -24.63 -3.75
N TYR A 613 38.77 -25.66 -4.06
CA TYR A 613 39.28 -27.03 -4.08
C TYR A 613 40.28 -27.23 -5.23
N LYS A 614 39.91 -26.77 -6.42
CA LYS A 614 40.82 -26.88 -7.56
C LYS A 614 42.04 -25.98 -7.39
N GLY A 615 41.89 -24.84 -6.73
CA GLY A 615 43.04 -24.02 -6.40
C GLY A 615 43.95 -24.66 -5.37
N LEU A 616 43.37 -25.45 -4.46
CA LEU A 616 44.18 -26.21 -3.50
C LEU A 616 45.08 -27.21 -4.20
N LEU A 617 44.49 -28.01 -5.10
CA LEU A 617 45.31 -28.95 -5.88
C LEU A 617 46.32 -28.23 -6.76
N LEU A 618 45.94 -27.07 -7.31
CA LEU A 618 46.83 -26.39 -8.24
C LEU A 618 48.00 -25.72 -7.50
N LEU A 619 47.76 -25.18 -6.31
CA LEU A 619 48.87 -24.64 -5.53
C LEU A 619 49.75 -25.74 -4.96
N LEU A 620 49.17 -26.91 -4.64
CA LEU A 620 49.99 -28.06 -4.26
C LEU A 620 50.93 -28.47 -5.39
N GLY A 621 50.41 -28.48 -6.62
CA GLY A 621 51.24 -28.77 -7.77
C GLY A 621 52.31 -27.71 -8.02
N ILE A 622 51.95 -26.43 -7.87
CA ILE A 622 52.93 -25.38 -8.15
C ILE A 622 54.00 -25.30 -7.06
N PHE A 623 53.71 -25.79 -5.85
CA PHE A 623 54.78 -25.86 -4.87
C PHE A 623 55.68 -27.07 -5.10
N LEU A 624 55.08 -28.22 -5.44
CA LEU A 624 55.90 -29.39 -5.70
C LEU A 624 56.76 -29.23 -6.95
N ALA A 625 56.32 -28.41 -7.89
CA ALA A 625 57.10 -28.20 -9.11
C ALA A 625 58.37 -27.40 -8.82
N TYR A 626 58.29 -26.44 -7.91
CA TYR A 626 59.51 -25.79 -7.45
C TYR A 626 60.31 -26.70 -6.51
N GLU A 627 59.63 -27.66 -5.87
CA GLU A 627 60.32 -28.57 -4.96
C GLU A 627 61.25 -29.51 -5.71
N THR A 628 60.72 -30.31 -6.64
CA THR A 628 61.52 -31.34 -7.30
C THR A 628 62.08 -30.85 -8.64
N LYS A 629 62.50 -29.59 -8.68
CA LYS A 629 62.95 -28.95 -9.90
C LYS A 629 64.22 -29.59 -10.48
N SER A 630 65.04 -30.23 -9.65
CA SER A 630 66.27 -30.86 -10.11
C SER A 630 66.36 -32.27 -9.50
N VAL A 631 66.02 -33.27 -10.31
CA VAL A 631 66.12 -34.67 -9.89
C VAL A 631 66.50 -35.51 -11.10
N SER A 632 66.62 -36.82 -10.90
CA SER A 632 66.88 -37.75 -11.99
C SER A 632 66.32 -39.11 -11.61
N THR A 633 65.58 -39.73 -12.53
CA THR A 633 64.92 -41.00 -12.24
C THR A 633 64.88 -41.82 -13.52
N GLU A 634 64.04 -42.85 -13.54
CA GLU A 634 63.87 -43.65 -14.76
C GLU A 634 63.13 -42.87 -15.83
N LYS A 635 62.15 -42.07 -15.43
CA LYS A 635 61.46 -41.16 -16.36
C LYS A 635 62.10 -39.77 -16.30
N ILE A 636 63.38 -39.74 -16.66
CA ILE A 636 64.20 -38.55 -16.44
C ILE A 636 63.89 -37.46 -17.47
N ASN A 637 63.51 -37.82 -18.69
CA ASN A 637 63.33 -36.82 -19.74
C ASN A 637 61.92 -36.26 -19.78
N ASP A 638 61.38 -35.83 -18.63
CA ASP A 638 60.05 -35.23 -18.59
C ASP A 638 59.92 -34.00 -17.70
N HIS A 639 60.79 -33.80 -16.70
CA HIS A 639 60.45 -32.96 -15.57
C HIS A 639 60.52 -31.48 -15.87
N ARG A 640 61.46 -31.04 -16.70
CA ARG A 640 61.59 -29.61 -16.99
C ARG A 640 60.40 -29.10 -17.79
N ALA A 641 59.98 -29.86 -18.81
CA ALA A 641 58.84 -29.45 -19.61
C ALA A 641 57.54 -29.58 -18.85
N VAL A 642 57.41 -30.65 -18.03
CA VAL A 642 56.21 -30.82 -17.22
C VAL A 642 56.08 -29.68 -16.21
N GLY A 643 57.20 -29.28 -15.61
CA GLY A 643 57.17 -28.17 -14.67
C GLY A 643 56.87 -26.84 -15.33
N MET A 644 57.41 -26.61 -16.54
CA MET A 644 57.11 -25.35 -17.22
C MET A 644 55.66 -25.28 -17.67
N ALA A 645 55.09 -26.42 -18.08
CA ALA A 645 53.67 -26.46 -18.40
C ALA A 645 52.80 -26.22 -17.18
N ILE A 646 53.22 -26.75 -16.03
CA ILE A 646 52.50 -26.51 -14.76
C ILE A 646 52.57 -25.02 -14.41
N TYR A 647 53.75 -24.42 -14.57
CA TYR A 647 53.92 -23.00 -14.28
C TYR A 647 53.09 -22.12 -15.20
N ASN A 648 52.81 -22.57 -16.42
CA ASN A 648 51.95 -21.77 -17.27
C ASN A 648 50.47 -21.96 -16.93
N VAL A 649 50.05 -23.22 -16.74
CA VAL A 649 48.62 -23.49 -16.56
C VAL A 649 48.12 -22.96 -15.22
N ALA A 650 49.00 -22.91 -14.21
CA ALA A 650 48.58 -22.43 -12.90
C ALA A 650 48.32 -20.94 -12.91
N VAL A 651 49.24 -20.16 -13.51
CA VAL A 651 49.04 -18.72 -13.54
C VAL A 651 47.91 -18.37 -14.50
N LEU A 652 47.68 -19.18 -15.53
CA LEU A 652 46.55 -18.91 -16.43
C LEU A 652 45.21 -19.12 -15.72
N CYS A 653 45.04 -20.26 -15.07
CA CYS A 653 43.78 -20.55 -14.39
C CYS A 653 43.54 -19.62 -13.21
N LEU A 654 44.60 -19.23 -12.48
CA LEU A 654 44.40 -18.33 -11.37
C LEU A 654 44.18 -16.89 -11.80
N ILE A 655 44.75 -16.46 -12.94
CA ILE A 655 44.48 -15.11 -13.39
C ILE A 655 43.15 -15.01 -14.11
N THR A 656 42.55 -16.14 -14.53
CA THR A 656 41.30 -16.06 -15.25
C THR A 656 40.10 -16.64 -14.52
N ALA A 657 40.27 -17.21 -13.33
CA ALA A 657 39.11 -17.57 -12.52
C ALA A 657 38.26 -16.38 -12.06
N PRO A 658 38.79 -15.27 -11.52
CA PRO A 658 37.87 -14.22 -11.06
C PRO A 658 37.20 -13.44 -12.18
N VAL A 659 37.88 -13.24 -13.31
CA VAL A 659 37.28 -12.45 -14.38
C VAL A 659 36.21 -13.21 -15.14
N THR A 660 36.08 -14.52 -14.95
CA THR A 660 34.89 -15.22 -15.37
C THR A 660 33.95 -15.50 -14.22
N MET A 661 34.39 -15.32 -12.98
CA MET A 661 33.47 -15.49 -11.86
C MET A 661 32.59 -14.28 -11.66
N ILE A 662 33.17 -13.08 -11.71
CA ILE A 662 32.45 -11.87 -11.32
C ILE A 662 31.91 -11.07 -12.50
N LEU A 663 32.21 -11.46 -13.72
CA LEU A 663 31.75 -10.72 -14.89
C LEU A 663 30.43 -11.27 -15.40
N SER A 664 29.67 -10.41 -16.06
CA SER A 664 28.46 -10.83 -16.75
C SER A 664 28.26 -10.20 -18.13
N SER A 665 29.01 -9.15 -18.48
CA SER A 665 28.90 -8.53 -19.80
C SER A 665 29.78 -9.32 -20.75
N GLN A 666 29.15 -10.23 -21.51
CA GLN A 666 29.86 -11.23 -22.30
C GLN A 666 30.31 -10.72 -23.66
N GLN A 667 30.23 -9.42 -23.97
CA GLN A 667 30.42 -8.97 -25.34
C GLN A 667 31.87 -9.08 -25.79
N ASP A 668 32.80 -8.57 -25.00
CA ASP A 668 34.21 -8.64 -25.39
C ASP A 668 35.09 -8.98 -24.19
N ALA A 669 34.48 -9.27 -23.05
CA ALA A 669 35.23 -9.49 -21.82
C ALA A 669 35.12 -10.91 -21.28
N ALA A 670 33.91 -11.38 -20.97
CA ALA A 670 33.74 -12.61 -20.20
C ALA A 670 34.09 -13.86 -21.01
N PHE A 671 33.35 -14.08 -22.10
CA PHE A 671 33.59 -15.24 -22.94
C PHE A 671 34.93 -15.15 -23.64
N ALA A 672 35.37 -13.93 -23.94
CA ALA A 672 36.67 -13.73 -24.58
C ALA A 672 37.82 -14.14 -23.65
N PHE A 673 37.77 -13.68 -22.39
CA PHE A 673 38.80 -14.02 -21.43
C PHE A 673 38.78 -15.50 -21.09
N ALA A 674 37.59 -16.08 -20.93
CA ALA A 674 37.48 -17.48 -20.59
C ALA A 674 37.96 -18.38 -21.71
N SER A 675 37.55 -18.09 -22.95
CA SER A 675 37.97 -18.91 -24.09
C SER A 675 39.46 -18.76 -24.37
N LEU A 676 39.98 -17.54 -24.27
CA LEU A 676 41.42 -17.30 -24.41
C LEU A 676 42.20 -18.12 -23.39
N ALA A 677 41.71 -18.15 -22.14
CA ALA A 677 42.35 -18.92 -21.09
C ALA A 677 42.39 -20.41 -21.42
N ILE A 678 41.23 -21.00 -21.75
CA ILE A 678 41.18 -22.46 -21.88
C ILE A 678 41.91 -22.93 -23.13
N VAL A 679 41.74 -22.22 -24.26
CA VAL A 679 42.36 -22.72 -25.48
C VAL A 679 43.85 -22.38 -25.49
N PHE A 680 44.27 -21.28 -24.85
CA PHE A 680 45.68 -20.98 -24.75
C PHE A 680 46.37 -21.95 -23.81
N SER A 681 45.65 -22.37 -22.76
CA SER A 681 46.19 -23.37 -21.83
C SER A 681 46.45 -24.69 -22.53
N SER A 682 45.41 -25.27 -23.14
CA SER A 682 45.58 -26.59 -23.76
C SER A 682 46.53 -26.54 -24.96
N TYR A 683 46.41 -25.48 -25.78
CA TYR A 683 47.28 -25.27 -26.94
C TYR A 683 48.75 -25.18 -26.53
N ILE A 684 49.07 -24.27 -25.59
CA ILE A 684 50.46 -24.00 -25.26
C ILE A 684 51.06 -25.14 -24.46
N THR A 685 50.29 -25.78 -23.57
CA THR A 685 50.82 -26.91 -22.82
C THR A 685 51.10 -28.11 -23.73
N LEU A 686 50.26 -28.38 -24.73
CA LEU A 686 50.58 -29.49 -25.61
C LEU A 686 51.72 -29.16 -26.56
N VAL A 687 51.77 -27.92 -27.07
CA VAL A 687 52.81 -27.55 -28.02
C VAL A 687 54.15 -27.32 -27.34
N VAL A 688 54.18 -27.22 -26.01
CA VAL A 688 55.43 -27.26 -25.28
C VAL A 688 55.78 -28.68 -24.84
N LEU A 689 54.80 -29.49 -24.42
CA LEU A 689 55.07 -30.81 -23.90
C LEU A 689 55.42 -31.82 -24.99
N PHE A 690 55.11 -31.55 -26.26
CA PHE A 690 55.52 -32.49 -27.31
C PHE A 690 56.60 -31.97 -28.25
N VAL A 691 57.25 -30.83 -27.97
CA VAL A 691 58.41 -30.43 -28.77
C VAL A 691 59.62 -31.36 -28.59
N PRO A 692 60.11 -31.66 -27.36
CA PRO A 692 61.35 -32.44 -27.29
C PRO A 692 61.20 -33.92 -27.63
N LYS A 693 59.97 -34.44 -27.72
CA LYS A 693 59.82 -35.87 -27.95
C LYS A 693 59.96 -36.21 -29.43
N MET A 694 59.05 -35.69 -30.26
CA MET A 694 59.03 -36.11 -31.66
C MET A 694 60.10 -35.44 -32.50
N ARG A 695 60.59 -34.26 -32.09
CA ARG A 695 61.66 -33.60 -32.82
C ARG A 695 63.00 -34.30 -32.61
N ARG A 696 63.28 -34.73 -31.38
CA ARG A 696 64.49 -35.46 -31.08
C ARG A 696 64.36 -36.97 -31.31
N LEU A 697 63.15 -37.47 -31.54
CA LEU A 697 63.01 -38.87 -31.95
C LEU A 697 63.50 -39.06 -33.39
N ILE A 698 63.29 -38.07 -34.24
CA ILE A 698 63.68 -38.17 -35.64
C ILE A 698 64.66 -37.07 -36.02
N THR A 699 65.30 -36.46 -35.01
CA THR A 699 66.34 -35.49 -35.27
C THR A 699 67.67 -36.18 -35.54
N SER B 13 -63.84 26.19 27.41
CA SER B 13 -62.55 26.84 27.14
C SER B 13 -62.17 26.74 25.67
N PRO B 14 -61.67 27.84 25.11
CA PRO B 14 -61.23 27.81 23.71
C PRO B 14 -59.95 27.01 23.58
N PRO B 15 -59.89 26.08 22.63
CA PRO B 15 -58.72 25.22 22.53
C PRO B 15 -57.59 25.85 21.73
N LEU B 16 -56.37 25.52 22.15
CA LEU B 16 -55.17 25.81 21.38
C LEU B 16 -54.75 24.50 20.73
N SER B 17 -54.87 24.44 19.41
CA SER B 17 -54.67 23.18 18.71
C SER B 17 -53.20 22.95 18.40
N ILE B 18 -52.79 21.68 18.46
CA ILE B 18 -51.44 21.28 18.11
C ILE B 18 -51.54 19.92 17.43
N MET B 19 -50.52 19.59 16.64
CA MET B 19 -50.56 18.39 15.80
C MET B 19 -49.32 17.56 16.03
N GLY B 20 -49.52 16.27 16.26
CA GLY B 20 -48.43 15.32 16.38
C GLY B 20 -48.40 14.42 15.17
N LEU B 21 -47.20 14.18 14.66
CA LEU B 21 -46.99 13.39 13.45
C LEU B 21 -46.22 12.14 13.87
N MET B 22 -46.95 11.10 14.25
CA MET B 22 -46.30 9.97 14.87
C MET B 22 -46.68 8.67 14.20
N PRO B 23 -45.76 7.71 14.11
CA PRO B 23 -46.12 6.36 13.63
C PRO B 23 -46.97 5.65 14.67
N LEU B 24 -48.21 5.34 14.29
CA LEU B 24 -49.15 4.71 15.20
C LEU B 24 -49.51 3.29 14.80
N THR B 25 -48.93 2.77 13.71
CA THR B 25 -49.35 1.49 13.16
C THR B 25 -48.63 0.35 13.86
N LYS B 26 -48.95 -0.89 13.47
CA LYS B 26 -48.28 -2.07 13.96
C LYS B 26 -47.31 -2.67 12.95
N GLU B 27 -47.27 -2.16 11.73
CA GLU B 27 -46.34 -2.69 10.73
C GLU B 27 -44.95 -2.11 10.92
N VAL B 28 -44.84 -0.78 10.89
CA VAL B 28 -43.55 -0.12 10.97
C VAL B 28 -43.04 -0.18 12.40
N ALA B 29 -41.74 -0.47 12.56
CA ALA B 29 -41.12 -0.58 13.87
C ALA B 29 -41.11 0.73 14.64
N LYS B 30 -41.23 1.86 13.94
CA LYS B 30 -41.35 3.16 14.61
C LYS B 30 -42.73 3.35 15.24
N GLY B 31 -43.70 2.49 14.91
CA GLY B 31 -44.95 2.47 15.64
C GLY B 31 -44.77 2.10 17.09
N SER B 32 -43.75 1.27 17.39
CA SER B 32 -43.39 1.02 18.78
C SER B 32 -42.87 2.27 19.46
N ILE B 33 -42.14 3.11 18.72
CA ILE B 33 -41.63 4.36 19.27
C ILE B 33 -42.78 5.31 19.57
N GLY B 34 -43.75 5.41 18.65
CA GLY B 34 -44.90 6.26 18.90
C GLY B 34 -45.78 5.76 20.03
N ARG B 35 -45.97 4.44 20.11
CA ARG B 35 -46.75 3.87 21.20
C ARG B 35 -46.02 3.98 22.53
N GLY B 36 -44.69 4.03 22.51
CA GLY B 36 -43.95 4.27 23.74
C GLY B 36 -43.98 5.71 24.19
N VAL B 37 -44.01 6.65 23.25
CA VAL B 37 -43.98 8.06 23.64
C VAL B 37 -45.36 8.67 23.84
N LEU B 38 -46.44 8.00 23.43
CA LEU B 38 -47.75 8.55 23.77
C LEU B 38 -48.14 8.58 25.26
N PRO B 39 -47.75 7.63 26.15
CA PRO B 39 -48.13 7.80 27.56
C PRO B 39 -47.49 8.98 28.24
N ALA B 40 -46.24 9.31 27.90
CA ALA B 40 -45.58 10.45 28.52
C ALA B 40 -46.24 11.76 28.11
N VAL B 41 -46.66 11.88 26.85
CA VAL B 41 -47.25 13.14 26.45
C VAL B 41 -48.69 13.25 26.92
N GLU B 42 -49.41 12.12 27.07
CA GLU B 42 -50.74 12.26 27.67
C GLU B 42 -50.65 12.55 29.17
N LEU B 43 -49.61 12.04 29.83
CA LEU B 43 -49.37 12.42 31.22
C LEU B 43 -49.03 13.90 31.35
N ALA B 44 -48.21 14.41 30.42
CA ALA B 44 -47.88 15.83 30.43
C ALA B 44 -49.10 16.69 30.17
N ILE B 45 -49.96 16.27 29.24
CA ILE B 45 -51.12 17.09 28.94
C ILE B 45 -52.17 17.00 30.03
N GLU B 46 -52.26 15.88 30.77
CA GLU B 46 -53.21 15.86 31.87
C GLU B 46 -52.67 16.61 33.08
N GLN B 47 -51.35 16.66 33.26
CA GLN B 47 -50.80 17.51 34.31
C GLN B 47 -50.99 18.99 33.99
N ILE B 48 -50.84 19.36 32.72
CA ILE B 48 -51.11 20.74 32.30
C ILE B 48 -52.60 21.05 32.44
N ARG B 49 -53.47 20.07 32.26
CA ARG B 49 -54.88 20.25 32.57
C ARG B 49 -55.13 20.38 34.07
N ASN B 50 -54.34 19.71 34.91
CA ASN B 50 -54.49 19.86 36.36
C ASN B 50 -54.11 21.25 36.81
N GLU B 51 -52.92 21.71 36.43
CA GLU B 51 -52.51 23.06 36.79
C GLU B 51 -53.25 24.07 35.91
N SER B 52 -53.17 25.35 36.30
CA SER B 52 -53.80 26.37 35.48
C SER B 52 -52.99 26.62 34.22
N LEU B 53 -51.80 27.20 34.38
CA LEU B 53 -50.76 27.39 33.36
C LEU B 53 -51.20 28.21 32.14
N LEU B 54 -52.41 28.76 32.15
CA LEU B 54 -53.06 29.33 30.97
C LEU B 54 -54.12 30.30 31.43
N ARG B 55 -54.64 31.09 30.49
CA ARG B 55 -55.64 32.09 30.82
C ARG B 55 -56.49 32.45 29.62
N PRO B 56 -57.66 31.81 29.44
CA PRO B 56 -58.15 30.65 30.18
C PRO B 56 -58.24 29.42 29.29
N TYR B 57 -57.32 29.33 28.32
CA TYR B 57 -57.40 28.32 27.27
C TYR B 57 -57.05 26.94 27.80
N PHE B 58 -57.15 25.95 26.92
CA PHE B 58 -56.64 24.61 27.19
C PHE B 58 -56.08 24.03 25.91
N LEU B 59 -55.07 23.19 26.06
CA LEU B 59 -54.36 22.66 24.90
C LEU B 59 -55.06 21.42 24.36
N ASP B 60 -54.97 21.23 23.05
CA ASP B 60 -55.51 20.05 22.40
C ASP B 60 -54.47 19.52 21.43
N LEU B 61 -54.36 18.20 21.36
CA LEU B 61 -53.39 17.53 20.49
C LEU B 61 -54.11 16.59 19.56
N ARG B 62 -53.79 16.68 18.26
CA ARG B 62 -54.39 15.84 17.23
C ARG B 62 -53.29 14.95 16.66
N LEU B 63 -53.49 13.65 16.75
CA LEU B 63 -52.49 12.70 16.27
C LEU B 63 -52.70 12.41 14.79
N TYR B 64 -51.60 12.18 14.08
CA TYR B 64 -51.64 11.88 12.65
C TYR B 64 -50.61 10.80 12.34
N ASP B 65 -51.06 9.71 11.73
CA ASP B 65 -50.20 8.58 11.44
C ASP B 65 -49.39 8.85 10.19
N THR B 66 -48.09 8.58 10.26
CA THR B 66 -47.18 8.87 9.16
C THR B 66 -46.55 7.64 8.55
N GLU B 67 -46.09 6.71 9.39
CA GLU B 67 -45.27 5.52 9.06
C GLU B 67 -43.91 5.87 8.48
N CYS B 68 -43.54 7.16 8.50
CA CYS B 68 -42.33 7.78 7.97
C CYS B 68 -41.95 7.32 6.56
N ASP B 69 -42.94 7.01 5.74
CA ASP B 69 -42.78 7.06 4.29
C ASP B 69 -43.03 8.48 3.85
N ASN B 70 -42.27 8.93 2.84
CA ASN B 70 -42.28 10.34 2.47
C ASN B 70 -43.61 10.74 1.84
N ALA B 71 -44.13 9.92 0.94
CA ALA B 71 -45.38 10.25 0.25
C ALA B 71 -46.56 10.22 1.20
N LYS B 72 -46.63 9.17 2.03
CA LYS B 72 -47.72 9.05 2.98
C LYS B 72 -47.65 10.15 4.04
N GLY B 73 -46.43 10.51 4.47
CA GLY B 73 -46.29 11.57 5.45
C GLY B 73 -46.66 12.92 4.91
N LEU B 74 -46.27 13.22 3.66
CA LEU B 74 -46.66 14.49 3.07
C LEU B 74 -48.16 14.53 2.78
N LYS B 75 -48.76 13.38 2.44
CA LYS B 75 -50.20 13.35 2.22
C LYS B 75 -50.96 13.57 3.52
N ALA B 76 -50.51 12.96 4.61
CA ALA B 76 -51.16 13.17 5.90
C ALA B 76 -50.94 14.59 6.40
N PHE B 77 -49.78 15.18 6.09
CA PHE B 77 -49.51 16.57 6.44
C PHE B 77 -50.44 17.51 5.68
N TYR B 78 -50.66 17.24 4.40
CA TYR B 78 -51.59 18.05 3.62
C TYR B 78 -53.01 17.89 4.10
N ASP B 79 -53.40 16.66 4.47
CA ASP B 79 -54.74 16.42 4.99
C ASP B 79 -54.97 17.13 6.32
N ALA B 80 -53.96 17.12 7.20
CA ALA B 80 -54.07 17.82 8.47
C ALA B 80 -54.14 19.33 8.28
N ILE B 81 -53.37 19.86 7.31
CA ILE B 81 -53.41 21.30 7.04
C ILE B 81 -54.77 21.70 6.48
N LYS B 82 -55.29 20.91 5.54
CA LYS B 82 -56.53 21.29 4.87
C LYS B 82 -57.75 21.10 5.76
N TYR B 83 -57.74 20.08 6.61
CA TYR B 83 -58.95 19.72 7.34
C TYR B 83 -58.93 20.14 8.81
N GLY B 84 -57.77 20.26 9.43
CA GLY B 84 -57.71 20.60 10.84
C GLY B 84 -57.95 22.07 11.07
N PRO B 85 -58.02 22.46 12.34
CA PRO B 85 -58.23 23.87 12.69
C PRO B 85 -56.96 24.69 12.51
N ASN B 86 -57.02 25.95 12.96
CA ASN B 86 -55.88 26.84 12.83
C ASN B 86 -54.78 26.43 13.80
N HIS B 87 -53.90 25.53 13.36
CA HIS B 87 -52.79 25.07 14.19
C HIS B 87 -51.78 26.19 14.40
N LEU B 88 -50.98 26.05 15.46
CA LEU B 88 -50.00 27.08 15.80
C LEU B 88 -48.58 26.58 15.60
N MET B 89 -48.19 25.48 16.25
CA MET B 89 -46.94 24.81 15.94
C MET B 89 -47.26 23.43 15.37
N VAL B 90 -46.19 22.69 15.10
CA VAL B 90 -46.28 21.32 14.65
C VAL B 90 -45.26 20.52 15.46
N PHE B 91 -45.58 19.25 15.73
CA PHE B 91 -44.86 18.49 16.73
C PHE B 91 -44.61 17.07 16.22
N GLY B 92 -43.44 16.54 16.53
CA GLY B 92 -43.16 15.14 16.30
C GLY B 92 -42.24 14.89 15.12
N GLY B 93 -42.42 13.72 14.52
CA GLY B 93 -41.60 13.26 13.41
C GLY B 93 -40.38 12.53 13.90
N VAL B 94 -40.18 11.27 13.45
CA VAL B 94 -39.08 10.45 13.93
C VAL B 94 -38.12 10.05 12.80
N CYS B 95 -38.63 9.75 11.60
CA CYS B 95 -37.73 9.32 10.54
C CYS B 95 -37.12 10.54 9.85
N PRO B 96 -35.81 10.52 9.58
CA PRO B 96 -35.10 11.76 9.24
C PRO B 96 -35.51 12.38 7.92
N SER B 97 -35.90 11.58 6.93
CA SER B 97 -36.31 12.15 5.65
C SER B 97 -37.64 12.89 5.77
N VAL B 98 -38.62 12.25 6.42
CA VAL B 98 -39.92 12.88 6.57
C VAL B 98 -39.92 13.98 7.63
N THR B 99 -38.87 14.06 8.45
CA THR B 99 -38.69 15.31 9.20
C THR B 99 -38.03 16.38 8.35
N SER B 100 -37.07 15.99 7.50
CA SER B 100 -36.24 16.95 6.80
C SER B 100 -37.05 17.72 5.76
N ILE B 101 -37.94 17.03 5.04
CA ILE B 101 -38.68 17.71 3.99
C ILE B 101 -39.71 18.68 4.59
N ILE B 102 -40.31 18.31 5.72
CA ILE B 102 -41.28 19.20 6.34
C ILE B 102 -40.59 20.36 7.02
N ALA B 103 -39.41 20.11 7.59
CA ALA B 103 -38.65 21.20 8.21
C ALA B 103 -38.11 22.17 7.15
N GLU B 104 -37.85 21.67 5.94
CA GLU B 104 -37.50 22.58 4.85
C GLU B 104 -38.73 23.38 4.42
N SER B 105 -39.88 22.73 4.33
CA SER B 105 -41.11 23.40 3.89
C SER B 105 -41.76 24.24 4.97
N LEU B 106 -41.19 24.30 6.17
CA LEU B 106 -41.90 24.86 7.32
C LEU B 106 -42.07 26.37 7.22
N GLN B 107 -41.18 27.06 6.51
CA GLN B 107 -41.19 28.52 6.48
C GLN B 107 -42.35 29.10 5.69
N GLY B 108 -43.11 28.27 4.98
CA GLY B 108 -44.26 28.75 4.23
C GLY B 108 -45.38 29.23 5.12
N TRP B 109 -45.89 28.34 5.98
CA TRP B 109 -46.96 28.71 6.89
C TRP B 109 -46.46 29.40 8.15
N ASN B 110 -45.14 29.53 8.31
CA ASN B 110 -44.48 30.16 9.46
C ASN B 110 -44.87 29.47 10.77
N LEU B 111 -44.50 28.20 10.88
CA LEU B 111 -44.76 27.39 12.06
C LEU B 111 -43.43 26.92 12.64
N VAL B 112 -43.50 26.23 13.78
CA VAL B 112 -42.31 25.75 14.48
C VAL B 112 -42.47 24.24 14.68
N GLN B 113 -41.42 23.48 14.37
CA GLN B 113 -41.41 22.03 14.50
C GLN B 113 -40.50 21.65 15.66
N LEU B 114 -41.07 20.96 16.65
CA LEU B 114 -40.30 20.41 17.77
C LEU B 114 -40.24 18.90 17.64
N SER B 115 -39.04 18.36 17.50
CA SER B 115 -38.84 16.93 17.36
C SER B 115 -38.24 16.37 18.65
N PHE B 116 -38.30 15.04 18.76
CA PHE B 116 -37.65 14.36 19.87
C PHE B 116 -36.94 13.09 19.44
N ALA B 117 -36.84 12.83 18.13
CA ALA B 117 -36.08 11.69 17.65
C ALA B 117 -35.25 12.01 16.42
N ALA B 118 -35.23 13.26 15.98
CA ALA B 118 -34.39 13.66 14.85
C ALA B 118 -32.93 13.59 15.26
N THR B 119 -32.23 12.57 14.79
CA THR B 119 -30.88 12.33 15.25
C THR B 119 -29.94 12.42 14.04
N THR B 120 -30.14 13.45 13.23
CA THR B 120 -29.26 13.67 12.10
C THR B 120 -28.68 15.06 12.16
N PRO B 121 -27.36 15.19 11.94
CA PRO B 121 -26.72 16.51 12.05
C PRO B 121 -26.99 17.42 10.87
N VAL B 122 -27.63 16.92 9.81
CA VAL B 122 -27.94 17.74 8.65
C VAL B 122 -28.99 18.80 8.97
N LEU B 123 -29.70 18.65 10.08
CA LEU B 123 -30.60 19.68 10.60
C LEU B 123 -29.86 20.70 11.46
N ALA B 124 -28.54 20.80 11.34
CA ALA B 124 -27.79 21.78 12.11
C ALA B 124 -27.85 23.16 11.48
N ASP B 125 -28.07 23.24 10.16
CA ASP B 125 -28.08 24.52 9.48
C ASP B 125 -29.37 25.28 9.76
N LYS B 126 -29.23 26.58 9.98
CA LYS B 126 -30.38 27.46 10.07
C LYS B 126 -30.68 28.18 8.76
N LYS B 127 -29.73 28.25 7.84
CA LYS B 127 -30.04 28.73 6.49
C LYS B 127 -30.90 27.71 5.76
N LYS B 128 -30.75 26.43 6.08
CA LYS B 128 -31.65 25.42 5.54
C LYS B 128 -32.94 25.36 6.35
N TYR B 129 -32.82 25.35 7.68
CA TYR B 129 -33.98 25.21 8.56
C TYR B 129 -33.94 26.28 9.64
N PRO B 130 -34.52 27.45 9.38
CA PRO B 130 -34.54 28.51 10.40
C PRO B 130 -35.64 28.38 11.43
N TYR B 131 -36.63 27.50 11.20
CA TYR B 131 -37.80 27.43 12.07
C TYR B 131 -37.90 26.09 12.78
N PHE B 132 -36.80 25.37 12.88
CA PHE B 132 -36.81 24.00 13.38
C PHE B 132 -36.04 23.91 14.69
N PHE B 133 -36.57 23.14 15.63
CA PHE B 133 -35.94 22.92 16.93
C PHE B 133 -36.09 21.46 17.33
N ARG B 134 -35.15 20.98 18.11
CA ARG B 134 -35.25 19.63 18.64
C ARG B 134 -34.60 19.58 20.02
N THR B 135 -35.11 18.70 20.87
CA THR B 135 -34.59 18.52 22.21
C THR B 135 -33.76 17.25 22.36
N VAL B 136 -33.81 16.36 21.38
CA VAL B 136 -33.01 15.14 21.45
C VAL B 136 -31.57 15.54 21.13
N PRO B 137 -30.58 14.99 21.84
CA PRO B 137 -29.19 15.23 21.45
C PRO B 137 -28.88 14.53 20.14
N SER B 138 -28.23 15.26 19.24
CA SER B 138 -27.91 14.73 17.92
C SER B 138 -26.69 13.81 18.01
N ASP B 139 -26.30 13.26 16.87
CA ASP B 139 -25.08 12.47 16.81
C ASP B 139 -23.82 13.34 16.85
N ASN B 140 -23.97 14.65 16.67
CA ASN B 140 -22.85 15.55 16.83
C ASN B 140 -22.59 15.90 18.29
N ALA B 141 -23.42 15.44 19.21
CA ALA B 141 -23.25 15.72 20.63
C ALA B 141 -22.41 14.67 21.34
N VAL B 142 -21.70 13.83 20.58
CA VAL B 142 -20.73 12.91 21.17
C VAL B 142 -19.31 13.32 20.88
N ASN B 143 -19.09 14.27 19.99
CA ASN B 143 -17.77 14.66 19.56
C ASN B 143 -17.01 15.59 20.53
N PRO B 144 -17.65 16.54 21.23
CA PRO B 144 -16.92 17.15 22.36
C PRO B 144 -16.75 16.19 23.53
N ALA B 145 -17.67 15.25 23.70
CA ALA B 145 -17.58 14.27 24.77
C ALA B 145 -16.38 13.36 24.59
N ILE B 146 -16.15 12.90 23.36
CA ILE B 146 -15.01 12.04 23.12
C ILE B 146 -13.71 12.83 23.18
N LEU B 147 -13.77 14.14 22.90
CA LEU B 147 -12.60 14.99 23.06
C LEU B 147 -12.21 15.11 24.52
N LYS B 148 -13.19 15.36 25.39
CA LYS B 148 -12.91 15.43 26.81
C LYS B 148 -12.48 14.09 27.38
N LEU B 149 -13.03 12.99 26.87
CA LEU B 149 -12.59 11.67 27.33
C LEU B 149 -11.17 11.36 26.89
N LEU B 150 -10.77 11.78 25.70
CA LEU B 150 -9.39 11.58 25.27
C LEU B 150 -8.44 12.48 26.03
N LYS B 151 -8.86 13.71 26.34
CA LYS B 151 -8.00 14.60 27.11
C LYS B 151 -7.95 14.24 28.58
N HIS B 152 -8.90 13.44 29.08
CA HIS B 152 -8.83 13.01 30.47
C HIS B 152 -7.70 12.02 30.73
N TYR B 153 -7.23 11.30 29.71
CA TYR B 153 -6.12 10.37 29.90
C TYR B 153 -5.02 10.56 28.89
N GLN B 154 -4.93 11.75 28.27
CA GLN B 154 -3.76 12.25 27.53
C GLN B 154 -3.39 11.35 26.36
N TRP B 155 -4.28 11.31 25.38
CA TRP B 155 -4.06 10.58 24.15
C TRP B 155 -3.79 11.54 23.00
N LYS B 156 -2.90 11.14 22.09
CA LYS B 156 -2.57 11.94 20.93
C LYS B 156 -2.98 11.25 19.64
N ARG B 157 -2.48 10.05 19.39
CA ARG B 157 -2.75 9.34 18.15
C ARG B 157 -3.96 8.44 18.35
N VAL B 158 -4.94 8.56 17.45
CA VAL B 158 -6.11 7.69 17.47
C VAL B 158 -6.44 7.25 16.06
N GLY B 159 -7.07 6.08 15.97
CA GLY B 159 -7.45 5.52 14.69
C GLY B 159 -8.94 5.38 14.53
N THR B 160 -9.47 5.84 13.40
CA THR B 160 -10.89 5.84 13.13
C THR B 160 -11.27 4.72 12.15
N LEU B 161 -12.53 4.33 12.21
CA LEU B 161 -13.05 3.26 11.36
C LEU B 161 -14.52 3.56 11.09
N THR B 162 -14.82 4.03 9.88
CA THR B 162 -16.14 4.54 9.55
C THR B 162 -16.76 3.72 8.43
N GLN B 163 -18.00 3.29 8.62
CA GLN B 163 -18.77 2.68 7.56
C GLN B 163 -19.25 3.75 6.59
N ASP B 164 -19.19 3.45 5.29
CA ASP B 164 -19.43 4.45 4.25
C ASP B 164 -20.93 4.68 4.04
N VAL B 165 -21.56 5.24 5.07
CA VAL B 165 -22.91 5.76 5.00
C VAL B 165 -22.78 7.26 5.27
N GLN B 166 -23.78 8.03 4.81
CA GLN B 166 -23.71 9.49 4.86
C GLN B 166 -23.65 10.03 6.29
N ARG B 167 -24.36 9.38 7.22
CA ARG B 167 -24.38 9.86 8.60
C ARG B 167 -23.05 9.63 9.29
N PHE B 168 -22.48 8.43 9.11
CA PHE B 168 -21.19 8.12 9.72
C PHE B 168 -20.08 8.95 9.09
N SER B 169 -20.14 9.18 7.78
CA SER B 169 -19.13 10.03 7.17
C SER B 169 -19.29 11.48 7.57
N GLU B 170 -20.52 11.91 7.87
CA GLU B 170 -20.72 13.28 8.33
C GLU B 170 -20.15 13.47 9.73
N VAL B 171 -20.38 12.49 10.62
CA VAL B 171 -19.81 12.62 11.97
C VAL B 171 -18.30 12.45 11.93
N ARG B 172 -17.77 11.69 10.96
CA ARG B 172 -16.33 11.62 10.77
C ARG B 172 -15.78 12.95 10.27
N ASN B 173 -16.55 13.65 9.43
CA ASN B 173 -16.10 14.94 8.93
C ASN B 173 -16.12 16.00 10.02
N ASP B 174 -17.10 15.94 10.92
CA ASP B 174 -17.13 16.90 12.02
C ASP B 174 -16.20 16.52 13.17
N LEU B 175 -15.71 15.27 13.18
CA LEU B 175 -14.70 14.87 14.15
C LEU B 175 -13.43 15.69 13.99
N THR B 176 -12.97 15.89 12.75
CA THR B 176 -11.81 16.75 12.50
C THR B 176 -12.09 18.19 12.88
N GLY B 177 -13.31 18.68 12.64
CA GLY B 177 -13.67 20.02 13.02
C GLY B 177 -13.72 20.26 14.51
N VAL B 178 -14.00 19.22 15.29
CA VAL B 178 -14.04 19.43 16.74
C VAL B 178 -12.64 19.19 17.31
N LEU B 179 -11.83 18.34 16.67
CA LEU B 179 -10.48 18.13 17.20
C LEU B 179 -9.47 19.11 16.64
N TYR B 180 -9.89 20.02 15.76
CA TYR B 180 -8.96 21.02 15.23
C TYR B 180 -8.58 22.01 16.33
N GLY B 181 -7.30 22.01 16.69
CA GLY B 181 -6.78 22.91 17.71
C GLY B 181 -6.14 22.23 18.90
N GLU B 182 -6.26 20.92 19.06
CA GLU B 182 -5.73 20.23 20.23
C GLU B 182 -4.68 19.22 19.82
N ASP B 183 -4.03 18.63 20.82
CA ASP B 183 -2.94 17.68 20.63
C ASP B 183 -3.50 16.30 20.24
N ILE B 184 -4.03 16.24 19.03
CA ILE B 184 -4.67 15.04 18.51
C ILE B 184 -3.98 14.65 17.21
N GLU B 185 -3.79 13.36 17.00
CA GLU B 185 -3.23 12.85 15.76
C GLU B 185 -4.18 11.83 15.16
N ILE B 186 -4.36 11.91 13.84
CA ILE B 186 -5.23 11.01 13.09
C ILE B 186 -4.34 10.28 12.10
N SER B 187 -4.00 9.03 12.41
CA SER B 187 -3.09 8.27 11.56
C SER B 187 -3.84 7.42 10.53
N ASP B 188 -4.67 6.50 11.00
CA ASP B 188 -5.28 5.48 10.15
C ASP B 188 -6.73 5.89 9.89
N THR B 189 -6.94 6.62 8.79
CA THR B 189 -8.27 7.08 8.43
C THR B 189 -8.86 6.11 7.40
N GLU B 190 -9.11 4.89 7.88
CA GLU B 190 -9.68 3.85 7.04
C GLU B 190 -11.20 3.96 7.05
N SER B 191 -11.81 3.90 5.87
CA SER B 191 -13.26 4.04 5.70
C SER B 191 -13.74 2.95 4.76
N PHE B 192 -14.09 1.80 5.31
CA PHE B 192 -14.51 0.66 4.52
C PHE B 192 -16.02 0.73 4.23
N SER B 193 -16.47 -0.20 3.39
CA SER B 193 -17.89 -0.35 3.10
C SER B 193 -18.42 -1.70 3.57
N ASN B 194 -17.81 -2.80 3.14
CA ASN B 194 -18.27 -4.12 3.54
C ASN B 194 -17.16 -5.10 3.86
N ASP B 195 -15.89 -4.70 3.76
CA ASP B 195 -14.75 -5.55 4.11
C ASP B 195 -14.04 -4.92 5.31
N PRO B 196 -14.45 -5.22 6.54
CA PRO B 196 -13.74 -4.68 7.71
C PRO B 196 -12.44 -5.39 8.01
N CYS B 197 -12.19 -6.55 7.40
CA CYS B 197 -11.05 -7.35 7.78
C CYS B 197 -9.75 -6.73 7.26
N THR B 198 -9.78 -6.18 6.04
CA THR B 198 -8.65 -5.40 5.56
C THR B 198 -8.49 -4.09 6.32
N SER B 199 -9.57 -3.60 6.94
CA SER B 199 -9.44 -2.42 7.78
C SER B 199 -8.71 -2.75 9.08
N VAL B 200 -8.99 -3.91 9.67
CA VAL B 200 -8.22 -4.35 10.83
C VAL B 200 -6.78 -4.66 10.42
N LYS B 201 -6.58 -5.15 9.19
CA LYS B 201 -5.23 -5.35 8.66
C LYS B 201 -4.46 -4.03 8.59
N LYS B 202 -5.06 -2.99 8.00
CA LYS B 202 -4.41 -1.70 7.87
C LYS B 202 -4.20 -1.04 9.23
N LEU B 203 -5.14 -1.22 10.16
CA LEU B 203 -5.02 -0.60 11.47
C LEU B 203 -3.94 -1.28 12.31
N LYS B 204 -3.82 -2.61 12.23
CA LYS B 204 -2.74 -3.28 12.93
C LYS B 204 -1.41 -3.02 12.25
N GLY B 205 -1.41 -2.80 10.94
CA GLY B 205 -0.19 -2.38 10.26
C GLY B 205 0.25 -1.00 10.67
N ASN B 206 -0.69 -0.11 10.96
CA ASN B 206 -0.36 1.18 11.54
C ASN B 206 -0.40 1.17 13.07
N ASP B 207 -0.66 0.00 13.66
CA ASP B 207 -0.60 -0.36 15.10
C ASP B 207 -1.11 0.74 16.04
N VAL B 208 -2.25 1.32 15.68
CA VAL B 208 -2.77 2.46 16.41
C VAL B 208 -3.37 1.99 17.74
N ARG B 209 -3.29 2.85 18.74
CA ARG B 209 -3.66 2.46 20.10
C ARG B 209 -5.18 2.42 20.29
N ILE B 210 -5.92 3.38 19.76
CA ILE B 210 -7.33 3.54 20.08
C ILE B 210 -8.15 3.40 18.80
N ILE B 211 -9.17 2.52 18.85
CA ILE B 211 -10.09 2.34 17.74
C ILE B 211 -11.27 3.29 17.95
N LEU B 212 -11.63 4.02 16.90
CA LEU B 212 -12.80 4.90 16.88
C LEU B 212 -13.76 4.38 15.82
N GLY B 213 -14.61 3.43 16.22
CA GLY B 213 -15.49 2.79 15.25
C GLY B 213 -16.72 3.61 14.96
N GLN B 214 -17.24 3.45 13.74
CA GLN B 214 -18.46 4.12 13.30
C GLN B 214 -19.16 3.17 12.33
N PHE B 215 -20.15 2.43 12.83
CA PHE B 215 -20.88 1.48 11.98
C PHE B 215 -22.22 1.20 12.62
N ASP B 216 -23.02 0.39 11.94
CA ASP B 216 -24.35 0.01 12.40
C ASP B 216 -24.25 -1.28 13.22
N GLN B 217 -25.40 -1.89 13.49
CA GLN B 217 -25.43 -3.02 14.41
C GLN B 217 -24.96 -4.31 13.76
N ASN B 218 -25.41 -4.58 12.53
CA ASN B 218 -25.12 -5.87 11.91
C ASN B 218 -23.65 -5.98 11.51
N MET B 219 -22.99 -4.85 11.26
CA MET B 219 -21.58 -4.90 10.93
C MET B 219 -20.71 -5.20 12.14
N ALA B 220 -21.22 -4.97 13.35
CA ALA B 220 -20.37 -5.01 14.54
C ALA B 220 -19.93 -6.42 14.90
N ALA B 221 -20.84 -7.39 14.77
CA ALA B 221 -20.49 -8.77 15.06
C ALA B 221 -19.47 -9.30 14.06
N LYS B 222 -19.60 -8.90 12.79
CA LYS B 222 -18.61 -9.26 11.77
C LYS B 222 -17.27 -8.58 12.04
N VAL B 223 -17.31 -7.33 12.51
CA VAL B 223 -16.08 -6.60 12.84
C VAL B 223 -15.34 -7.29 13.97
N PHE B 224 -16.06 -7.68 15.03
CA PHE B 224 -15.40 -8.35 16.13
C PHE B 224 -14.99 -9.77 15.77
N CYS B 225 -15.73 -10.42 14.87
CA CYS B 225 -15.39 -11.79 14.49
C CYS B 225 -14.12 -11.84 13.67
N CYS B 226 -13.94 -10.92 12.72
CA CYS B 226 -12.69 -10.92 11.95
C CYS B 226 -11.68 -9.90 12.49
N ALA B 227 -11.92 -9.35 13.67
CA ALA B 227 -10.86 -8.74 14.46
C ALA B 227 -10.32 -9.68 15.52
N TYR B 228 -11.09 -10.72 15.89
CA TYR B 228 -10.55 -11.80 16.70
C TYR B 228 -9.46 -12.56 15.96
N GLU B 229 -9.59 -12.70 14.64
CA GLU B 229 -8.64 -13.47 13.86
C GLU B 229 -7.28 -12.78 13.77
N GLU B 230 -7.27 -11.44 13.82
CA GLU B 230 -6.00 -10.72 13.88
C GLU B 230 -5.53 -10.46 15.30
N ASN B 231 -6.37 -10.77 16.29
CA ASN B 231 -6.12 -10.51 17.70
C ASN B 231 -5.79 -9.04 17.96
N MET B 232 -6.70 -8.18 17.49
CA MET B 232 -6.55 -6.74 17.66
C MET B 232 -7.30 -6.28 18.92
N TYR B 233 -6.90 -6.88 20.04
CA TYR B 233 -7.53 -6.59 21.32
C TYR B 233 -6.49 -6.79 22.41
N GLY B 234 -6.95 -6.93 23.64
CA GLY B 234 -6.10 -7.22 24.77
C GLY B 234 -5.94 -6.02 25.67
N SER B 235 -4.88 -6.05 26.46
CA SER B 235 -4.55 -4.93 27.33
C SER B 235 -3.63 -3.95 26.63
N LYS B 236 -3.99 -3.59 25.41
CA LYS B 236 -3.24 -2.63 24.60
C LYS B 236 -4.13 -1.62 23.88
N TYR B 237 -5.39 -1.94 23.61
CA TYR B 237 -6.24 -1.07 22.82
C TYR B 237 -7.56 -0.80 23.52
N GLN B 238 -8.15 0.33 23.18
CA GLN B 238 -9.51 0.67 23.58
C GLN B 238 -10.36 0.79 22.33
N TRP B 239 -11.67 0.63 22.52
CA TRP B 239 -12.63 0.63 21.42
C TRP B 239 -13.76 1.60 21.74
N ILE B 240 -13.86 2.69 21.00
CA ILE B 240 -14.93 3.66 21.16
C ILE B 240 -15.95 3.35 20.08
N ILE B 241 -17.07 2.73 20.48
CA ILE B 241 -18.09 2.28 19.54
C ILE B 241 -19.41 2.95 19.90
N PRO B 242 -20.20 3.43 18.93
CA PRO B 242 -21.54 3.94 19.26
C PRO B 242 -22.43 2.83 19.78
N GLY B 243 -22.80 2.92 21.06
CA GLY B 243 -23.45 1.82 21.72
C GLY B 243 -24.96 1.90 21.78
N TRP B 244 -25.59 2.56 20.81
CA TRP B 244 -27.04 2.68 20.81
C TRP B 244 -27.75 1.48 20.22
N TYR B 245 -27.08 0.32 20.17
CA TYR B 245 -27.70 -0.90 19.73
C TYR B 245 -28.74 -1.37 20.75
N GLU B 246 -29.49 -2.38 20.35
CA GLU B 246 -30.42 -3.01 21.25
C GLU B 246 -29.66 -3.78 22.33
N PRO B 247 -30.28 -3.98 23.50
CA PRO B 247 -29.67 -4.85 24.51
C PRO B 247 -29.57 -6.28 24.02
N SER B 248 -28.47 -6.94 24.40
CA SER B 248 -28.00 -8.22 23.87
C SER B 248 -27.97 -8.20 22.35
N TRP B 249 -27.20 -7.24 21.81
CA TRP B 249 -27.10 -7.08 20.38
C TRP B 249 -26.29 -8.17 19.71
N TRP B 250 -25.42 -8.85 20.46
CA TRP B 250 -24.42 -9.75 19.90
C TRP B 250 -24.99 -11.08 19.43
N GLU B 251 -26.29 -11.33 19.61
CA GLU B 251 -26.89 -12.58 19.18
C GLU B 251 -27.05 -12.67 17.67
N GLN B 252 -26.90 -11.56 16.94
CA GLN B 252 -27.01 -11.58 15.49
C GLN B 252 -25.67 -11.27 14.84
N SER B 260 -25.27 -15.70 11.14
CA SER B 260 -23.84 -15.62 10.92
C SER B 260 -23.20 -17.00 10.93
N ARG B 261 -21.88 -17.05 11.10
CA ARG B 261 -21.15 -18.30 11.13
C ARG B 261 -20.11 -18.38 12.23
N CYS B 262 -19.91 -17.31 13.00
CA CYS B 262 -18.87 -17.24 14.03
C CYS B 262 -19.35 -17.91 15.31
N LEU B 263 -18.61 -17.71 16.40
CA LEU B 263 -18.95 -18.30 17.69
C LEU B 263 -18.71 -17.29 18.80
N ARG B 264 -19.38 -17.50 19.93
CA ARG B 264 -19.26 -16.58 21.05
C ARG B 264 -17.90 -16.65 21.72
N LYS B 265 -17.14 -17.73 21.53
CA LYS B 265 -15.76 -17.73 22.01
C LYS B 265 -14.88 -16.77 21.22
N ASN B 266 -15.11 -16.67 19.91
CA ASN B 266 -14.38 -15.69 19.11
C ASN B 266 -15.13 -14.36 19.00
N LEU B 267 -16.20 -14.19 19.78
CA LEU B 267 -16.87 -12.89 19.91
C LEU B 267 -16.70 -12.23 21.27
N LEU B 268 -16.65 -13.02 22.35
CA LEU B 268 -16.70 -12.45 23.69
C LEU B 268 -15.36 -11.89 24.14
N ALA B 269 -14.26 -12.43 23.64
CA ALA B 269 -12.92 -12.08 24.11
C ALA B 269 -12.35 -10.84 23.44
N ALA B 270 -13.20 -10.00 22.85
CA ALA B 270 -12.74 -8.74 22.28
C ALA B 270 -13.64 -7.58 22.65
N MET B 271 -14.54 -7.75 23.62
CA MET B 271 -15.53 -6.74 23.97
C MET B 271 -15.28 -6.15 25.35
N GLU B 272 -14.03 -6.13 25.78
CA GLU B 272 -13.62 -5.52 27.04
C GLU B 272 -12.71 -4.33 26.73
N GLY B 273 -12.87 -3.25 27.49
CA GLY B 273 -12.40 -1.98 27.02
C GLY B 273 -13.28 -1.40 25.95
N TYR B 274 -14.53 -1.83 25.90
CA TYR B 274 -15.49 -1.47 24.87
C TYR B 274 -16.38 -0.37 25.43
N ILE B 275 -16.24 0.83 24.87
CA ILE B 275 -16.87 2.04 25.42
C ILE B 275 -17.99 2.47 24.50
N GLY B 276 -19.20 2.57 25.04
CA GLY B 276 -20.37 2.99 24.32
C GLY B 276 -20.75 4.40 24.71
N VAL B 277 -21.02 5.23 23.69
CA VAL B 277 -21.23 6.66 23.85
C VAL B 277 -22.65 6.97 23.38
N ASP B 278 -23.59 7.02 24.31
CA ASP B 278 -25.00 7.20 24.00
C ASP B 278 -25.53 8.49 24.62
N PHE B 279 -26.79 8.77 24.34
CA PHE B 279 -27.54 9.82 25.04
C PHE B 279 -28.38 9.17 26.13
N GLU B 280 -28.42 9.82 27.27
CA GLU B 280 -28.99 9.32 28.52
C GLU B 280 -30.47 9.66 28.58
N PRO B 281 -31.34 8.69 28.90
CA PRO B 281 -32.78 8.99 28.98
C PRO B 281 -33.19 9.97 30.08
N LEU B 282 -32.78 9.74 31.31
CA LEU B 282 -33.31 10.49 32.45
C LEU B 282 -32.21 11.33 33.10
N SER B 283 -32.51 11.89 34.27
CA SER B 283 -31.52 12.62 35.02
C SER B 283 -30.73 11.67 35.91
N SER B 284 -29.83 12.23 36.71
CA SER B 284 -28.99 11.44 37.61
C SER B 284 -29.21 11.82 39.07
N LYS B 285 -30.39 12.35 39.40
CA LYS B 285 -30.67 12.81 40.75
C LYS B 285 -32.07 12.37 41.17
N GLN B 286 -32.30 12.38 42.47
CA GLN B 286 -33.66 12.36 43.01
C GLN B 286 -34.11 13.77 43.38
N ILE B 287 -34.07 14.66 42.38
CA ILE B 287 -34.27 16.08 42.57
C ILE B 287 -35.66 16.47 42.05
N LYS B 288 -36.17 17.58 42.55
CA LYS B 288 -37.47 18.08 42.11
C LYS B 288 -37.36 18.77 40.76
N THR B 289 -38.19 18.35 39.81
CA THR B 289 -38.16 18.87 38.45
C THR B 289 -39.11 20.06 38.35
N ILE B 290 -39.41 20.48 37.11
CA ILE B 290 -40.41 21.53 36.89
C ILE B 290 -41.81 20.99 37.14
N SER B 291 -41.99 19.67 37.12
CA SER B 291 -43.25 19.07 37.52
C SER B 291 -43.48 19.13 39.02
N GLY B 292 -42.42 19.35 39.79
CA GLY B 292 -42.48 19.23 41.23
C GLY B 292 -42.14 17.85 41.75
N LYS B 293 -42.08 16.85 40.86
CA LYS B 293 -41.79 15.49 41.26
C LYS B 293 -40.34 15.13 40.94
N THR B 294 -39.97 13.93 41.29
CA THR B 294 -38.65 13.37 41.05
C THR B 294 -38.68 12.48 39.82
N PRO B 295 -37.52 12.26 39.19
CA PRO B 295 -37.47 11.30 38.08
C PRO B 295 -37.85 9.89 38.45
N GLN B 296 -37.64 9.48 39.70
CA GLN B 296 -38.04 8.13 40.12
C GLN B 296 -39.55 7.99 40.17
N GLN B 297 -40.24 8.99 40.75
CA GLN B 297 -41.70 8.95 40.79
C GLN B 297 -42.29 9.12 39.40
N TYR B 298 -41.65 9.94 38.55
CA TYR B 298 -42.09 10.07 37.17
C TYR B 298 -41.93 8.76 36.41
N GLU B 299 -40.83 8.05 36.66
CA GLU B 299 -40.57 6.80 35.96
C GLU B 299 -41.53 5.71 36.43
N ARG B 300 -41.87 5.71 37.73
CA ARG B 300 -42.87 4.77 38.25
C ARG B 300 -44.24 5.04 37.65
N GLU B 301 -44.64 6.32 37.60
CA GLU B 301 -45.93 6.67 37.00
C GLU B 301 -45.95 6.39 35.52
N TYR B 302 -44.81 6.55 34.84
CA TYR B 302 -44.73 6.25 33.41
C TYR B 302 -44.90 4.76 33.15
N ASN B 303 -44.19 3.93 33.92
CA ASN B 303 -44.28 2.50 33.68
C ASN B 303 -45.54 1.88 34.26
N ASN B 304 -46.29 2.61 35.07
CA ASN B 304 -47.58 2.12 35.54
C ASN B 304 -48.75 2.83 34.86
N LYS B 305 -48.48 3.76 33.94
CA LYS B 305 -49.55 4.42 33.22
C LYS B 305 -50.24 3.48 32.24
N ARG B 306 -49.47 2.66 31.53
CA ARG B 306 -50.05 1.78 30.53
C ARG B 306 -49.80 0.31 30.78
N SER B 307 -48.62 -0.06 31.33
CA SER B 307 -48.23 -1.43 31.69
C SER B 307 -48.40 -2.44 30.56
N GLY B 308 -48.32 -1.99 29.30
CA GLY B 308 -48.57 -2.91 28.20
C GLY B 308 -47.62 -2.75 27.04
N VAL B 309 -46.75 -1.75 27.09
CA VAL B 309 -45.82 -1.45 26.02
C VAL B 309 -44.41 -1.59 26.58
N GLY B 310 -43.50 -2.15 25.77
CA GLY B 310 -42.09 -2.07 26.04
C GLY B 310 -41.64 -0.64 26.01
N PRO B 311 -40.89 -0.21 27.03
CA PRO B 311 -40.61 1.23 27.19
C PRO B 311 -39.58 1.73 26.19
N SER B 312 -39.94 2.81 25.51
CA SER B 312 -39.03 3.45 24.58
C SER B 312 -38.00 4.27 25.33
N LYS B 313 -36.97 4.70 24.61
CA LYS B 313 -35.90 5.53 25.15
C LYS B 313 -36.02 6.98 24.74
N PHE B 314 -37.24 7.47 24.57
CA PHE B 314 -37.47 8.85 24.15
C PHE B 314 -38.53 9.57 24.96
N HIS B 315 -39.20 8.89 25.90
CA HIS B 315 -40.34 9.48 26.60
C HIS B 315 -39.93 10.59 27.55
N GLY B 316 -38.66 10.65 27.94
CA GLY B 316 -38.19 11.81 28.70
C GLY B 316 -38.26 13.08 27.89
N TYR B 317 -37.70 13.07 26.67
CA TYR B 317 -37.77 14.23 25.80
C TYR B 317 -39.19 14.50 25.33
N ALA B 318 -39.99 13.44 25.19
CA ALA B 318 -41.40 13.59 24.86
C ALA B 318 -42.15 14.33 25.96
N TYR B 319 -41.89 13.97 27.22
CA TYR B 319 -42.48 14.68 28.35
C TYR B 319 -41.95 16.10 28.46
N ASP B 320 -40.69 16.31 28.10
CA ASP B 320 -40.09 17.64 28.27
C ASP B 320 -40.63 18.63 27.26
N GLY B 321 -40.80 18.21 26.00
CA GLY B 321 -41.15 19.14 24.95
C GLY B 321 -42.51 19.79 25.11
N ILE B 322 -43.44 19.10 25.80
CA ILE B 322 -44.75 19.67 26.09
C ILE B 322 -44.61 20.88 27.00
N TRP B 323 -43.79 20.74 28.05
CA TRP B 323 -43.52 21.87 28.92
C TRP B 323 -42.72 22.95 28.20
N VAL B 324 -41.89 22.57 27.24
CA VAL B 324 -41.16 23.55 26.43
C VAL B 324 -42.12 24.44 25.64
N ILE B 325 -43.05 23.81 24.92
CA ILE B 325 -43.94 24.63 24.09
C ILE B 325 -44.96 25.38 24.95
N ALA B 326 -45.34 24.81 26.11
CA ALA B 326 -46.24 25.52 27.01
C ALA B 326 -45.57 26.75 27.61
N LYS B 327 -44.29 26.64 27.97
CA LYS B 327 -43.56 27.81 28.47
C LYS B 327 -43.32 28.82 27.37
N THR B 328 -43.16 28.37 26.12
CA THR B 328 -42.98 29.31 25.01
C THR B 328 -44.25 30.13 24.76
N LEU B 329 -45.41 29.47 24.72
CA LEU B 329 -46.65 30.23 24.54
C LEU B 329 -46.99 31.07 25.77
N GLN B 330 -46.59 30.63 26.97
CA GLN B 330 -46.76 31.46 28.14
C GLN B 330 -45.86 32.68 28.11
N ARG B 331 -44.69 32.58 27.49
CA ARG B 331 -43.82 33.72 27.30
C ARG B 331 -44.23 34.59 26.11
N ALA B 332 -45.12 34.08 25.26
CA ALA B 332 -45.63 34.88 24.16
C ALA B 332 -47.00 35.51 24.44
N MET B 333 -47.69 35.07 25.49
CA MET B 333 -49.02 35.62 25.79
C MET B 333 -48.98 37.10 26.21
N GLU B 334 -47.88 37.58 26.79
CA GLU B 334 -47.83 39.00 27.13
C GLU B 334 -47.62 39.88 25.90
N THR B 335 -46.86 39.40 24.92
CA THR B 335 -46.78 40.09 23.65
C THR B 335 -48.08 39.98 22.85
N LEU B 336 -48.85 38.90 23.09
CA LEU B 336 -50.20 38.83 22.54
C LEU B 336 -51.11 39.87 23.20
N HIS B 337 -50.98 40.05 24.51
CA HIS B 337 -51.74 41.08 25.22
C HIS B 337 -51.31 42.49 24.83
N ALA B 338 -50.06 42.65 24.39
CA ALA B 338 -49.59 43.94 23.88
C ALA B 338 -50.33 44.38 22.63
N SER B 339 -50.96 43.47 21.89
CA SER B 339 -51.79 43.84 20.75
C SER B 339 -53.09 44.48 21.22
N ILE B 345 -54.22 33.77 19.27
CA ILE B 345 -55.06 32.78 18.61
C ILE B 345 -56.09 33.46 17.73
N GLN B 346 -56.65 34.58 18.20
CA GLN B 346 -57.71 35.28 17.49
C GLN B 346 -57.20 36.12 16.33
N ASP B 347 -55.89 36.20 16.12
CA ASP B 347 -55.32 37.05 15.08
C ASP B 347 -54.20 36.31 14.34
N PHE B 348 -54.41 35.04 14.00
CA PHE B 348 -53.37 34.27 13.32
C PHE B 348 -54.01 33.26 12.39
N ASN B 349 -53.85 33.48 11.08
CA ASN B 349 -54.10 32.46 10.08
C ASN B 349 -52.80 31.71 9.84
N TYR B 350 -52.76 30.89 8.78
CA TYR B 350 -51.48 30.31 8.38
C TYR B 350 -50.63 31.29 7.57
N THR B 351 -51.17 32.47 7.26
CA THR B 351 -50.50 33.44 6.42
C THR B 351 -49.59 34.38 7.20
N ASP B 352 -49.88 34.62 8.47
CA ASP B 352 -49.14 35.60 9.24
C ASP B 352 -47.75 35.10 9.58
N HIS B 353 -46.79 36.03 9.63
CA HIS B 353 -45.41 35.71 9.93
C HIS B 353 -44.81 36.55 11.06
N THR B 354 -45.36 37.72 11.37
CA THR B 354 -44.84 38.53 12.47
C THR B 354 -45.11 37.87 13.81
N LEU B 355 -46.32 37.28 13.95
CA LEU B 355 -46.63 36.53 15.17
C LEU B 355 -45.73 35.33 15.32
N GLY B 356 -45.42 34.65 14.21
CA GLY B 356 -44.47 33.56 14.25
C GLY B 356 -43.06 34.01 14.56
N ARG B 357 -42.71 35.24 14.17
CA ARG B 357 -41.42 35.81 14.55
C ARG B 357 -41.34 36.05 16.05
N ILE B 358 -42.43 36.54 16.65
CA ILE B 358 -42.50 36.68 18.10
C ILE B 358 -42.46 35.30 18.76
N ILE B 359 -43.05 34.30 18.12
CA ILE B 359 -42.99 32.92 18.61
C ILE B 359 -41.55 32.41 18.60
N LEU B 360 -40.81 32.72 17.55
CA LEU B 360 -39.38 32.39 17.49
C LEU B 360 -38.59 33.10 18.59
N ASN B 361 -38.94 34.36 18.85
CA ASN B 361 -38.23 35.12 19.89
C ASN B 361 -38.50 34.55 21.27
N ALA B 362 -39.74 34.18 21.56
CA ALA B 362 -40.06 33.59 22.85
C ALA B 362 -39.64 32.13 22.96
N MET B 363 -39.39 31.47 21.84
CA MET B 363 -38.99 30.06 21.84
C MET B 363 -37.49 29.89 21.95
N ASN B 364 -36.73 30.78 21.31
CA ASN B 364 -35.28 30.61 21.21
C ASN B 364 -34.59 30.78 22.56
N GLU B 365 -35.13 31.66 23.42
CA GLU B 365 -34.54 31.92 24.72
C GLU B 365 -35.07 31.01 25.82
N THR B 366 -35.53 29.82 25.48
CA THR B 366 -36.08 28.92 26.48
C THR B 366 -34.95 28.33 27.32
N ASN B 367 -35.06 28.47 28.65
CA ASN B 367 -34.02 28.00 29.56
C ASN B 367 -34.67 27.72 30.91
N PHE B 368 -34.85 26.45 31.22
CA PHE B 368 -35.37 26.01 32.51
C PHE B 368 -34.90 24.59 32.75
N PHE B 369 -35.26 24.04 33.90
CA PHE B 369 -34.83 22.71 34.29
C PHE B 369 -35.95 21.72 34.14
N GLY B 370 -35.70 20.62 33.42
CA GLY B 370 -36.66 19.56 33.27
C GLY B 370 -36.07 18.20 33.55
N VAL B 371 -36.74 17.15 33.07
CA VAL B 371 -36.38 15.77 33.40
C VAL B 371 -35.02 15.40 32.80
N THR B 372 -34.72 15.93 31.62
CA THR B 372 -33.39 15.71 31.05
C THR B 372 -32.33 16.63 31.62
N GLY B 373 -32.72 17.60 32.45
CA GLY B 373 -31.75 18.53 32.98
C GLY B 373 -32.05 19.97 32.58
N GLN B 374 -31.08 20.85 32.74
CA GLN B 374 -31.26 22.24 32.34
C GLN B 374 -31.21 22.34 30.83
N VAL B 375 -32.34 22.65 30.21
CA VAL B 375 -32.41 22.73 28.74
C VAL B 375 -31.98 24.12 28.30
N VAL B 376 -31.24 24.15 27.19
CA VAL B 376 -30.75 25.38 26.59
C VAL B 376 -31.13 25.36 25.12
N PHE B 377 -30.69 26.39 24.39
CA PHE B 377 -30.88 26.40 22.94
C PHE B 377 -29.71 27.18 22.32
N ARG B 378 -28.71 26.43 21.86
CA ARG B 378 -27.60 27.00 21.10
C ARG B 378 -27.85 26.63 19.65
N ASN B 379 -28.63 27.48 18.97
CA ASN B 379 -29.02 27.33 17.56
C ASN B 379 -29.73 26.00 17.32
N GLY B 380 -30.89 25.86 17.95
CA GLY B 380 -31.76 24.74 17.69
C GLY B 380 -31.35 23.42 18.31
N GLU B 381 -30.64 23.47 19.44
CA GLU B 381 -30.18 22.24 20.07
C GLU B 381 -29.89 22.52 21.54
N ARG B 382 -30.16 21.53 22.37
CA ARG B 382 -29.87 21.62 23.80
C ARG B 382 -28.75 20.68 24.17
N MET B 383 -27.87 21.14 25.06
CA MET B 383 -26.72 20.35 25.48
C MET B 383 -27.19 19.23 26.40
N GLY B 384 -27.11 18.00 25.91
CA GLY B 384 -27.65 16.86 26.62
C GLY B 384 -26.63 16.18 27.51
N THR B 385 -27.06 15.07 28.08
CA THR B 385 -26.23 14.27 28.98
C THR B 385 -25.82 12.99 28.27
N ILE B 386 -24.52 12.78 28.16
CA ILE B 386 -23.96 11.68 27.39
C ILE B 386 -23.58 10.57 28.36
N LYS B 387 -24.17 9.39 28.18
CA LYS B 387 -23.98 8.29 29.12
C LYS B 387 -22.94 7.33 28.56
N PHE B 388 -21.72 7.40 29.11
CA PHE B 388 -20.70 6.42 28.76
C PHE B 388 -21.00 5.09 29.41
N THR B 389 -20.67 4.01 28.71
CA THR B 389 -20.95 2.69 29.26
C THR B 389 -19.87 1.71 28.80
N GLN B 390 -19.82 0.56 29.48
CA GLN B 390 -18.83 -0.47 29.18
C GLN B 390 -19.45 -1.84 29.33
N PHE B 391 -19.18 -2.72 28.37
CA PHE B 391 -19.60 -4.11 28.47
C PHE B 391 -18.68 -4.84 29.43
N GLN B 392 -19.14 -5.00 30.66
CA GLN B 392 -18.34 -5.67 31.70
C GLN B 392 -18.68 -7.16 31.77
N ASP B 393 -18.48 -7.82 30.62
CA ASP B 393 -18.52 -9.27 30.43
C ASP B 393 -19.89 -9.92 30.59
N SER B 394 -20.90 -9.15 30.99
CA SER B 394 -22.28 -9.63 30.94
C SER B 394 -23.27 -8.60 30.44
N ARG B 395 -22.99 -7.31 30.58
CA ARG B 395 -23.91 -6.25 30.20
C ARG B 395 -23.13 -4.95 30.14
N GLU B 396 -23.72 -3.95 29.50
CA GLU B 396 -23.10 -2.64 29.38
C GLU B 396 -23.51 -1.81 30.59
N VAL B 397 -22.67 -1.80 31.60
CA VAL B 397 -22.92 -1.02 32.80
C VAL B 397 -22.56 0.43 32.54
N LYS B 398 -23.37 1.35 33.06
CA LYS B 398 -23.12 2.77 32.94
C LYS B 398 -21.90 3.16 33.76
N VAL B 399 -20.97 3.89 33.14
CA VAL B 399 -19.70 4.20 33.76
C VAL B 399 -19.42 5.69 33.90
N GLY B 400 -20.11 6.57 33.18
CA GLY B 400 -19.79 7.98 33.29
C GLY B 400 -20.69 8.91 32.49
N GLU B 401 -20.86 10.13 32.97
CA GLU B 401 -21.70 11.12 32.34
C GLU B 401 -20.90 12.35 31.96
N TYR B 402 -21.53 13.21 31.15
CA TYR B 402 -20.91 14.44 30.69
C TYR B 402 -22.01 15.41 30.30
N ASN B 403 -21.91 16.65 30.76
CA ASN B 403 -22.88 17.69 30.43
C ASN B 403 -22.15 18.77 29.65
N ALA B 404 -22.53 18.96 28.39
CA ALA B 404 -21.90 19.97 27.56
C ALA B 404 -22.27 21.40 27.94
N VAL B 405 -23.29 21.57 28.78
CA VAL B 405 -23.62 22.90 29.29
C VAL B 405 -22.52 23.39 30.24
N ALA B 406 -21.89 22.48 30.97
CA ALA B 406 -20.81 22.84 31.87
C ALA B 406 -19.47 22.26 31.45
N ASP B 407 -19.45 21.38 30.44
CA ASP B 407 -18.24 20.80 29.86
C ASP B 407 -17.41 20.01 30.88
N THR B 408 -18.07 19.44 31.88
CA THR B 408 -17.39 18.61 32.86
C THR B 408 -17.70 17.15 32.62
N LEU B 409 -16.68 16.31 32.67
CA LEU B 409 -16.83 14.88 32.41
C LEU B 409 -16.75 14.16 33.75
N GLU B 410 -17.91 13.81 34.29
CA GLU B 410 -17.92 13.01 35.51
C GLU B 410 -17.56 11.58 35.15
N ILE B 411 -16.97 10.87 36.11
CA ILE B 411 -16.71 9.45 35.92
C ILE B 411 -17.03 8.75 37.23
N ILE B 412 -17.38 7.47 37.12
CA ILE B 412 -17.67 6.63 38.28
C ILE B 412 -16.46 5.72 38.47
N ASN B 413 -15.57 6.11 39.36
CA ASN B 413 -14.44 5.26 39.72
C ASN B 413 -14.95 4.07 40.54
N ASP B 414 -14.07 3.08 40.66
CA ASP B 414 -14.31 1.79 41.33
C ASP B 414 -15.46 1.02 40.69
N THR B 415 -15.77 1.29 39.43
CA THR B 415 -16.78 0.57 38.66
C THR B 415 -16.25 0.10 37.32
N ILE B 416 -15.44 0.91 36.64
CA ILE B 416 -14.82 0.46 35.41
C ILE B 416 -13.76 -0.57 35.73
N ARG B 417 -13.53 -1.48 34.80
CA ARG B 417 -12.54 -2.54 34.99
C ARG B 417 -11.69 -2.65 33.73
N PHE B 418 -10.55 -3.31 33.89
CA PHE B 418 -9.62 -3.53 32.79
C PHE B 418 -8.97 -4.90 32.96
N GLN B 419 -8.74 -5.58 31.83
CA GLN B 419 -8.01 -6.84 31.88
C GLN B 419 -6.56 -6.62 32.28
N GLY B 420 -5.99 -5.48 31.94
CA GLY B 420 -4.73 -5.08 32.53
C GLY B 420 -4.95 -4.45 33.88
N SER B 421 -3.86 -4.28 34.62
CA SER B 421 -3.92 -3.57 35.89
C SER B 421 -4.13 -2.07 35.65
N GLU B 422 -3.20 -1.45 34.95
CA GLU B 422 -3.34 -0.06 34.56
C GLU B 422 -4.22 0.04 33.33
N PRO B 423 -5.08 1.06 33.23
CA PRO B 423 -5.86 1.28 32.00
C PRO B 423 -4.94 1.56 30.82
N PRO B 424 -4.98 0.69 29.77
CA PRO B 424 -3.82 0.46 28.89
C PRO B 424 -3.16 1.67 28.26
N LYS B 425 -3.90 2.44 27.45
CA LYS B 425 -3.45 3.70 26.85
C LYS B 425 -2.15 3.53 26.08
N ASP B 426 -2.04 2.42 25.36
CA ASP B 426 -0.74 1.87 24.98
C ASP B 426 -0.41 2.24 23.54
N LYS B 427 0.28 3.37 23.38
CA LYS B 427 1.02 3.61 22.15
C LYS B 427 2.20 2.66 22.07
N THR B 428 2.65 2.38 20.85
CA THR B 428 3.82 1.53 20.67
C THR B 428 5.08 2.29 21.08
N ILE B 429 5.50 2.10 22.32
CA ILE B 429 6.67 2.79 22.87
C ILE B 429 7.84 1.82 22.93
N ILE B 430 9.01 2.31 22.53
CA ILE B 430 10.16 1.45 22.25
C ILE B 430 11.28 1.81 23.22
N LEU B 431 12.24 0.88 23.36
CA LEU B 431 13.42 1.09 24.18
C LEU B 431 14.53 0.24 23.58
N GLU B 432 15.77 0.68 23.78
CA GLU B 432 16.93 0.02 23.21
C GLU B 432 18.03 -0.06 24.25
N GLN B 433 18.88 -1.08 24.11
CA GLN B 433 20.05 -1.21 24.96
C GLN B 433 21.11 -1.99 24.21
N LEU B 434 22.33 -1.92 24.71
CA LEU B 434 23.44 -2.69 24.18
C LEU B 434 23.28 -4.15 24.56
N ARG B 435 23.94 -5.01 23.79
CA ARG B 435 23.99 -6.44 24.10
C ARG B 435 25.08 -6.68 25.14
N LYS B 436 24.68 -7.15 26.31
CA LYS B 436 25.60 -7.47 27.38
C LYS B 436 26.03 -8.93 27.29
N ILE B 437 27.15 -9.24 27.94
CA ILE B 437 27.65 -10.61 28.00
C ILE B 437 27.55 -11.11 29.45
N SER B 438 27.66 -12.43 29.60
CA SER B 438 27.50 -13.07 30.91
C SER B 438 28.76 -12.87 31.73
N LEU B 439 28.64 -12.13 32.82
CA LEU B 439 29.77 -11.75 33.67
C LEU B 439 30.37 -12.87 34.53
N PRO B 440 29.62 -13.84 35.10
CA PRO B 440 30.31 -14.98 35.72
C PRO B 440 31.04 -15.88 34.73
N LEU B 441 30.75 -15.78 33.44
CA LEU B 441 31.56 -16.40 32.41
C LEU B 441 32.78 -15.55 32.06
N TYR B 442 32.60 -14.23 31.97
CA TYR B 442 33.72 -13.35 31.60
C TYR B 442 34.75 -13.27 32.71
N SER B 443 34.32 -13.40 33.97
CA SER B 443 35.23 -13.14 35.07
C SER B 443 36.27 -14.24 35.24
N ILE B 444 35.90 -15.49 35.01
CA ILE B 444 36.88 -16.57 35.14
C ILE B 444 37.88 -16.53 33.99
N LEU B 445 37.46 -16.03 32.82
CA LEU B 445 38.39 -15.81 31.72
C LEU B 445 39.31 -14.62 32.01
N SER B 446 38.78 -13.60 32.68
CA SER B 446 39.63 -12.50 33.14
C SER B 446 40.59 -12.94 34.24
N ALA B 447 40.26 -14.03 34.95
CA ALA B 447 41.21 -14.62 35.89
C ALA B 447 42.25 -15.49 35.19
N LEU B 448 41.87 -16.14 34.08
CA LEU B 448 42.84 -16.86 33.26
C LEU B 448 43.70 -15.95 32.40
N THR B 449 43.37 -14.65 32.34
CA THR B 449 44.14 -13.66 31.60
C THR B 449 45.60 -13.62 32.05
N ILE B 450 45.83 -13.60 33.36
CA ILE B 450 47.15 -13.22 33.89
C ILE B 450 48.16 -14.38 33.82
N LEU B 451 47.69 -15.63 33.92
CA LEU B 451 48.58 -16.76 34.13
C LEU B 451 49.44 -17.04 32.90
N GLY B 452 48.84 -16.98 31.72
CA GLY B 452 49.61 -17.17 30.49
C GLY B 452 50.63 -16.09 30.27
N MET B 453 50.32 -14.85 30.64
CA MET B 453 51.25 -13.74 30.45
C MET B 453 52.44 -13.84 31.41
N ILE B 454 52.17 -14.21 32.67
CA ILE B 454 53.27 -14.35 33.63
C ILE B 454 54.13 -15.57 33.30
N MET B 455 53.50 -16.66 32.83
CA MET B 455 54.28 -17.80 32.37
C MET B 455 55.09 -17.47 31.13
N ALA B 456 54.58 -16.57 30.27
CA ALA B 456 55.33 -16.12 29.10
C ALA B 456 56.58 -15.34 29.51
N SER B 457 56.41 -14.34 30.38
CA SER B 457 57.55 -13.54 30.80
C SER B 457 58.50 -14.29 31.74
N ALA B 458 58.08 -15.45 32.27
CA ALA B 458 58.98 -16.32 33.03
C ALA B 458 59.75 -17.29 32.14
N PHE B 459 59.10 -17.88 31.14
CA PHE B 459 59.82 -18.74 30.21
C PHE B 459 60.75 -17.94 29.31
N LEU B 460 60.46 -16.65 29.11
CA LEU B 460 61.46 -15.77 28.54
C LEU B 460 62.70 -15.71 29.44
N PHE B 461 62.51 -15.72 30.76
CA PHE B 461 63.68 -15.73 31.62
C PHE B 461 64.37 -17.10 31.66
N PHE B 462 63.64 -18.17 31.38
CA PHE B 462 64.33 -19.46 31.21
C PHE B 462 65.20 -19.45 29.96
N ASN B 463 64.75 -18.75 28.92
CA ASN B 463 65.60 -18.61 27.73
C ASN B 463 66.79 -17.69 28.00
N ILE B 464 66.61 -16.64 28.81
CA ILE B 464 67.79 -15.84 29.17
C ILE B 464 68.67 -16.58 30.19
N LYS B 465 68.10 -17.56 30.90
CA LYS B 465 68.92 -18.45 31.72
C LYS B 465 69.76 -19.36 30.85
N ASN B 466 69.22 -19.75 29.70
CA ASN B 466 70.05 -20.37 28.67
C ASN B 466 71.11 -19.41 28.15
N ARG B 467 70.78 -18.10 28.08
CA ARG B 467 71.81 -17.12 27.74
C ARG B 467 72.80 -16.93 28.90
N ASN B 468 72.29 -16.84 30.13
CA ASN B 468 73.16 -16.57 31.28
C ASN B 468 73.98 -17.78 31.72
N GLN B 469 73.65 -18.97 31.25
CA GLN B 469 74.33 -20.22 31.62
C GLN B 469 74.61 -21.05 30.38
N LYS B 470 75.30 -20.44 29.40
CA LYS B 470 75.36 -20.81 27.99
C LYS B 470 75.59 -22.29 27.67
N LEU B 471 74.57 -22.90 27.08
CA LEU B 471 74.66 -24.22 26.47
C LEU B 471 73.57 -24.26 25.41
N ILE B 472 73.94 -23.96 24.16
CA ILE B 472 72.93 -23.65 23.15
C ILE B 472 72.36 -24.95 22.61
N LYS B 473 71.31 -25.44 23.27
CA LYS B 473 70.64 -26.66 22.85
C LYS B 473 69.47 -26.39 21.92
N MET B 474 69.43 -25.23 21.29
CA MET B 474 68.30 -24.86 20.46
C MET B 474 68.80 -23.93 19.35
N SER B 475 67.86 -23.21 18.73
CA SER B 475 68.15 -22.34 17.60
C SER B 475 68.69 -20.99 18.04
N SER B 476 68.66 -20.01 17.13
CA SER B 476 69.11 -18.62 17.23
C SER B 476 68.66 -17.94 18.52
N PRO B 477 69.45 -17.00 19.07
CA PRO B 477 69.15 -16.44 20.39
C PRO B 477 67.88 -15.61 20.45
N TYR B 478 67.31 -15.20 19.32
CA TYR B 478 66.13 -14.34 19.30
C TYR B 478 64.85 -15.11 19.01
N MET B 479 64.94 -16.39 18.67
CA MET B 479 63.80 -17.09 18.07
C MET B 479 62.71 -17.42 19.10
N ASN B 480 63.08 -18.08 20.20
CA ASN B 480 62.10 -18.32 21.25
C ASN B 480 61.68 -17.04 21.96
N ASN B 481 62.54 -16.01 21.93
CA ASN B 481 62.11 -14.70 22.38
C ASN B 481 61.01 -14.14 21.48
N LEU B 482 61.08 -14.39 20.18
CA LEU B 482 60.02 -13.96 19.28
C LEU B 482 58.74 -14.76 19.50
N ILE B 483 58.89 -16.05 19.83
CA ILE B 483 57.73 -16.87 20.22
C ILE B 483 57.05 -16.29 21.46
N ILE B 484 57.86 -15.92 22.47
CA ILE B 484 57.32 -15.38 23.71
C ILE B 484 56.69 -14.01 23.47
N LEU B 485 57.26 -13.23 22.54
CA LEU B 485 56.69 -11.92 22.20
C LEU B 485 55.33 -12.07 21.53
N GLY B 486 55.21 -13.03 20.61
CA GLY B 486 53.92 -13.31 20.00
C GLY B 486 52.88 -13.80 20.99
N GLY B 487 53.31 -14.64 21.94
CA GLY B 487 52.40 -15.11 22.97
C GLY B 487 51.92 -14.01 23.91
N MET B 488 52.83 -13.11 24.31
CA MET B 488 52.45 -11.99 25.16
C MET B 488 51.53 -11.02 24.44
N LEU B 489 51.80 -10.74 23.17
CA LEU B 489 50.95 -9.80 22.44
C LEU B 489 49.58 -10.41 22.16
N SER B 490 49.51 -11.73 21.95
CA SER B 490 48.19 -12.39 21.82
C SER B 490 47.44 -12.38 23.14
N TYR B 491 48.14 -12.59 24.25
CA TYR B 491 47.46 -12.58 25.54
C TYR B 491 47.07 -11.19 26.00
N ALA B 492 47.70 -10.14 25.45
CA ALA B 492 47.24 -8.78 25.70
C ALA B 492 46.04 -8.45 24.82
N SER B 493 46.05 -8.90 23.57
CA SER B 493 44.95 -8.63 22.65
C SER B 493 43.68 -9.34 23.07
N ILE B 494 43.77 -10.60 23.49
CA ILE B 494 42.57 -11.34 23.89
C ILE B 494 42.04 -10.84 25.24
N PHE B 495 42.87 -10.19 26.04
CA PHE B 495 42.38 -9.58 27.27
C PHE B 495 41.64 -8.28 26.96
N LEU B 496 42.27 -7.40 26.17
CA LEU B 496 41.65 -6.12 25.86
C LEU B 496 40.68 -6.20 24.68
N PHE B 497 40.34 -7.41 24.25
CA PHE B 497 39.30 -7.63 23.24
C PHE B 497 37.91 -7.28 23.73
N GLY B 498 37.44 -7.99 24.76
CA GLY B 498 36.06 -7.82 25.20
C GLY B 498 35.86 -6.87 26.35
N LEU B 499 36.96 -6.45 27.00
CA LEU B 499 36.86 -5.42 28.04
C LEU B 499 36.47 -4.07 27.44
N ASP B 500 36.75 -3.86 26.16
CA ASP B 500 36.32 -2.67 25.45
C ASP B 500 34.99 -2.85 24.73
N GLY B 501 34.61 -4.08 24.41
CA GLY B 501 33.37 -4.31 23.69
C GLY B 501 32.12 -4.18 24.54
N SER B 502 31.98 -5.06 25.52
CA SER B 502 30.79 -5.10 26.37
C SER B 502 30.84 -4.08 27.51
N PHE B 503 31.92 -4.10 28.30
CA PHE B 503 32.12 -3.13 29.36
C PHE B 503 32.39 -1.76 28.74
N VAL B 504 31.42 -0.86 28.83
CA VAL B 504 31.47 0.39 28.09
C VAL B 504 31.79 1.55 29.02
N SER B 505 32.52 1.27 30.11
CA SER B 505 33.05 2.34 30.93
C SER B 505 34.06 3.18 30.17
N GLU B 506 34.78 2.57 29.23
CA GLU B 506 35.57 3.27 28.23
C GLU B 506 34.72 3.31 26.96
N LYS B 507 34.02 4.42 26.75
CA LYS B 507 32.97 4.45 25.73
C LYS B 507 33.56 4.54 24.33
N THR B 508 34.53 5.42 24.12
CA THR B 508 35.15 5.58 22.79
C THR B 508 36.31 4.61 22.59
N PHE B 509 36.03 3.33 22.84
CA PHE B 509 36.99 2.26 22.66
C PHE B 509 36.72 1.42 21.42
N GLU B 510 35.57 1.61 20.78
CA GLU B 510 35.37 1.04 19.46
C GLU B 510 36.24 1.73 18.42
N THR B 511 36.70 2.94 18.70
CA THR B 511 37.81 3.51 17.95
C THR B 511 39.12 2.79 18.28
N LEU B 512 39.28 2.35 19.54
CA LEU B 512 40.47 1.60 19.94
C LEU B 512 40.44 0.15 19.51
N CYS B 513 39.32 -0.30 18.92
CA CYS B 513 39.29 -1.57 18.20
C CYS B 513 40.35 -1.61 17.10
N THR B 514 40.51 -0.50 16.37
CA THR B 514 41.59 -0.40 15.40
C THR B 514 42.94 -0.34 16.09
N VAL B 515 42.99 0.19 17.31
CA VAL B 515 44.25 0.29 18.05
C VAL B 515 44.66 -1.01 18.69
N ARG B 516 43.77 -2.00 18.75
CA ARG B 516 44.14 -3.32 19.25
C ARG B 516 44.22 -4.39 18.17
N THR B 517 43.55 -4.20 17.03
CA THR B 517 43.64 -5.22 15.99
C THR B 517 45.02 -5.27 15.32
N TRP B 518 45.76 -4.15 15.28
CA TRP B 518 47.11 -4.20 14.74
C TRP B 518 48.04 -4.89 15.71
N ILE B 519 47.79 -4.74 17.01
CA ILE B 519 48.50 -5.48 18.05
C ILE B 519 48.28 -6.99 17.88
N LEU B 520 47.02 -7.39 17.65
CA LEU B 520 46.72 -8.81 17.50
C LEU B 520 47.34 -9.38 16.22
N THR B 521 47.32 -8.64 15.12
CA THR B 521 47.89 -9.15 13.88
C THR B 521 49.41 -9.21 13.94
N VAL B 522 50.05 -8.24 14.61
CA VAL B 522 51.50 -8.27 14.76
C VAL B 522 51.92 -9.44 15.65
N GLY B 523 51.17 -9.71 16.72
CA GLY B 523 51.46 -10.87 17.54
C GLY B 523 51.28 -12.19 16.81
N TYR B 524 50.23 -12.27 15.97
CA TYR B 524 49.99 -13.47 15.16
C TYR B 524 51.14 -13.71 14.17
N THR B 525 51.51 -12.69 13.41
CA THR B 525 52.56 -12.87 12.41
C THR B 525 53.92 -13.07 13.05
N THR B 526 54.16 -12.51 14.24
CA THR B 526 55.43 -12.75 14.92
C THR B 526 55.53 -14.19 15.40
N ALA B 527 54.47 -14.71 16.02
CA ALA B 527 54.49 -16.09 16.49
C ALA B 527 54.56 -17.08 15.33
N PHE B 528 53.78 -16.86 14.28
CA PHE B 528 53.83 -17.80 13.18
C PHE B 528 55.03 -17.60 12.27
N GLY B 529 55.68 -16.44 12.31
CA GLY B 529 56.93 -16.26 11.61
C GLY B 529 58.06 -16.96 12.31
N ALA B 530 58.07 -16.93 13.65
CA ALA B 530 59.03 -17.72 14.39
C ALA B 530 58.74 -19.21 14.27
N MET B 531 57.49 -19.58 14.03
CA MET B 531 57.19 -20.98 13.72
C MET B 531 57.65 -21.35 12.31
N PHE B 532 57.54 -20.43 11.36
CA PHE B 532 57.63 -20.74 9.95
C PHE B 532 59.05 -20.61 9.37
N ALA B 533 59.77 -19.53 9.72
CA ALA B 533 61.10 -19.30 9.14
C ALA B 533 62.09 -20.37 9.59
N LYS B 534 61.94 -20.82 10.84
CA LYS B 534 62.75 -21.91 11.37
C LYS B 534 62.53 -23.21 10.60
N THR B 535 61.26 -23.56 10.38
CA THR B 535 60.95 -24.80 9.70
C THR B 535 61.30 -24.72 8.22
N TRP B 536 61.19 -23.52 7.63
CA TRP B 536 61.62 -23.32 6.25
C TRP B 536 63.13 -23.48 6.12
N ARG B 537 63.89 -23.00 7.11
CA ARG B 537 65.33 -23.20 7.06
C ARG B 537 65.71 -24.65 7.31
N VAL B 538 64.92 -25.37 8.11
CA VAL B 538 65.15 -26.81 8.27
C VAL B 538 64.86 -27.53 6.96
N HIS B 539 63.87 -27.07 6.21
CA HIS B 539 63.62 -27.62 4.88
C HIS B 539 64.75 -27.26 3.92
N ALA B 540 65.31 -26.05 4.04
CA ALA B 540 66.35 -25.61 3.13
C ALA B 540 67.69 -26.30 3.42
N ILE B 541 67.90 -26.75 4.66
CA ILE B 541 69.08 -27.57 4.94
C ILE B 541 68.81 -29.05 4.79
N PHE B 542 67.55 -29.47 4.68
CA PHE B 542 67.28 -30.89 4.47
C PHE B 542 67.38 -31.26 2.98
N LYS B 543 66.94 -30.37 2.10
CA LYS B 543 66.95 -30.65 0.67
C LYS B 543 68.28 -30.32 0.01
N ASN B 544 69.30 -29.97 0.78
CA ASN B 544 70.62 -29.73 0.23
C ASN B 544 71.34 -31.05 -0.03
N VAL B 545 72.59 -30.97 -0.47
CA VAL B 545 73.35 -32.16 -0.79
C VAL B 545 74.71 -32.22 -0.12
N LYS B 546 75.32 -31.10 0.28
CA LYS B 546 76.68 -31.13 0.80
C LYS B 546 76.77 -30.73 2.26
N MET B 547 76.37 -29.51 2.61
CA MET B 547 76.56 -28.97 3.96
C MET B 547 75.82 -27.64 4.08
N LYS B 548 75.35 -27.37 5.29
CA LYS B 548 74.76 -26.06 5.61
C LYS B 548 74.82 -25.87 7.11
N LYS B 549 75.73 -25.00 7.58
CA LYS B 549 75.77 -24.59 8.98
C LYS B 549 76.35 -23.17 9.03
N LYS B 550 75.47 -22.17 9.04
CA LYS B 550 75.86 -20.77 9.08
C LYS B 550 75.05 -20.02 10.13
N ILE B 551 75.63 -18.96 10.68
CA ILE B 551 74.97 -18.10 11.64
C ILE B 551 74.44 -16.86 10.94
N ILE B 552 75.16 -16.41 9.90
CA ILE B 552 74.69 -15.31 9.08
C ILE B 552 73.46 -15.70 8.28
N LYS B 553 73.32 -17.00 7.97
CA LYS B 553 72.07 -17.49 7.38
C LYS B 553 70.92 -17.42 8.37
N ASP B 554 71.19 -17.61 9.67
CA ASP B 554 70.15 -17.43 10.67
C ASP B 554 69.80 -15.97 10.83
N GLN B 555 70.79 -15.08 10.69
CA GLN B 555 70.54 -13.65 10.60
C GLN B 555 69.65 -13.34 9.40
N LYS B 556 69.92 -13.99 8.26
CA LYS B 556 69.08 -13.85 7.08
C LYS B 556 67.67 -14.37 7.32
N LEU B 557 67.53 -15.43 8.13
CA LEU B 557 66.20 -15.94 8.47
C LEU B 557 65.42 -14.95 9.34
N LEU B 558 66.10 -14.31 10.29
CA LEU B 558 65.43 -13.33 11.14
C LEU B 558 65.05 -12.07 10.36
N VAL B 559 65.93 -11.60 9.47
CA VAL B 559 65.53 -10.47 8.64
C VAL B 559 64.51 -10.90 7.58
N ILE B 560 64.46 -12.18 7.21
CA ILE B 560 63.41 -12.65 6.31
C ILE B 560 62.06 -12.65 7.02
N VAL B 561 62.06 -12.89 8.33
CA VAL B 561 60.84 -12.71 9.10
C VAL B 561 60.50 -11.24 9.21
N GLY B 562 61.52 -10.38 9.37
CA GLY B 562 61.29 -8.94 9.41
C GLY B 562 60.75 -8.37 8.12
N GLY B 563 61.03 -9.02 6.98
CA GLY B 563 60.49 -8.54 5.71
C GLY B 563 58.98 -8.71 5.62
N MET B 564 58.47 -9.87 6.01
CA MET B 564 57.03 -10.02 6.06
C MET B 564 56.41 -9.27 7.23
N LEU B 565 57.20 -8.98 8.27
CA LEU B 565 56.74 -8.06 9.32
C LEU B 565 56.50 -6.66 8.76
N LEU B 566 57.44 -6.14 7.97
CA LEU B 566 57.24 -4.80 7.41
C LEU B 566 56.21 -4.82 6.27
N ILE B 567 56.04 -5.97 5.61
CA ILE B 567 54.95 -6.14 4.66
C ILE B 567 53.60 -6.04 5.39
N ASP B 568 53.50 -6.64 6.57
CA ASP B 568 52.29 -6.49 7.35
C ASP B 568 52.15 -5.09 7.95
N LEU B 569 53.24 -4.37 8.14
CA LEU B 569 53.12 -2.96 8.55
C LEU B 569 52.56 -2.11 7.41
N CYS B 570 52.98 -2.40 6.17
CA CYS B 570 52.36 -1.76 5.03
C CYS B 570 50.89 -2.16 4.90
N ILE B 571 50.56 -3.41 5.25
CA ILE B 571 49.16 -3.83 5.28
C ILE B 571 48.42 -3.14 6.41
N LEU B 572 49.11 -2.76 7.48
CA LEU B 572 48.50 -2.02 8.58
C LEU B 572 48.11 -0.63 8.14
N ILE B 573 49.02 0.08 7.47
CA ILE B 573 48.65 1.41 6.96
C ILE B 573 47.65 1.29 5.81
N CYS B 574 47.63 0.15 5.10
CA CYS B 574 46.58 -0.09 4.11
C CYS B 574 45.24 -0.33 4.78
N TRP B 575 45.24 -0.92 5.97
CA TRP B 575 44.01 -1.08 6.74
C TRP B 575 43.52 0.25 7.28
N GLN B 576 44.46 1.13 7.64
CA GLN B 576 44.10 2.49 8.03
C GLN B 576 43.52 3.26 6.85
N ALA B 577 44.04 3.02 5.65
CA ALA B 577 43.60 3.78 4.49
C ALA B 577 42.35 3.22 3.83
N VAL B 578 42.10 1.91 3.95
CA VAL B 578 41.01 1.31 3.19
C VAL B 578 39.66 1.63 3.84
N ASP B 579 39.65 1.85 5.15
CA ASP B 579 38.46 2.17 5.94
C ASP B 579 38.92 2.76 7.27
N PRO B 580 38.14 3.67 7.85
CA PRO B 580 38.44 4.11 9.22
C PRO B 580 38.15 3.03 10.26
N LEU B 581 37.28 2.07 9.93
CA LEU B 581 36.81 1.01 10.84
C LEU B 581 36.24 1.60 12.12
N ARG B 582 35.38 2.60 11.95
CA ARG B 582 34.83 3.35 13.07
C ARG B 582 33.74 2.55 13.78
N ARG B 583 33.14 3.18 14.79
CA ARG B 583 32.10 2.54 15.58
C ARG B 583 30.81 2.47 14.79
N THR B 584 30.38 1.27 14.44
CA THR B 584 29.06 1.07 13.86
C THR B 584 28.20 0.26 14.81
N VAL B 585 26.88 0.38 14.63
CA VAL B 585 25.91 -0.25 15.51
C VAL B 585 24.92 -1.03 14.65
N GLU B 586 24.83 -2.33 14.90
CA GLU B 586 23.78 -3.16 14.30
C GLU B 586 22.59 -3.17 15.24
N LYS B 587 21.43 -2.76 14.72
CA LYS B 587 20.21 -2.66 15.51
C LYS B 587 19.38 -3.92 15.25
N TYR B 588 19.44 -4.88 16.18
CA TYR B 588 18.75 -6.14 15.97
C TYR B 588 17.35 -6.02 16.54
N SER B 589 16.34 -6.11 15.68
CA SER B 589 14.97 -5.77 16.03
C SER B 589 14.11 -7.02 16.05
N MET B 590 13.69 -7.44 17.24
CA MET B 590 12.65 -8.46 17.37
C MET B 590 11.52 -8.06 18.30
N GLU B 591 11.73 -7.10 19.21
CA GLU B 591 10.75 -6.46 20.11
C GLU B 591 9.90 -7.43 20.94
N PRO B 592 10.47 -8.13 21.93
CA PRO B 592 9.64 -8.88 22.86
C PRO B 592 9.26 -8.02 24.06
N ASP B 593 8.55 -8.61 25.03
CA ASP B 593 8.25 -7.92 26.28
C ASP B 593 8.29 -8.92 27.43
N PRO B 594 9.13 -8.70 28.44
CA PRO B 594 9.31 -9.72 29.49
C PRO B 594 8.31 -9.63 30.63
N ALA B 595 7.69 -8.47 30.84
CA ALA B 595 6.81 -8.30 32.00
C ALA B 595 5.51 -7.59 31.66
N GLY B 596 5.04 -7.72 30.41
CA GLY B 596 3.73 -7.24 30.03
C GLY B 596 3.62 -5.76 29.72
N ARG B 597 4.63 -4.95 30.06
CA ARG B 597 4.60 -3.53 29.75
C ARG B 597 4.84 -3.32 28.26
N ASP B 598 4.19 -2.31 27.69
CA ASP B 598 4.26 -2.06 26.25
C ASP B 598 5.56 -1.39 25.83
N ILE B 599 6.44 -1.05 26.76
CA ILE B 599 7.74 -0.50 26.42
C ILE B 599 8.57 -1.67 25.89
N SER B 600 8.65 -1.79 24.57
CA SER B 600 9.34 -2.90 23.94
C SER B 600 10.84 -2.71 24.04
N ILE B 601 11.58 -3.79 23.78
CA ILE B 601 13.03 -3.80 23.87
C ILE B 601 13.61 -4.29 22.55
N ARG B 602 14.59 -3.56 22.02
CA ARG B 602 15.30 -4.01 20.84
C ARG B 602 16.80 -3.85 21.08
N PRO B 603 17.57 -4.93 21.09
CA PRO B 603 18.99 -4.81 21.41
C PRO B 603 19.81 -4.31 20.22
N LEU B 604 21.03 -3.89 20.54
CA LEU B 604 21.96 -3.45 19.53
C LEU B 604 23.36 -3.94 19.87
N LEU B 605 24.12 -4.26 18.83
CA LEU B 605 25.49 -4.78 18.98
C LEU B 605 26.47 -3.84 18.31
N GLU B 606 27.58 -3.58 18.98
CA GLU B 606 28.66 -2.82 18.38
C GLU B 606 29.38 -3.66 17.33
N HIS B 607 29.56 -3.09 16.14
CA HIS B 607 30.35 -3.71 15.08
C HIS B 607 31.47 -2.75 14.68
N CYS B 608 32.69 -3.27 14.69
CA CYS B 608 33.88 -2.46 14.42
C CYS B 608 34.09 -2.24 12.93
N GLU B 609 33.59 -3.14 12.09
CA GLU B 609 33.82 -3.09 10.66
C GLU B 609 32.96 -2.00 10.01
N ASN B 610 33.22 -1.75 8.73
CA ASN B 610 32.49 -0.74 7.97
C ASN B 610 31.75 -1.35 6.79
N THR B 611 31.55 -2.68 6.80
CA THR B 611 30.72 -3.54 5.94
C THR B 611 31.10 -3.51 4.46
N HIS B 612 32.09 -2.71 4.08
CA HIS B 612 32.66 -2.75 2.74
C HIS B 612 34.12 -3.20 2.77
N MET B 613 34.64 -3.54 3.94
CA MET B 613 35.97 -4.11 4.09
C MET B 613 35.96 -5.63 4.02
N THR B 614 34.93 -6.23 3.41
CA THR B 614 34.90 -7.67 3.23
C THR B 614 35.99 -8.12 2.27
N ILE B 615 36.29 -7.30 1.26
CA ILE B 615 37.44 -7.54 0.40
C ILE B 615 38.74 -7.43 1.21
N TRP B 616 38.77 -6.49 2.15
CA TRP B 616 39.97 -6.26 2.96
C TRP B 616 40.22 -7.42 3.91
N LEU B 617 39.20 -7.82 4.67
CA LEU B 617 39.37 -8.94 5.59
C LEU B 617 39.54 -10.25 4.84
N GLY B 618 38.95 -10.37 3.65
CA GLY B 618 39.16 -11.55 2.84
C GLY B 618 40.59 -11.69 2.37
N ILE B 619 41.21 -10.58 1.94
CA ILE B 619 42.59 -10.68 1.47
C ILE B 619 43.55 -10.81 2.65
N VAL B 620 43.16 -10.31 3.83
CA VAL B 620 44.01 -10.50 5.02
C VAL B 620 43.97 -11.95 5.48
N TYR B 621 42.78 -12.54 5.51
CA TYR B 621 42.67 -13.94 5.90
C TYR B 621 43.29 -14.86 4.86
N ALA B 622 43.26 -14.46 3.58
CA ALA B 622 43.95 -15.25 2.56
C ALA B 622 45.46 -15.14 2.69
N TYR B 623 45.95 -13.95 3.04
CA TYR B 623 47.36 -13.74 3.37
C TYR B 623 47.81 -14.66 4.49
N LYS B 624 47.03 -14.70 5.56
CA LYS B 624 47.35 -15.55 6.71
C LYS B 624 47.24 -17.02 6.37
N GLY B 625 46.27 -17.40 5.55
CA GLY B 625 46.11 -18.80 5.18
C GLY B 625 47.22 -19.29 4.26
N LEU B 626 47.66 -18.45 3.32
CA LEU B 626 48.76 -18.83 2.45
C LEU B 626 50.07 -18.89 3.22
N LEU B 627 50.27 -17.98 4.18
CA LEU B 627 51.47 -18.08 5.00
C LEU B 627 51.39 -19.21 6.01
N MET B 628 50.18 -19.70 6.32
CA MET B 628 50.03 -20.71 7.35
C MET B 628 50.02 -22.14 6.83
N LEU B 629 49.46 -22.37 5.64
CA LEU B 629 49.37 -23.75 5.15
C LEU B 629 50.70 -24.29 4.63
N PHE B 630 51.70 -23.42 4.47
CA PHE B 630 53.04 -23.84 4.07
C PHE B 630 53.63 -24.80 5.10
N GLY B 631 53.66 -24.38 6.36
CA GLY B 631 54.12 -25.26 7.42
C GLY B 631 53.23 -26.47 7.65
N CYS B 632 51.93 -26.33 7.40
CA CYS B 632 51.01 -27.45 7.57
C CYS B 632 51.27 -28.54 6.53
N PHE B 633 51.62 -28.16 5.30
CA PHE B 633 52.02 -29.15 4.31
C PHE B 633 53.41 -29.69 4.62
N LEU B 634 54.32 -28.81 5.03
CA LEU B 634 55.72 -29.21 5.23
C LEU B 634 55.88 -30.14 6.42
N ALA B 635 54.94 -30.11 7.38
CA ALA B 635 54.97 -31.03 8.50
C ALA B 635 54.74 -32.47 8.06
N TRP B 636 54.04 -32.68 6.94
CA TRP B 636 53.93 -34.01 6.38
C TRP B 636 55.26 -34.53 5.87
N GLU B 637 56.17 -33.63 5.50
CA GLU B 637 57.45 -34.02 4.93
C GLU B 637 58.53 -34.21 5.98
N THR B 638 58.80 -33.19 6.80
CA THR B 638 59.97 -33.15 7.66
C THR B 638 59.80 -33.95 8.96
N ARG B 639 58.82 -34.85 9.03
CA ARG B 639 58.54 -35.65 10.23
C ARG B 639 59.66 -36.61 10.59
N ASN B 640 60.59 -36.90 9.68
CA ASN B 640 61.72 -37.77 9.97
C ASN B 640 63.06 -37.05 9.90
N VAL B 641 63.08 -35.76 9.56
CA VAL B 641 64.33 -35.02 9.44
C VAL B 641 64.73 -34.58 10.84
N SER B 642 65.65 -35.33 11.45
CA SER B 642 66.14 -35.02 12.79
C SER B 642 67.48 -34.30 12.66
N ILE B 643 67.40 -33.03 12.29
CA ILE B 643 68.60 -32.23 12.04
C ILE B 643 69.17 -31.72 13.36
N PRO B 644 70.41 -32.06 13.70
CA PRO B 644 71.02 -31.56 14.94
C PRO B 644 71.76 -30.24 14.81
N ALA B 645 71.75 -29.61 13.63
CA ALA B 645 72.41 -28.32 13.49
C ALA B 645 71.60 -27.20 14.14
N LEU B 646 70.29 -27.38 14.24
CA LEU B 646 69.42 -26.43 14.95
C LEU B 646 68.93 -26.97 16.29
N ASN B 647 69.09 -28.28 16.53
CA ASN B 647 68.82 -28.95 17.81
C ASN B 647 67.36 -28.81 18.24
N ASP B 648 66.46 -28.68 17.28
CA ASP B 648 65.04 -28.46 17.53
C ASP B 648 64.25 -29.24 16.49
N SER B 649 62.98 -28.84 16.32
CA SER B 649 62.13 -29.23 15.19
C SER B 649 61.82 -30.72 15.17
N LYS B 650 61.46 -31.26 16.33
CA LYS B 650 60.89 -32.59 16.43
C LYS B 650 59.44 -32.56 16.86
N TYR B 651 59.09 -31.63 17.74
CA TYR B 651 57.71 -31.42 18.17
C TYR B 651 57.12 -30.13 17.63
N ILE B 652 57.89 -29.36 16.86
CA ILE B 652 57.41 -28.10 16.31
C ILE B 652 56.36 -28.34 15.23
N GLY B 653 56.50 -29.43 14.47
CA GLY B 653 55.45 -29.78 13.51
C GLY B 653 54.18 -30.25 14.18
N MET B 654 54.31 -31.00 15.28
CA MET B 654 53.15 -31.39 16.07
C MET B 654 52.50 -30.18 16.72
N SER B 655 53.27 -29.12 16.98
CA SER B 655 52.69 -27.87 17.43
C SER B 655 51.98 -27.15 16.30
N VAL B 656 52.58 -27.12 15.10
CA VAL B 656 52.02 -26.28 14.05
C VAL B 656 50.76 -26.89 13.47
N TYR B 657 50.64 -28.22 13.50
CA TYR B 657 49.37 -28.82 13.08
C TYR B 657 48.27 -28.52 14.08
N ASN B 658 48.56 -28.70 15.37
CA ASN B 658 47.61 -28.50 16.45
C ASN B 658 47.36 -27.04 16.78
N VAL B 659 48.03 -26.09 16.11
CA VAL B 659 47.57 -24.71 16.11
C VAL B 659 46.98 -24.29 14.77
N GLY B 660 47.36 -24.94 13.66
CA GLY B 660 46.79 -24.58 12.38
C GLY B 660 45.36 -25.05 12.25
N ILE B 661 44.99 -26.12 12.95
CA ILE B 661 43.57 -26.48 12.93
C ILE B 661 42.76 -25.53 13.82
N MET B 662 43.32 -25.10 14.95
CA MET B 662 42.54 -24.30 15.88
C MET B 662 42.39 -22.86 15.42
N CYS B 663 43.37 -22.32 14.68
CA CYS B 663 43.21 -20.93 14.21
C CYS B 663 42.10 -20.84 13.17
N ILE B 664 42.02 -21.82 12.27
CA ILE B 664 40.94 -21.79 11.29
C ILE B 664 39.60 -22.18 11.92
N ILE B 665 39.60 -22.99 12.98
CA ILE B 665 38.30 -23.26 13.60
C ILE B 665 37.85 -22.06 14.43
N GLY B 666 38.78 -21.27 14.95
CA GLY B 666 38.41 -20.06 15.65
C GLY B 666 37.88 -19.00 14.70
N ALA B 667 38.52 -18.86 13.53
CA ALA B 667 38.03 -17.95 12.51
C ALA B 667 36.67 -18.38 11.97
N ALA B 668 36.47 -19.69 11.83
CA ALA B 668 35.20 -20.21 11.31
C ALA B 668 34.06 -20.00 12.30
N VAL B 669 34.32 -20.24 13.59
CA VAL B 669 33.25 -20.02 14.57
C VAL B 669 33.05 -18.53 14.79
N SER B 670 34.09 -17.71 14.60
CA SER B 670 33.95 -16.26 14.76
C SER B 670 33.10 -15.66 13.65
N PHE B 671 33.30 -16.09 12.40
CA PHE B 671 32.46 -15.57 11.33
C PHE B 671 31.06 -16.18 11.37
N LEU B 672 30.89 -17.35 11.97
CA LEU B 672 29.59 -17.97 12.12
C LEU B 672 28.89 -17.60 13.41
N THR B 673 29.15 -16.40 13.93
CA THR B 673 28.59 -15.93 15.18
C THR B 673 28.43 -14.42 15.09
N ARG B 674 28.36 -13.78 16.27
CA ARG B 674 27.95 -12.41 16.59
C ARG B 674 26.43 -12.31 16.52
N ASP B 675 25.76 -13.47 16.35
CA ASP B 675 24.34 -13.55 16.69
C ASP B 675 24.15 -13.50 18.19
N GLN B 676 25.09 -14.09 18.95
CA GLN B 676 25.15 -13.93 20.39
C GLN B 676 26.57 -13.49 20.72
N PRO B 677 26.78 -12.28 21.22
CA PRO B 677 28.14 -11.78 21.45
C PRO B 677 28.82 -12.32 22.70
N ASN B 678 28.28 -13.36 23.32
CA ASN B 678 28.90 -14.00 24.47
C ASN B 678 29.62 -15.29 24.11
N VAL B 679 28.96 -16.14 23.32
CA VAL B 679 29.52 -17.45 22.98
C VAL B 679 30.73 -17.28 22.06
N GLN B 680 30.68 -16.29 21.17
CA GLN B 680 31.80 -16.03 20.28
C GLN B 680 33.01 -15.54 21.04
N PHE B 681 32.80 -14.68 22.04
CA PHE B 681 33.93 -14.14 22.77
C PHE B 681 34.55 -15.18 23.69
N CYS B 682 33.73 -16.00 24.35
CA CYS B 682 34.34 -17.02 25.20
C CYS B 682 35.01 -18.12 24.37
N ILE B 683 34.50 -18.40 23.16
CA ILE B 683 35.17 -19.43 22.38
C ILE B 683 36.44 -18.89 21.71
N VAL B 684 36.51 -17.61 21.36
CA VAL B 684 37.79 -17.12 20.84
C VAL B 684 38.79 -16.94 21.97
N ALA B 685 38.32 -16.66 23.20
CA ALA B 685 39.23 -16.65 24.34
C ALA B 685 39.72 -18.04 24.65
N LEU B 686 38.85 -19.05 24.49
CA LEU B 686 39.25 -20.43 24.71
C LEU B 686 40.29 -20.90 23.72
N VAL B 687 40.10 -20.58 22.44
CA VAL B 687 41.09 -21.02 21.47
C VAL B 687 42.37 -20.19 21.56
N ILE B 688 42.28 -18.93 22.04
CA ILE B 688 43.49 -18.13 22.17
C ILE B 688 44.33 -18.62 23.34
N ILE B 689 43.69 -18.90 24.48
CA ILE B 689 44.43 -19.49 25.59
C ILE B 689 44.76 -20.95 25.36
N PHE B 690 44.18 -21.57 24.33
CA PHE B 690 44.69 -22.87 23.90
C PHE B 690 46.01 -22.70 23.16
N CYS B 691 45.99 -21.96 22.04
CA CYS B 691 47.14 -21.91 21.14
C CYS B 691 48.32 -21.17 21.76
N SER B 692 48.09 -19.98 22.32
CA SER B 692 49.19 -19.08 22.70
C SER B 692 50.03 -19.62 23.85
N THR B 693 49.53 -20.61 24.60
CA THR B 693 50.37 -21.33 25.52
C THR B 693 50.64 -22.77 25.13
N ILE B 694 49.88 -23.35 24.18
CA ILE B 694 50.19 -24.71 23.80
C ILE B 694 51.42 -24.75 22.91
N THR B 695 51.74 -23.64 22.22
CA THR B 695 53.01 -23.55 21.52
C THR B 695 54.17 -23.59 22.50
N LEU B 696 54.10 -22.79 23.57
CA LEU B 696 55.18 -22.76 24.56
C LEU B 696 55.24 -24.08 25.34
N CYS B 697 54.07 -24.68 25.61
CA CYS B 697 54.02 -25.92 26.36
C CYS B 697 54.59 -27.08 25.55
N LEU B 698 54.24 -27.20 24.28
CA LEU B 698 54.79 -28.28 23.49
C LEU B 698 56.17 -27.97 22.95
N VAL B 699 56.67 -26.73 23.09
CA VAL B 699 58.06 -26.48 22.76
C VAL B 699 58.97 -26.65 23.98
N PHE B 700 58.42 -26.66 25.19
CA PHE B 700 59.26 -26.79 26.38
C PHE B 700 58.97 -27.99 27.28
N VAL B 701 57.89 -28.72 27.08
CA VAL B 701 57.49 -29.76 28.04
C VAL B 701 58.37 -31.00 28.03
N PRO B 702 59.13 -31.41 26.94
CA PRO B 702 60.20 -32.38 27.21
C PRO B 702 61.54 -31.71 27.49
N LYS B 703 61.66 -30.43 27.14
CA LYS B 703 62.91 -29.67 27.21
C LYS B 703 63.43 -29.55 28.63
N LEU B 704 62.68 -28.88 29.50
CA LEU B 704 63.10 -28.77 30.89
C LEU B 704 62.93 -30.06 31.67
N ILE B 705 62.11 -31.00 31.18
CA ILE B 705 61.98 -32.30 31.83
C ILE B 705 63.25 -33.11 31.64
N THR B 706 63.87 -33.02 30.46
CA THR B 706 65.15 -33.68 30.22
C THR B 706 66.34 -32.86 30.73
N LEU B 707 66.20 -31.54 30.82
CA LEU B 707 67.22 -30.70 31.42
C LEU B 707 67.15 -30.67 32.94
N ARG B 708 66.14 -31.30 33.55
CA ARG B 708 65.99 -31.37 35.00
C ARG B 708 65.75 -32.79 35.44
N THR B 709 66.55 -33.73 34.91
CA THR B 709 66.41 -35.14 35.27
C THR B 709 67.01 -35.42 36.64
C1 NAG C . -46.31 23.50 -42.38
C2 NAG C . -47.57 23.15 -43.16
C3 NAG C . -47.36 23.45 -44.65
C4 NAG C . -46.81 24.86 -44.86
C5 NAG C . -45.68 25.19 -43.89
C6 NAG C . -45.26 26.64 -43.93
C7 NAG C . -48.91 21.37 -42.14
C8 NAG C . -49.16 19.90 -42.06
N2 NAG C . -47.94 21.76 -42.97
O3 NAG C . -48.61 23.29 -45.30
O4 NAG C . -46.17 25.00 -46.12
O5 NAG C . -46.03 24.87 -42.53
O6 NAG C . -44.80 26.95 -45.24
O7 NAG C . -49.55 22.18 -41.47
C1 NAG C . -46.76 24.89 -47.45
C2 NAG C . -46.05 23.70 -48.10
C3 NAG C . -46.55 23.51 -49.53
C4 NAG C . -48.07 23.37 -49.55
C5 NAG C . -48.72 24.56 -48.85
C6 NAG C . -50.21 24.43 -48.74
C7 NAG C . -43.81 23.37 -47.13
C8 NAG C . -42.34 23.65 -47.27
N2 NAG C . -44.60 23.88 -48.09
O3 NAG C . -45.94 22.35 -50.10
O4 NAG C . -48.54 23.31 -50.90
O5 NAG C . -48.21 24.69 -47.51
O6 NAG C . -50.82 24.31 -50.02
O7 NAG C . -44.27 22.73 -46.18
C1 FUC C . -44.58 28.36 -45.42
C2 FUC C . -43.70 28.48 -46.66
C3 FUC C . -44.44 27.88 -47.86
C4 FUC C . -45.80 28.60 -48.09
C5 FUC C . -46.61 28.68 -46.76
C6 FUC C . -47.75 29.69 -46.84
O2 FUC C . -42.45 27.84 -46.48
O3 FUC C . -43.67 28.03 -49.05
O4 FUC C . -45.58 29.89 -48.61
O5 FUC C . -45.80 29.06 -45.61
C1 NAG D . -55.78 12.19 -32.29
C2 NAG D . -55.02 11.64 -33.49
C3 NAG D . -55.98 11.43 -34.65
C4 NAG D . -57.17 10.57 -34.25
C5 NAG D . -57.83 11.15 -33.00
C6 NAG D . -58.92 10.25 -32.44
C7 NAG D . -52.66 12.14 -34.02
C8 NAG D . -52.37 10.68 -33.77
N2 NAG D . -53.93 12.52 -33.86
O3 NAG D . -55.26 10.81 -35.72
O4 NAG D . -58.15 10.58 -35.28
O5 NAG D . -56.86 11.31 -31.95
O6 NAG D . -59.38 10.74 -31.18
O7 NAG D . -51.78 12.92 -34.34
C1 NAG D . -58.19 9.39 -36.09
C2 NAG D . -58.54 9.85 -37.52
C3 NAG D . -58.49 8.67 -38.50
C4 NAG D . -57.17 7.92 -38.38
C5 NAG D . -56.94 7.50 -36.94
C6 NAG D . -55.61 6.81 -36.72
C7 NAG D . -60.05 11.78 -37.38
C8 NAG D . -61.48 12.24 -37.44
N2 NAG D . -59.85 10.47 -37.55
O3 NAG D . -58.64 9.16 -39.82
O4 NAG D . -57.19 6.76 -39.20
O5 NAG D . -56.95 8.67 -36.10
O6 NAG D . -55.55 5.60 -37.46
O7 NAG D . -59.13 12.56 -37.17
C1 NAG E . -43.86 -0.57 -21.31
C2 NAG E . -42.40 -0.66 -20.81
C3 NAG E . -41.97 -2.12 -20.63
C4 NAG E . -42.97 -2.85 -19.74
C5 NAG E . -44.38 -2.72 -20.30
C6 NAG E . -45.44 -3.34 -19.42
C7 NAG E . -41.19 -0.15 -22.96
C8 NAG E . -40.19 0.76 -23.58
N2 NAG E . -41.47 0.07 -21.67
O3 NAG E . -40.67 -2.16 -20.06
O4 NAG E . -42.59 -4.22 -19.53
O5 NAG E . -44.72 -1.33 -20.43
O6 NAG E . -45.70 -4.69 -19.82
O7 NAG E . -41.74 -1.05 -23.62
C1 NAG E . -42.44 -5.04 -20.70
C2 NAG E . -41.24 -5.98 -20.52
C3 NAG E . -41.12 -6.95 -21.71
C4 NAG E . -42.45 -7.65 -21.98
C5 NAG E . -43.56 -6.62 -22.14
C6 NAG E . -44.93 -7.23 -22.31
C7 NAG E . -38.96 -5.70 -19.65
C8 NAG E . -37.77 -4.79 -19.57
N2 NAG E . -40.01 -5.24 -20.34
O3 NAG E . -40.11 -7.92 -21.45
O4 NAG E . -42.35 -8.43 -23.16
O5 NAG E . -43.62 -5.81 -20.96
O6 NAG E . -45.96 -6.29 -22.03
O7 NAG E . -38.96 -6.80 -19.11
C1 NAG F . -31.52 33.55 20.70
C2 NAG F . -31.63 34.75 21.64
C3 NAG F . -30.25 35.33 21.94
C4 NAG F . -29.34 34.24 22.50
C5 NAG F . -29.26 33.10 21.50
C6 NAG F . -28.42 31.93 21.98
C7 NAG F . -33.74 35.99 21.53
C8 NAG F . -34.50 37.08 20.84
N2 NAG F . -32.49 35.78 21.08
O3 NAG F . -30.40 36.39 22.87
O4 NAG F . -28.04 34.77 22.76
O5 NAG F . -30.58 32.60 21.26
O6 NAG F . -28.66 31.67 23.35
O7 NAG F . -34.22 35.35 22.44
C1 NAG F . -27.85 34.82 24.19
C2 NAG F . -26.36 35.07 24.48
C3 NAG F . -26.15 35.22 25.99
C4 NAG F . -27.08 36.28 26.57
C5 NAG F . -28.53 35.95 26.21
C6 NAG F . -29.51 37.00 26.67
C7 NAG F . -24.31 34.17 23.49
C8 NAG F . -23.62 32.95 22.99
N2 NAG F . -25.55 33.99 23.96
O3 NAG F . -24.80 35.59 26.24
O4 NAG F . -26.95 36.31 27.99
O5 NAG F . -28.64 35.86 24.78
O6 NAG F . -30.84 36.65 26.31
O7 NAG F . -23.77 35.28 23.48
C1 NAG G . -0.14 32.14 -7.41
C2 NAG G . 1.00 33.09 -7.02
C3 NAG G . 0.71 33.74 -5.66
C4 NAG G . -0.66 34.41 -5.65
C5 NAG G . -1.73 33.39 -6.03
C6 NAG G . -3.11 33.98 -6.12
C7 NAG G . 3.41 32.87 -7.54
C8 NAG G . 3.33 34.19 -8.24
N2 NAG G . 2.28 32.40 -6.99
O3 NAG G . 1.72 34.70 -5.37
O4 NAG G . -0.94 34.93 -4.36
O5 NAG G . -1.43 32.83 -7.33
O6 NAG G . -4.09 32.96 -6.33
O7 NAG G . 4.46 32.23 -7.48
C1 NAG H . -13.65 8.42 43.42
C2 NAG H . -12.62 8.59 44.54
C3 NAG H . -13.18 9.49 45.63
C4 NAG H . -13.68 10.80 45.06
C5 NAG H . -14.67 10.54 43.93
C6 NAG H . -15.12 11.81 43.24
C7 NAG H . -11.12 6.65 44.68
C8 NAG H . -10.86 5.34 45.34
N2 NAG H . -12.22 7.30 45.07
O3 NAG H . -12.17 9.73 46.61
O4 NAG H . -14.32 11.57 46.08
O5 NAG H . -14.06 9.71 42.93
O6 NAG H . -15.23 12.88 44.15
O7 NAG H . -10.38 7.10 43.81
#